data_3UBM
#
_entry.id   3UBM
#
_cell.length_a   98.164
_cell.length_b   121.612
_cell.length_c   161.377
_cell.angle_alpha   90.000
_cell.angle_beta   90.000
_cell.angle_gamma   90.000
#
_symmetry.space_group_name_H-M   'P 21 21 21'
#
loop_
_entity.id
_entity.type
_entity.pdbx_description
1 polymer 'Formyl-CoA:oxalate CoA-transferase'
2 non-polymer 'COENZYME A'
3 water water
#
_entity_poly.entity_id   1
_entity_poly.type   'polypeptide(L)'
_entity_poly.pdbx_seq_one_letter_code
;MGSSHHHHHHSSGLVPRGSHMGTTSENSKPLDGIKVIDFGGVQSVPSAAQLLAWYGADVIKIERVGVGDITRNQLRDIPD
ADALYFTMLNCNKRSVELNTKTPEGKAVFEKCIKWADILLENFRPGAMERMGFTWEYLQQLNPRLIYGTVKGFGENSPWA
GVSAYENVAQCAGGATSTTGYWNGAPLVDGQAPGNNNGPLVSAAALGDSNTGNHLLIGVLAALFGRERTGKGQKISVSMQ
DAVLNLCRVKLRDQQRLERVGYLEEYPQYPNGKFGDTVPRGGNAGGGGQPGWILKCKGWETDDNAYIYCTVQEQDWGPTC
EAIGKPEWATDPKYNTAKARETHMFEIFAAIEKAIADKTKYEAVAHLAKYRVPCSPVLSMKEIAEAPDLRESGTIVEVQQ
PKRGTFLTINPIKFSGFTPEIKAAPLLGQHTDEVLAELGYSAEEIKSLRDKKITCA
;
_entity_poly.pdbx_strand_id   A,B,C,D
#
loop_
_chem_comp.id
_chem_comp.type
_chem_comp.name
_chem_comp.formula
COA non-polymer 'COENZYME A' 'C21 H36 N7 O16 P3 S'
#
# COMPACT_ATOMS: atom_id res chain seq x y z
N LYS A 29 -13.75 19.68 -36.67
CA LYS A 29 -12.97 18.67 -35.95
C LYS A 29 -13.83 17.91 -34.93
N PRO A 30 -13.71 16.58 -34.91
CA PRO A 30 -14.67 15.73 -34.18
C PRO A 30 -14.72 15.92 -32.65
N LEU A 31 -13.65 16.44 -32.06
CA LEU A 31 -13.59 16.60 -30.60
C LEU A 31 -13.67 18.07 -30.22
N ASP A 32 -14.03 18.89 -31.21
CA ASP A 32 -14.20 20.30 -30.94
C ASP A 32 -15.16 20.50 -29.76
N GLY A 33 -14.82 21.41 -28.86
CA GLY A 33 -15.63 21.66 -27.69
C GLY A 33 -15.50 20.67 -26.54
N ILE A 34 -14.72 19.61 -26.74
CA ILE A 34 -14.55 18.63 -25.67
C ILE A 34 -13.40 19.07 -24.77
N LYS A 35 -13.63 19.05 -23.46
CA LYS A 35 -12.65 19.57 -22.52
C LYS A 35 -11.87 18.46 -21.82
N VAL A 36 -10.54 18.53 -21.88
CA VAL A 36 -9.69 17.43 -21.41
C VAL A 36 -8.59 17.90 -20.45
N ILE A 37 -8.43 17.18 -19.34
CA ILE A 37 -7.29 17.39 -18.45
C ILE A 37 -6.23 16.30 -18.62
N ASP A 38 -5.01 16.72 -18.93
CA ASP A 38 -3.86 15.84 -18.93
C ASP A 38 -3.23 15.98 -17.55
N PHE A 39 -3.50 15.02 -16.67
CA PHE A 39 -2.89 14.98 -15.34
C PHE A 39 -1.98 13.77 -15.24
N GLY A 40 -1.02 13.70 -16.14
CA GLY A 40 -0.12 12.56 -16.20
C GLY A 40 1.30 12.99 -16.51
N GLY A 41 2.15 12.02 -16.83
CA GLY A 41 3.51 12.31 -17.22
C GLY A 41 4.02 11.20 -18.12
N VAL A 42 5.23 11.39 -18.65
CA VAL A 42 5.85 10.42 -19.55
C VAL A 42 5.03 10.27 -20.83
N GLN A 43 4.70 9.04 -21.21
CA GLN A 43 4.06 8.82 -22.51
C GLN A 43 2.57 8.48 -22.54
N SER A 44 2.14 7.49 -21.76
CA SER A 44 0.79 6.92 -21.96
C SER A 44 -0.30 7.98 -21.99
N VAL A 45 -0.51 8.67 -20.87
CA VAL A 45 -1.54 9.68 -20.80
C VAL A 45 -1.26 10.91 -21.69
N PRO A 46 -0.06 11.48 -21.61
CA PRO A 46 0.21 12.63 -22.50
C PRO A 46 0.05 12.34 -23.99
N SER A 47 0.46 11.17 -24.48
CA SER A 47 0.28 10.88 -25.91
C SER A 47 -1.22 10.82 -26.25
N ALA A 48 -2.01 10.13 -25.45
CA ALA A 48 -3.46 10.09 -25.63
C ALA A 48 -4.06 11.49 -25.66
N ALA A 49 -3.63 12.32 -24.72
CA ALA A 49 -4.13 13.69 -24.61
C ALA A 49 -3.72 14.55 -25.82
N GLN A 50 -2.54 14.29 -26.35
CA GLN A 50 -2.05 15.03 -27.51
C GLN A 50 -2.92 14.69 -28.71
N LEU A 51 -3.15 13.39 -28.95
CA LEU A 51 -4.07 13.01 -30.03
C LEU A 51 -5.42 13.72 -29.88
N LEU A 52 -5.95 13.75 -28.66
CA LEU A 52 -7.24 14.40 -28.39
C LEU A 52 -7.22 15.87 -28.77
N ALA A 53 -6.18 16.58 -28.34
CA ALA A 53 -6.02 17.97 -28.77
C ALA A 53 -5.96 18.07 -30.30
N TRP A 54 -5.27 17.15 -30.97
CA TRP A 54 -5.17 17.22 -32.43
C TRP A 54 -6.52 17.05 -33.10
N TYR A 55 -7.40 16.29 -32.47
CA TYR A 55 -8.71 16.01 -33.05
C TYR A 55 -9.71 17.08 -32.63
N GLY A 56 -9.20 18.14 -31.98
CA GLY A 56 -10.00 19.30 -31.67
C GLY A 56 -10.29 19.60 -30.21
N ALA A 57 -9.89 18.70 -29.31
CA ALA A 57 -10.18 18.88 -27.89
C ALA A 57 -9.44 20.08 -27.29
N ASP A 58 -10.04 20.65 -26.25
CA ASP A 58 -9.43 21.75 -25.49
C ASP A 58 -8.68 21.11 -24.32
N VAL A 59 -7.37 20.93 -24.48
CA VAL A 59 -6.62 20.15 -23.50
C VAL A 59 -5.77 21.01 -22.57
N ILE A 60 -6.01 20.90 -21.27
CA ILE A 60 -5.12 21.52 -20.33
C ILE A 60 -4.29 20.47 -19.59
N LYS A 61 -3.04 20.80 -19.35
CA LYS A 61 -2.10 19.89 -18.74
C LYS A 61 -1.74 20.47 -17.38
N ILE A 62 -2.19 19.81 -16.32
CA ILE A 62 -1.88 20.21 -14.97
C ILE A 62 -0.58 19.54 -14.51
N GLU A 63 0.41 20.37 -14.20
CA GLU A 63 1.77 19.94 -13.96
C GLU A 63 2.24 20.47 -12.63
N ARG A 64 3.12 19.71 -11.99
CA ARG A 64 3.59 20.10 -10.67
C ARG A 64 4.48 21.33 -10.79
N VAL A 65 4.50 22.17 -9.78
CA VAL A 65 5.22 23.43 -9.88
C VAL A 65 6.72 23.22 -10.10
N GLY A 66 7.34 24.11 -10.88
CA GLY A 66 8.79 24.18 -10.98
C GLY A 66 9.40 23.29 -12.04
N VAL A 67 9.03 22.02 -12.03
CA VAL A 67 9.64 21.05 -12.93
C VAL A 67 8.65 20.51 -13.96
N GLY A 68 7.38 20.46 -13.58
CA GLY A 68 6.34 19.99 -14.50
C GLY A 68 6.55 18.53 -14.82
N ASP A 69 5.89 18.06 -15.88
CA ASP A 69 6.05 16.70 -16.39
C ASP A 69 7.53 16.34 -16.41
N ILE A 70 7.87 15.17 -15.89
CA ILE A 70 9.25 14.68 -15.91
C ILE A 70 9.90 14.77 -17.30
N THR A 71 9.11 14.66 -18.37
CA THR A 71 9.68 14.68 -19.72
C THR A 71 10.32 16.03 -20.09
N ARG A 72 9.97 17.10 -19.38
CA ARG A 72 10.50 18.42 -19.70
C ARG A 72 12.01 18.52 -19.49
N ASN A 73 12.49 17.82 -18.47
CA ASN A 73 13.90 17.93 -18.08
C ASN A 73 14.71 16.67 -18.37
N GLN A 74 14.13 15.73 -19.09
CA GLN A 74 14.81 14.46 -19.36
C GLN A 74 15.56 14.44 -20.69
N LEU A 75 16.89 14.39 -20.61
CA LEU A 75 17.75 14.33 -21.79
C LEU A 75 17.53 15.54 -22.71
N ARG A 76 17.53 16.74 -22.13
CA ARG A 76 17.48 17.95 -22.93
C ARG A 76 18.66 18.01 -23.88
N ASP A 77 18.39 18.35 -25.13
CA ASP A 77 19.46 18.53 -26.13
C ASP A 77 19.81 20.02 -26.27
N ILE A 78 18.89 20.87 -25.83
CA ILE A 78 19.13 22.31 -25.74
C ILE A 78 18.92 22.69 -24.28
N PRO A 79 19.99 23.17 -23.62
CA PRO A 79 20.01 23.32 -22.15
C PRO A 79 18.83 24.08 -21.56
N ASP A 80 18.48 25.24 -22.13
CA ASP A 80 17.41 26.04 -21.54
C ASP A 80 16.10 25.92 -22.30
N ALA A 81 15.94 24.83 -23.04
CA ALA A 81 14.68 24.53 -23.72
C ALA A 81 14.12 23.21 -23.23
N ASP A 82 12.79 23.10 -23.19
CA ASP A 82 12.17 21.83 -22.87
C ASP A 82 12.71 20.72 -23.77
N ALA A 83 12.87 19.54 -23.18
CA ALA A 83 13.40 18.39 -23.89
C ALA A 83 12.44 17.96 -24.98
N LEU A 84 12.97 17.28 -25.99
CA LEU A 84 12.16 16.79 -27.11
C LEU A 84 11.18 15.73 -26.63
N TYR A 85 11.56 14.99 -25.59
CA TYR A 85 10.65 14.00 -25.02
C TYR A 85 9.30 14.69 -24.75
N PHE A 86 9.38 15.84 -24.12
CA PHE A 86 8.18 16.60 -23.78
C PHE A 86 7.49 17.19 -25.02
N THR A 87 8.26 17.86 -25.89
CA THR A 87 7.63 18.61 -26.98
C THR A 87 6.89 17.67 -27.95
N MET A 88 7.43 16.47 -28.14
CA MET A 88 6.82 15.48 -29.04
C MET A 88 5.60 14.79 -28.44
N LEU A 89 5.31 15.09 -27.18
CA LEU A 89 4.15 14.50 -26.51
C LEU A 89 3.14 15.54 -26.02
N ASN A 90 3.44 16.81 -26.17
CA ASN A 90 2.54 17.81 -25.59
C ASN A 90 2.18 19.00 -26.48
N CYS A 91 2.27 18.84 -27.80
CA CYS A 91 1.76 19.87 -28.70
C CYS A 91 0.29 20.18 -28.49
N ASN A 92 -0.08 21.44 -28.74
CA ASN A 92 -1.49 21.86 -28.72
C ASN A 92 -2.15 21.77 -27.35
N LYS A 93 -1.34 21.72 -26.29
CA LYS A 93 -1.87 21.78 -24.94
C LYS A 93 -1.54 23.12 -24.27
N ARG A 94 -2.35 23.47 -23.27
CA ARG A 94 -2.05 24.61 -22.40
C ARG A 94 -1.55 24.11 -21.04
N SER A 95 -0.49 24.73 -20.54
CA SER A 95 0.11 24.28 -19.29
C SER A 95 -0.40 25.07 -18.09
N VAL A 96 -0.91 24.34 -17.11
CA VAL A 96 -1.28 24.91 -15.81
C VAL A 96 -0.33 24.35 -14.75
N GLU A 97 0.45 25.24 -14.12
CA GLU A 97 1.35 24.89 -13.02
C GLU A 97 0.53 24.93 -11.72
N LEU A 98 0.55 23.84 -10.95
CA LEU A 98 -0.39 23.73 -9.82
C LEU A 98 0.06 22.72 -8.77
N ASN A 99 0.14 23.16 -7.52
CA ASN A 99 0.53 22.21 -6.47
C ASN A 99 -0.71 21.54 -5.89
N THR A 100 -1.00 20.34 -6.36
CA THR A 100 -2.25 19.68 -6.00
C THR A 100 -2.19 18.97 -4.64
N LYS A 101 -1.09 19.14 -3.92
CA LYS A 101 -1.02 18.66 -2.55
C LYS A 101 -1.36 19.74 -1.52
N THR A 102 -1.64 20.96 -1.98
CA THR A 102 -2.10 22.04 -1.09
C THR A 102 -3.61 22.20 -1.13
N PRO A 103 -4.21 22.67 -0.02
CA PRO A 103 -5.67 22.86 -0.07
C PRO A 103 -6.11 23.86 -1.15
N GLU A 104 -5.33 24.90 -1.42
CA GLU A 104 -5.66 25.81 -2.51
C GLU A 104 -5.56 25.12 -3.87
N GLY A 105 -4.50 24.35 -4.07
CA GLY A 105 -4.31 23.65 -5.32
C GLY A 105 -5.37 22.58 -5.54
N LYS A 106 -5.79 21.94 -4.45
CA LYS A 106 -6.86 20.95 -4.55
C LYS A 106 -8.14 21.59 -5.00
N ALA A 107 -8.45 22.75 -4.43
CA ALA A 107 -9.66 23.47 -4.78
C ALA A 107 -9.67 23.81 -6.26
N VAL A 108 -8.53 24.28 -6.76
CA VAL A 108 -8.38 24.57 -8.18
C VAL A 108 -8.62 23.30 -9.00
N PHE A 109 -7.96 22.20 -8.62
CA PHE A 109 -8.14 20.92 -9.31
C PHE A 109 -9.60 20.53 -9.43
N GLU A 110 -10.37 20.76 -8.37
CA GLU A 110 -11.79 20.37 -8.37
C GLU A 110 -12.59 21.16 -9.39
N LYS A 111 -12.28 22.45 -9.52
CA LYS A 111 -12.92 23.31 -10.52
C LYS A 111 -12.60 22.85 -11.93
N CYS A 112 -11.36 22.44 -12.13
CA CYS A 112 -10.93 21.91 -13.43
C CYS A 112 -11.72 20.64 -13.76
N ILE A 113 -11.87 19.78 -12.77
CA ILE A 113 -12.56 18.51 -12.93
C ILE A 113 -14.01 18.73 -13.32
N LYS A 114 -14.64 19.76 -12.74
CA LYS A 114 -16.01 20.08 -13.07
C LYS A 114 -16.11 20.69 -14.46
N TRP A 115 -15.06 21.37 -14.88
CA TRP A 115 -14.99 21.95 -16.23
C TRP A 115 -14.80 20.85 -17.27
N ALA A 116 -14.12 19.79 -16.88
CA ALA A 116 -13.63 18.78 -17.84
C ALA A 116 -14.69 17.78 -18.31
N ASP A 117 -14.55 17.35 -19.56
CA ASP A 117 -15.27 16.17 -20.04
C ASP A 117 -14.44 14.92 -19.75
N ILE A 118 -13.12 15.07 -19.78
CA ILE A 118 -12.21 13.93 -19.68
C ILE A 118 -11.04 14.26 -18.76
N LEU A 119 -10.71 13.35 -17.85
CA LEU A 119 -9.56 13.49 -16.97
C LEU A 119 -8.70 12.25 -17.18
N LEU A 120 -7.42 12.44 -17.53
CA LEU A 120 -6.51 11.33 -17.73
C LEU A 120 -5.38 11.38 -16.68
N GLU A 121 -5.07 10.22 -16.11
CA GLU A 121 -4.13 10.14 -15.00
C GLU A 121 -3.29 8.87 -15.09
N ASN A 122 -1.99 8.98 -14.87
CA ASN A 122 -1.11 7.81 -14.81
C ASN A 122 -0.02 7.94 -13.73
N PHE A 123 -0.38 8.52 -12.59
CA PHE A 123 0.56 8.60 -11.47
C PHE A 123 0.61 7.28 -10.71
N ARG A 124 1.50 7.17 -9.73
CA ARG A 124 1.74 5.88 -9.08
C ARG A 124 0.48 5.41 -8.34
N PRO A 125 0.37 4.10 -8.10
CA PRO A 125 -0.85 3.59 -7.43
C PRO A 125 -1.19 4.33 -6.14
N GLY A 126 -2.48 4.59 -5.92
CA GLY A 126 -2.94 5.27 -4.73
C GLY A 126 -2.73 6.78 -4.70
N ALA A 127 -2.08 7.34 -5.72
CA ALA A 127 -1.74 8.76 -5.68
C ALA A 127 -2.96 9.67 -5.74
N MET A 128 -3.88 9.40 -6.67
CA MET A 128 -5.13 10.17 -6.75
C MET A 128 -5.94 10.05 -5.44
N GLU A 129 -6.03 8.84 -4.93
CA GLU A 129 -6.74 8.56 -3.69
C GLU A 129 -6.14 9.32 -2.49
N ARG A 130 -4.81 9.36 -2.38
CA ARG A 130 -4.17 10.10 -1.29
C ARG A 130 -4.52 11.58 -1.31
N MET A 131 -4.79 12.11 -2.49
CA MET A 131 -5.25 13.49 -2.57
C MET A 131 -6.73 13.64 -2.19
N GLY A 132 -7.42 12.51 -2.05
CA GLY A 132 -8.85 12.54 -1.77
C GLY A 132 -9.69 12.35 -3.02
N PHE A 133 -9.03 12.25 -4.16
CA PHE A 133 -9.74 12.10 -5.42
C PHE A 133 -9.92 10.64 -5.81
N THR A 134 -10.73 9.93 -5.04
CA THR A 134 -11.16 8.60 -5.40
C THR A 134 -12.13 8.69 -6.59
N TRP A 135 -12.28 7.58 -7.30
CA TRP A 135 -13.29 7.50 -8.35
C TRP A 135 -14.67 7.83 -7.79
N GLU A 136 -14.98 7.29 -6.60
CA GLU A 136 -16.28 7.53 -5.98
C GLU A 136 -16.53 9.02 -5.78
N TYR A 137 -15.48 9.76 -5.45
CA TYR A 137 -15.61 11.20 -5.28
C TYR A 137 -15.71 11.92 -6.63
N LEU A 138 -14.84 11.56 -7.57
CA LEU A 138 -14.87 12.15 -8.92
C LEU A 138 -16.22 12.01 -9.60
N GLN A 139 -16.88 10.87 -9.42
CA GLN A 139 -18.21 10.67 -9.99
C GLN A 139 -19.21 11.68 -9.44
N GLN A 140 -19.00 12.10 -8.21
CA GLN A 140 -19.90 13.01 -7.54
C GLN A 140 -19.57 14.45 -7.89
N LEU A 141 -18.27 14.76 -8.01
CA LEU A 141 -17.85 16.08 -8.45
C LEU A 141 -18.39 16.38 -9.84
N ASN A 142 -18.29 15.39 -10.74
CA ASN A 142 -18.75 15.55 -12.11
C ASN A 142 -19.32 14.24 -12.64
N PRO A 143 -20.64 14.08 -12.56
CA PRO A 143 -21.27 12.83 -13.01
C PRO A 143 -21.06 12.55 -14.51
N ARG A 144 -20.63 13.55 -15.28
CA ARG A 144 -20.38 13.38 -16.71
C ARG A 144 -18.89 13.11 -17.01
N LEU A 145 -18.07 13.08 -15.96
CA LEU A 145 -16.64 12.92 -16.17
C LEU A 145 -16.30 11.52 -16.69
N ILE A 146 -15.55 11.47 -17.77
CA ILE A 146 -14.91 10.25 -18.24
C ILE A 146 -13.47 10.25 -17.73
N TYR A 147 -13.14 9.25 -16.91
CA TYR A 147 -11.88 9.22 -16.16
C TYR A 147 -11.03 8.07 -16.65
N GLY A 148 -9.91 8.38 -17.30
CA GLY A 148 -9.01 7.34 -17.79
C GLY A 148 -7.78 7.24 -16.91
N THR A 149 -7.53 6.05 -16.39
CA THR A 149 -6.44 5.81 -15.46
C THR A 149 -5.55 4.68 -15.93
N VAL A 150 -4.24 4.95 -16.03
CA VAL A 150 -3.25 3.93 -16.39
C VAL A 150 -2.39 3.49 -15.20
N LYS A 151 -2.18 2.19 -15.05
CA LYS A 151 -1.29 1.69 -14.01
C LYS A 151 -0.41 0.58 -14.59
N GLY A 152 0.66 0.23 -13.90
CA GLY A 152 1.51 -0.85 -14.39
C GLY A 152 0.82 -2.20 -14.47
N PHE A 153 -0.05 -2.46 -13.49
CA PHE A 153 -0.72 -3.75 -13.36
C PHE A 153 -2.15 -3.54 -12.85
N GLY A 154 -2.99 -4.55 -12.98
CA GLY A 154 -4.33 -4.51 -12.39
C GLY A 154 -4.25 -4.40 -10.87
N GLU A 155 -5.26 -3.82 -10.26
CA GLU A 155 -5.22 -3.55 -8.81
C GLU A 155 -5.01 -4.80 -7.94
N ASN A 156 -5.38 -5.97 -8.44
CA ASN A 156 -5.28 -7.19 -7.66
C ASN A 156 -4.18 -8.12 -8.13
N SER A 157 -3.22 -7.56 -8.87
CA SER A 157 -2.07 -8.29 -9.35
C SER A 157 -1.06 -8.47 -8.22
N PRO A 158 -0.38 -9.64 -8.18
CA PRO A 158 0.65 -9.77 -7.15
C PRO A 158 1.83 -8.82 -7.39
N TRP A 159 1.88 -8.22 -8.59
CA TRP A 159 2.97 -7.29 -8.92
C TRP A 159 2.54 -5.84 -8.72
N ALA A 160 1.42 -5.64 -8.02
CA ALA A 160 0.86 -4.29 -7.88
C ALA A 160 1.82 -3.31 -7.22
N GLY A 161 2.75 -3.85 -6.44
CA GLY A 161 3.70 -3.00 -5.74
C GLY A 161 4.82 -2.53 -6.65
N VAL A 162 5.11 -3.33 -7.67
CA VAL A 162 6.28 -3.11 -8.54
C VAL A 162 6.22 -1.80 -9.33
N SER A 163 7.33 -1.08 -9.34
CA SER A 163 7.46 0.16 -10.12
C SER A 163 7.23 -0.07 -11.61
N ALA A 164 6.22 0.60 -12.19
CA ALA A 164 5.80 0.29 -13.56
C ALA A 164 6.58 1.03 -14.65
N TYR A 165 7.81 0.59 -14.91
CA TYR A 165 8.62 1.14 -15.99
C TYR A 165 8.37 0.40 -17.32
N GLU A 166 8.68 1.06 -18.44
CA GLU A 166 8.46 0.46 -19.77
C GLU A 166 8.96 -0.99 -19.86
N ASN A 167 10.22 -1.22 -19.52
CA ASN A 167 10.79 -2.56 -19.63
C ASN A 167 10.14 -3.58 -18.69
N VAL A 168 9.68 -3.11 -17.54
CA VAL A 168 8.91 -3.92 -16.60
C VAL A 168 7.64 -4.44 -17.25
N ALA A 169 6.91 -3.53 -17.89
CA ALA A 169 5.68 -3.91 -18.58
C ALA A 169 5.94 -4.94 -19.67
N GLN A 170 7.00 -4.73 -20.45
CA GLN A 170 7.32 -5.64 -21.54
C GLN A 170 7.66 -7.01 -21.02
N CYS A 171 8.32 -7.05 -19.86
CA CYS A 171 8.68 -8.31 -19.20
C CYS A 171 7.46 -9.01 -18.59
N ALA A 172 6.50 -8.23 -18.10
CA ALA A 172 5.32 -8.81 -17.44
C ALA A 172 4.25 -9.24 -18.45
N GLY A 173 4.30 -8.64 -19.62
CA GLY A 173 3.22 -8.82 -20.59
C GLY A 173 3.44 -9.94 -21.59
N GLY A 174 4.62 -10.54 -21.54
CA GLY A 174 4.95 -11.64 -22.44
C GLY A 174 5.92 -11.28 -23.55
N ALA A 175 6.14 -9.98 -23.76
CA ALA A 175 6.93 -9.53 -24.90
C ALA A 175 8.40 -9.97 -24.82
N THR A 176 9.09 -9.63 -23.73
CA THR A 176 10.50 -10.00 -23.68
C THR A 176 10.71 -11.52 -23.75
N SER A 177 9.86 -12.29 -23.09
CA SER A 177 10.00 -13.75 -23.12
C SER A 177 10.00 -14.30 -24.54
N THR A 178 9.24 -13.66 -25.42
CA THR A 178 9.03 -14.22 -26.75
C THR A 178 9.71 -13.42 -27.85
N THR A 179 10.50 -12.43 -27.44
CA THR A 179 11.26 -11.61 -28.38
C THR A 179 12.74 -11.87 -28.21
N GLY A 180 13.44 -12.12 -29.32
CA GLY A 180 14.87 -12.38 -29.29
C GLY A 180 15.19 -13.69 -29.99
N TYR A 181 16.26 -14.35 -29.58
CA TYR A 181 16.62 -15.62 -30.20
C TYR A 181 16.42 -16.80 -29.25
N TRP A 182 16.26 -17.99 -29.82
CA TRP A 182 16.23 -19.22 -29.04
C TRP A 182 17.67 -19.64 -28.80
N ASN A 183 17.86 -20.60 -27.91
CA ASN A 183 19.16 -21.24 -27.69
C ASN A 183 19.25 -22.61 -28.36
N GLY A 184 20.42 -22.92 -28.90
CA GLY A 184 20.63 -24.23 -29.53
C GLY A 184 20.13 -24.34 -30.96
N ALA A 185 19.91 -25.58 -31.40
CA ALA A 185 19.56 -25.84 -32.79
C ALA A 185 18.18 -25.31 -33.13
N PRO A 186 18.02 -24.79 -34.35
CA PRO A 186 19.09 -24.65 -35.35
C PRO A 186 19.99 -23.43 -35.08
N LEU A 187 21.30 -23.60 -35.22
CA LEU A 187 22.24 -22.49 -35.03
C LEU A 187 22.19 -21.50 -36.19
N VAL A 188 22.07 -20.22 -35.89
CA VAL A 188 22.00 -19.20 -36.93
C VAL A 188 22.92 -18.06 -36.59
N ASP A 189 23.22 -17.23 -37.58
CA ASP A 189 24.27 -16.20 -37.47
C ASP A 189 24.11 -15.21 -36.29
N GLY A 190 22.88 -14.77 -36.05
CA GLY A 190 22.65 -13.70 -35.10
C GLY A 190 22.53 -14.14 -33.64
N GLN A 191 22.62 -15.44 -33.40
CA GLN A 191 22.57 -15.98 -32.03
C GLN A 191 23.77 -15.59 -31.18
N ALA A 192 23.50 -15.40 -29.89
CA ALA A 192 24.56 -15.42 -28.91
C ALA A 192 25.10 -16.85 -28.87
N PRO A 193 26.34 -17.02 -28.40
CA PRO A 193 26.93 -18.36 -28.23
C PRO A 193 26.33 -19.08 -27.03
N GLY A 194 26.17 -20.39 -27.12
CA GLY A 194 25.69 -21.18 -26.00
C GLY A 194 24.29 -20.77 -25.57
N ASN A 195 24.06 -20.69 -24.27
CA ASN A 195 22.69 -20.45 -23.80
C ASN A 195 22.44 -18.98 -23.45
N ASN A 196 23.22 -18.10 -24.07
CA ASN A 196 23.18 -16.69 -23.76
C ASN A 196 22.19 -15.92 -24.58
N ASN A 197 21.21 -16.63 -25.13
CA ASN A 197 20.14 -15.97 -25.85
C ASN A 197 18.93 -15.79 -24.93
N GLY A 198 18.76 -14.56 -24.45
CA GLY A 198 17.75 -14.28 -23.47
C GLY A 198 16.63 -13.39 -23.95
N PRO A 199 15.64 -13.13 -23.07
CA PRO A 199 14.55 -12.20 -23.35
C PRO A 199 15.11 -10.85 -23.82
N LEU A 200 14.38 -10.23 -24.73
CA LEU A 200 14.80 -8.97 -25.34
C LEU A 200 13.70 -7.91 -25.40
N VAL A 201 14.07 -6.69 -25.04
CA VAL A 201 13.18 -5.53 -25.08
C VAL A 201 12.98 -5.06 -26.51
N SER A 202 11.76 -4.63 -26.81
CA SER A 202 11.43 -4.06 -28.09
C SER A 202 11.60 -2.53 -28.08
N ALA A 203 12.09 -1.96 -29.18
CA ALA A 203 12.25 -0.52 -29.26
C ALA A 203 10.91 0.18 -29.16
N ALA A 204 9.85 -0.47 -29.65
CA ALA A 204 8.51 0.08 -29.60
C ALA A 204 8.10 0.27 -28.14
N ALA A 205 7.37 1.34 -27.88
CA ALA A 205 6.88 1.60 -26.53
C ALA A 205 5.64 0.76 -26.27
N LEU A 206 5.82 -0.54 -26.06
CA LEU A 206 4.73 -1.47 -25.78
C LEU A 206 4.06 -1.14 -24.46
N GLY A 207 4.88 -0.73 -23.49
CA GLY A 207 4.37 -0.45 -22.16
C GLY A 207 3.82 0.97 -22.02
N ASP A 208 4.35 1.93 -22.76
CA ASP A 208 3.98 3.34 -22.58
C ASP A 208 3.01 3.89 -23.66
N SER A 209 3.50 4.21 -24.86
CA SER A 209 2.61 4.71 -25.92
C SER A 209 1.46 3.76 -26.24
N ASN A 210 1.76 2.47 -26.30
CA ASN A 210 0.75 1.47 -26.62
C ASN A 210 -0.34 1.47 -25.58
N THR A 211 0.03 1.69 -24.33
CA THR A 211 -0.97 1.73 -23.27
C THR A 211 -1.88 2.95 -23.42
N GLY A 212 -1.31 4.06 -23.87
CA GLY A 212 -2.09 5.26 -24.08
C GLY A 212 -3.09 5.11 -25.22
N ASN A 213 -2.72 4.34 -26.24
CA ASN A 213 -3.67 4.02 -27.30
C ASN A 213 -4.88 3.25 -26.81
N HIS A 214 -4.62 2.22 -26.01
CA HIS A 214 -5.71 1.42 -25.42
C HIS A 214 -6.60 2.29 -24.56
N LEU A 215 -5.98 3.17 -23.78
CA LEU A 215 -6.68 4.11 -22.93
C LEU A 215 -7.59 4.99 -23.78
N LEU A 216 -7.04 5.46 -24.90
CA LEU A 216 -7.77 6.37 -25.78
C LEU A 216 -8.99 5.68 -26.38
N ILE A 217 -8.82 4.42 -26.79
CA ILE A 217 -9.94 3.63 -27.30
C ILE A 217 -11.11 3.60 -26.31
N GLY A 218 -10.82 3.24 -25.06
CA GLY A 218 -11.83 3.18 -24.03
C GLY A 218 -12.44 4.54 -23.75
N VAL A 219 -11.61 5.58 -23.75
CA VAL A 219 -12.10 6.92 -23.48
C VAL A 219 -13.04 7.40 -24.60
N LEU A 220 -12.67 7.16 -25.86
CA LEU A 220 -13.53 7.57 -26.97
C LEU A 220 -14.84 6.76 -27.02
N ALA A 221 -14.76 5.48 -26.63
CA ALA A 221 -15.97 4.65 -26.57
C ALA A 221 -16.93 5.17 -25.51
N ALA A 222 -16.41 5.50 -24.33
CA ALA A 222 -17.24 6.03 -23.26
C ALA A 222 -17.76 7.42 -23.58
N LEU A 223 -16.93 8.20 -24.26
CA LEU A 223 -17.36 9.52 -24.69
C LEU A 223 -18.59 9.39 -25.57
N PHE A 224 -18.60 8.37 -26.42
CA PHE A 224 -19.73 8.20 -27.32
C PHE A 224 -20.97 7.71 -26.58
N GLY A 225 -20.80 6.67 -25.78
CA GLY A 225 -21.91 6.15 -24.99
C GLY A 225 -22.55 7.19 -24.08
N ARG A 226 -21.74 8.15 -23.61
CA ARG A 226 -22.24 9.25 -22.79
C ARG A 226 -23.33 10.02 -23.54
N GLU A 227 -23.25 10.10 -24.86
CA GLU A 227 -24.27 10.78 -25.64
C GLU A 227 -25.67 10.20 -25.37
N ARG A 228 -25.75 8.88 -25.21
CA ARG A 228 -27.02 8.23 -24.91
C ARG A 228 -27.35 8.14 -23.42
N THR A 229 -26.34 7.91 -22.57
CA THR A 229 -26.61 7.70 -21.15
C THR A 229 -26.53 8.97 -20.32
N GLY A 230 -25.85 9.99 -20.83
CA GLY A 230 -25.67 11.22 -20.09
C GLY A 230 -24.72 11.12 -18.90
N LYS A 231 -24.06 9.99 -18.72
CA LYS A 231 -23.13 9.86 -17.59
C LYS A 231 -21.74 9.43 -18.02
N GLY A 232 -20.75 9.76 -17.21
CA GLY A 232 -19.38 9.37 -17.52
C GLY A 232 -19.11 7.97 -17.00
N GLN A 233 -17.86 7.57 -17.06
CA GLN A 233 -17.42 6.35 -16.40
C GLN A 233 -15.91 6.34 -16.31
N LYS A 234 -15.37 5.27 -15.75
CA LYS A 234 -13.94 5.16 -15.56
C LYS A 234 -13.41 4.09 -16.49
N ILE A 235 -12.35 4.43 -17.19
CA ILE A 235 -11.67 3.48 -18.06
C ILE A 235 -10.36 3.15 -17.39
N SER A 236 -10.09 1.86 -17.23
CA SER A 236 -8.85 1.43 -16.61
C SER A 236 -8.08 0.55 -17.57
N VAL A 237 -6.80 0.85 -17.74
CA VAL A 237 -5.92 -0.01 -18.52
C VAL A 237 -4.61 -0.25 -17.77
N SER A 238 -4.22 -1.50 -17.63
CA SER A 238 -2.89 -1.79 -17.09
C SER A 238 -1.84 -1.96 -18.19
N MET A 239 -0.62 -1.50 -17.92
CA MET A 239 0.47 -1.63 -18.89
C MET A 239 0.74 -3.10 -19.25
N GLN A 240 0.64 -3.97 -18.25
CA GLN A 240 0.82 -5.40 -18.48
C GLN A 240 -0.19 -5.95 -19.48
N ASP A 241 -1.43 -5.52 -19.33
CA ASP A 241 -2.53 -5.96 -20.19
C ASP A 241 -2.41 -5.42 -21.63
N ALA A 242 -1.97 -4.18 -21.78
CA ALA A 242 -1.79 -3.60 -23.10
C ALA A 242 -0.67 -4.29 -23.87
N VAL A 243 0.40 -4.66 -23.16
CA VAL A 243 1.48 -5.40 -23.76
C VAL A 243 0.97 -6.77 -24.21
N LEU A 244 0.36 -7.48 -23.27
CA LEU A 244 -0.25 -8.79 -23.55
C LEU A 244 -1.14 -8.72 -24.78
N ASN A 245 -2.00 -7.70 -24.86
CA ASN A 245 -2.86 -7.54 -26.03
C ASN A 245 -2.09 -7.52 -27.38
N LEU A 246 -0.96 -6.82 -27.43
CA LEU A 246 -0.16 -6.83 -28.66
C LEU A 246 0.50 -8.19 -28.90
N CYS A 247 0.59 -9.01 -27.86
CA CYS A 247 1.13 -10.36 -27.96
C CYS A 247 0.02 -11.42 -28.00
N ARG A 248 -1.14 -11.01 -28.51
CA ARG A 248 -2.27 -11.94 -28.66
C ARG A 248 -1.84 -13.19 -29.42
N VAL A 249 -1.07 -13.03 -30.49
CA VAL A 249 -0.64 -14.19 -31.28
C VAL A 249 0.22 -15.16 -30.47
N LYS A 250 0.96 -14.64 -29.48
CA LYS A 250 1.79 -15.50 -28.63
C LYS A 250 0.96 -16.29 -27.60
N LEU A 251 -0.19 -15.75 -27.21
CA LEU A 251 -1.09 -16.53 -26.36
C LEU A 251 -1.81 -17.59 -27.21
N ARG A 252 -2.07 -17.25 -28.47
CA ARG A 252 -2.50 -18.23 -29.46
C ARG A 252 -1.49 -19.38 -29.53
N ASP A 253 -0.21 -19.02 -29.67
CA ASP A 253 0.83 -20.02 -29.82
C ASP A 253 1.01 -20.88 -28.57
N GLN A 254 0.75 -20.30 -27.40
CA GLN A 254 0.85 -21.02 -26.14
C GLN A 254 -0.19 -22.15 -26.08
N GLN A 255 -1.41 -21.85 -26.52
CA GLN A 255 -2.47 -22.85 -26.57
C GLN A 255 -2.25 -23.93 -27.63
N ARG A 256 -1.70 -23.52 -28.78
CA ARG A 256 -1.34 -24.48 -29.82
C ARG A 256 -0.27 -25.41 -29.28
N LEU A 257 0.76 -24.81 -28.70
CA LEU A 257 1.86 -25.55 -28.08
C LEU A 257 1.37 -26.55 -27.05
N GLU A 258 0.50 -26.11 -26.15
CA GLU A 258 0.01 -26.96 -25.07
C GLU A 258 -0.83 -28.12 -25.59
N ARG A 259 -1.42 -27.94 -26.75
CA ARG A 259 -2.27 -28.96 -27.35
C ARG A 259 -1.47 -29.93 -28.24
N VAL A 260 -0.51 -29.44 -29.01
CA VAL A 260 0.17 -30.32 -29.97
C VAL A 260 1.65 -30.61 -29.69
N GLY A 261 2.29 -29.82 -28.85
CA GLY A 261 3.68 -30.07 -28.48
C GLY A 261 4.73 -29.44 -29.39
N TYR A 262 4.29 -28.87 -30.50
CA TYR A 262 5.20 -28.12 -31.37
C TYR A 262 4.47 -27.02 -32.13
N LEU A 263 5.25 -26.15 -32.77
CA LEU A 263 4.71 -25.06 -33.56
C LEU A 263 5.34 -25.10 -34.94
N GLU A 264 4.53 -25.46 -35.93
CA GLU A 264 4.98 -25.74 -37.30
C GLU A 264 5.82 -24.65 -37.93
N GLU A 265 5.45 -23.40 -37.70
CA GLU A 265 6.07 -22.26 -38.38
C GLU A 265 7.33 -21.72 -37.68
N TYR A 266 7.59 -22.17 -36.45
CA TYR A 266 8.75 -21.68 -35.69
C TYR A 266 10.09 -22.27 -36.19
N PRO A 267 11.18 -21.49 -36.08
CA PRO A 267 12.51 -21.92 -36.52
C PRO A 267 12.93 -23.27 -35.92
N GLN A 268 12.45 -23.56 -34.71
CA GLN A 268 12.83 -24.78 -34.00
C GLN A 268 12.25 -26.02 -34.65
N TYR A 269 11.26 -25.87 -35.52
CA TYR A 269 10.71 -27.01 -36.23
C TYR A 269 11.36 -27.13 -37.59
N PRO A 270 11.85 -28.33 -37.94
CA PRO A 270 11.70 -29.54 -37.13
C PRO A 270 12.94 -29.89 -36.33
N ASN A 271 14.01 -29.10 -36.48
CA ASN A 271 15.34 -29.48 -36.00
C ASN A 271 15.69 -29.10 -34.57
N GLY A 272 14.82 -28.34 -33.90
CA GLY A 272 15.05 -27.97 -32.52
C GLY A 272 14.04 -28.67 -31.64
N LYS A 273 13.97 -28.28 -30.38
CA LYS A 273 13.02 -28.88 -29.45
C LYS A 273 12.12 -27.80 -28.85
N PHE A 274 10.84 -28.12 -28.64
CA PHE A 274 9.94 -27.21 -27.96
C PHE A 274 9.79 -27.63 -26.49
N GLY A 275 9.68 -26.64 -25.61
CA GLY A 275 9.48 -26.87 -24.19
C GLY A 275 8.03 -26.65 -23.82
N ASP A 276 7.76 -26.18 -22.61
CA ASP A 276 6.36 -26.00 -22.18
C ASP A 276 5.79 -24.59 -22.41
N THR A 277 6.62 -23.68 -22.92
CA THR A 277 6.16 -22.32 -23.16
C THR A 277 6.70 -21.80 -24.51
N VAL A 278 5.97 -20.86 -25.10
CA VAL A 278 6.34 -20.30 -26.40
C VAL A 278 7.75 -19.78 -26.37
N PRO A 279 8.59 -20.24 -27.32
CA PRO A 279 10.00 -19.84 -27.35
C PRO A 279 10.19 -18.62 -28.24
N ARG A 280 11.37 -18.02 -28.15
CA ARG A 280 11.77 -16.94 -29.04
C ARG A 280 12.03 -17.51 -30.44
N GLY A 281 11.75 -16.71 -31.47
CA GLY A 281 11.80 -17.18 -32.84
C GLY A 281 12.64 -16.32 -33.76
N GLY A 282 13.49 -15.47 -33.18
CA GLY A 282 14.34 -14.60 -33.96
C GLY A 282 13.56 -13.75 -34.95
N ASN A 283 13.92 -13.84 -36.23
CA ASN A 283 13.25 -13.02 -37.23
C ASN A 283 12.22 -13.77 -38.08
N ALA A 284 11.71 -14.87 -37.53
CA ALA A 284 10.71 -15.70 -38.21
C ALA A 284 9.42 -14.94 -38.52
N GLY A 285 8.77 -15.33 -39.63
CA GLY A 285 7.53 -14.71 -40.06
C GLY A 285 6.31 -15.54 -39.67
N GLY A 286 5.18 -14.87 -39.46
CA GLY A 286 4.02 -15.49 -38.84
C GLY A 286 2.98 -16.10 -39.77
N GLY A 287 2.89 -17.43 -39.75
CA GLY A 287 1.84 -18.16 -40.46
C GLY A 287 1.97 -18.25 -41.97
N GLY A 288 1.62 -17.16 -42.66
CA GLY A 288 1.59 -17.16 -44.11
C GLY A 288 2.73 -17.92 -44.75
N GLN A 289 3.92 -17.32 -44.70
CA GLN A 289 5.08 -17.95 -45.31
C GLN A 289 6.36 -17.64 -44.55
N PRO A 290 7.34 -18.55 -44.62
CA PRO A 290 8.62 -18.36 -43.95
C PRO A 290 9.28 -17.08 -44.42
N GLY A 291 9.93 -16.37 -43.51
CA GLY A 291 10.63 -15.15 -43.83
C GLY A 291 11.77 -14.96 -42.86
N TRP A 292 12.63 -13.98 -43.12
CA TRP A 292 13.78 -13.76 -42.27
C TRP A 292 14.41 -12.43 -42.64
N ILE A 293 15.24 -11.89 -41.75
CA ILE A 293 15.97 -10.66 -42.06
C ILE A 293 17.35 -11.05 -42.60
N LEU A 294 17.66 -10.60 -43.81
CA LEU A 294 18.88 -11.02 -44.51
C LEU A 294 19.90 -9.89 -44.66
N LYS A 295 21.18 -10.23 -44.52
CA LYS A 295 22.27 -9.28 -44.74
C LYS A 295 22.31 -8.83 -46.20
N CYS A 296 22.64 -7.55 -46.40
CA CYS A 296 22.97 -7.05 -47.73
C CYS A 296 24.39 -6.51 -47.71
N LYS A 297 24.86 -6.04 -48.85
CA LYS A 297 26.20 -5.50 -48.91
C LYS A 297 26.36 -4.37 -47.88
N GLY A 298 27.48 -4.40 -47.16
CA GLY A 298 27.79 -3.38 -46.19
C GLY A 298 27.44 -3.70 -44.74
N TRP A 299 26.85 -4.87 -44.47
CA TRP A 299 26.37 -5.20 -43.13
C TRP A 299 27.47 -5.14 -42.07
N GLU A 300 28.73 -5.34 -42.48
CA GLU A 300 29.85 -5.30 -41.54
C GLU A 300 30.06 -3.91 -40.93
N THR A 301 29.60 -2.87 -41.62
CA THR A 301 29.82 -1.48 -41.18
C THR A 301 28.54 -0.66 -41.08
N ASP A 302 27.46 -1.16 -41.68
CA ASP A 302 26.17 -0.48 -41.66
C ASP A 302 25.17 -1.39 -40.95
N ASP A 303 24.82 -0.99 -39.72
CA ASP A 303 23.89 -1.75 -38.87
C ASP A 303 22.55 -2.01 -39.55
N ASN A 304 22.26 -1.25 -40.61
CA ASN A 304 20.97 -1.37 -41.25
C ASN A 304 20.99 -1.78 -42.72
N ALA A 305 22.09 -2.39 -43.15
CA ALA A 305 22.19 -2.91 -44.50
C ALA A 305 21.52 -4.27 -44.56
N TYR A 306 20.21 -4.28 -44.37
CA TYR A 306 19.42 -5.49 -44.30
C TYR A 306 18.07 -5.34 -45.01
N ILE A 307 17.46 -6.46 -45.37
CA ILE A 307 16.11 -6.47 -45.88
C ILE A 307 15.32 -7.54 -45.16
N TYR A 308 14.00 -7.49 -45.26
CA TYR A 308 13.20 -8.62 -44.89
C TYR A 308 12.73 -9.39 -46.14
N CYS A 309 12.81 -10.71 -46.09
CA CYS A 309 12.49 -11.55 -47.24
C CYS A 309 11.59 -12.74 -46.87
N THR A 310 10.62 -13.03 -47.75
CA THR A 310 9.72 -14.16 -47.56
C THR A 310 9.94 -15.21 -48.65
N VAL A 311 9.94 -16.48 -48.27
CA VAL A 311 10.02 -17.57 -49.24
C VAL A 311 8.63 -18.09 -49.58
N GLN A 312 8.10 -17.68 -50.72
CA GLN A 312 6.74 -18.00 -51.15
C GLN A 312 6.61 -19.41 -51.73
N GLU A 313 5.47 -20.05 -51.48
CA GLU A 313 5.17 -21.35 -52.07
C GLU A 313 5.04 -21.23 -53.58
N GLN A 314 4.18 -20.31 -54.01
CA GLN A 314 4.03 -19.97 -55.42
C GLN A 314 5.33 -19.41 -55.99
N ASP A 315 5.48 -19.50 -57.31
CA ASP A 315 6.63 -18.90 -57.99
C ASP A 315 7.97 -19.35 -57.39
N TRP A 316 8.08 -20.63 -57.04
CA TRP A 316 9.35 -21.18 -56.59
C TRP A 316 10.39 -21.12 -57.73
N GLY A 317 9.92 -21.26 -58.97
CA GLY A 317 10.77 -21.19 -60.14
C GLY A 317 11.56 -19.90 -60.23
N PRO A 318 10.84 -18.75 -60.29
CA PRO A 318 11.47 -17.43 -60.29
C PRO A 318 12.33 -17.22 -59.05
N THR A 319 11.90 -17.77 -57.92
CA THR A 319 12.67 -17.64 -56.68
C THR A 319 14.03 -18.30 -56.85
N CYS A 320 14.04 -19.48 -57.47
CA CYS A 320 15.28 -20.18 -57.76
C CYS A 320 16.16 -19.42 -58.74
N GLU A 321 15.56 -18.84 -59.77
CA GLU A 321 16.31 -17.98 -60.68
C GLU A 321 16.90 -16.82 -59.91
N ALA A 322 16.07 -16.24 -59.05
CA ALA A 322 16.48 -15.01 -58.36
C ALA A 322 17.79 -15.23 -57.60
N ILE A 323 17.98 -16.44 -57.10
CA ILE A 323 19.15 -16.71 -56.26
C ILE A 323 20.26 -17.53 -56.95
N GLY A 324 20.13 -17.72 -58.26
CA GLY A 324 21.16 -18.43 -59.00
C GLY A 324 21.17 -19.91 -58.64
N LYS A 325 19.99 -20.44 -58.29
CA LYS A 325 19.85 -21.87 -58.02
C LYS A 325 18.77 -22.52 -58.88
N PRO A 326 18.90 -22.38 -60.20
CA PRO A 326 17.87 -22.99 -61.06
C PRO A 326 17.80 -24.47 -60.74
N GLU A 327 18.97 -25.01 -60.45
CA GLU A 327 19.13 -26.39 -59.97
C GLU A 327 18.03 -26.84 -59.02
N TRP A 328 17.52 -25.91 -58.21
CA TRP A 328 16.54 -26.21 -57.16
C TRP A 328 15.10 -26.29 -57.63
N ALA A 329 14.80 -25.68 -58.77
CA ALA A 329 13.42 -25.60 -59.26
C ALA A 329 12.75 -26.98 -59.44
N THR A 330 13.51 -27.95 -59.93
CA THR A 330 12.97 -29.27 -60.23
C THR A 330 13.25 -30.29 -59.13
N ASP A 331 14.08 -29.88 -58.17
CA ASP A 331 14.52 -30.79 -57.13
C ASP A 331 13.44 -31.01 -56.06
N PRO A 332 12.89 -32.23 -55.99
CA PRO A 332 11.83 -32.54 -55.02
C PRO A 332 12.26 -32.32 -53.56
N LYS A 333 13.56 -32.16 -53.34
CA LYS A 333 14.07 -31.80 -52.03
C LYS A 333 13.78 -30.32 -51.71
N TYR A 334 13.34 -29.57 -52.73
CA TYR A 334 13.19 -28.11 -52.61
C TYR A 334 11.91 -27.53 -53.19
N ASN A 335 11.36 -28.15 -54.24
CA ASN A 335 10.29 -27.52 -55.00
C ASN A 335 8.90 -27.58 -54.36
N THR A 336 8.87 -27.83 -53.05
CA THR A 336 7.63 -27.82 -52.31
C THR A 336 7.88 -27.31 -50.89
N ALA A 337 6.94 -26.55 -50.35
CA ALA A 337 7.09 -26.00 -49.01
C ALA A 337 7.48 -27.10 -48.01
N LYS A 338 6.81 -28.23 -48.10
CA LYS A 338 7.01 -29.33 -47.16
C LYS A 338 8.44 -29.86 -47.14
N ALA A 339 9.04 -30.02 -48.32
CA ALA A 339 10.41 -30.50 -48.41
C ALA A 339 11.41 -29.46 -47.91
N ARG A 340 11.02 -28.19 -47.99
CA ARG A 340 11.90 -27.10 -47.57
C ARG A 340 12.05 -26.97 -46.04
N GLU A 341 11.03 -27.38 -45.29
CA GLU A 341 11.00 -27.21 -43.84
C GLU A 341 12.31 -27.56 -43.16
N THR A 342 12.85 -28.73 -43.49
CA THR A 342 14.04 -29.26 -42.83
C THR A 342 15.31 -28.44 -43.06
N HIS A 343 15.29 -27.54 -44.04
CA HIS A 343 16.49 -26.77 -44.37
C HIS A 343 16.17 -25.36 -44.88
N MET A 344 15.20 -24.72 -44.23
CA MET A 344 14.82 -23.35 -44.54
C MET A 344 15.97 -22.37 -44.38
N PHE A 345 16.88 -22.66 -43.46
CA PHE A 345 18.01 -21.78 -43.23
C PHE A 345 19.09 -21.92 -44.30
N GLU A 346 19.13 -23.08 -44.95
CA GLU A 346 19.96 -23.23 -46.14
C GLU A 346 19.44 -22.32 -47.25
N ILE A 347 18.12 -22.31 -47.42
CA ILE A 347 17.48 -21.45 -48.41
C ILE A 347 17.81 -19.97 -48.15
N PHE A 348 17.60 -19.51 -46.92
CA PHE A 348 17.85 -18.10 -46.61
C PHE A 348 19.28 -17.73 -46.91
N ALA A 349 20.20 -18.66 -46.61
CA ALA A 349 21.62 -18.42 -46.81
C ALA A 349 21.95 -18.23 -48.29
N ALA A 350 21.29 -19.00 -49.15
CA ALA A 350 21.46 -18.88 -50.59
C ALA A 350 20.97 -17.51 -51.07
N ILE A 351 19.85 -17.06 -50.52
CA ILE A 351 19.36 -15.73 -50.88
C ILE A 351 20.36 -14.66 -50.47
N GLU A 352 20.89 -14.78 -49.25
CA GLU A 352 21.90 -13.84 -48.79
C GLU A 352 23.09 -13.83 -49.73
N LYS A 353 23.56 -15.02 -50.08
CA LYS A 353 24.66 -15.14 -51.04
C LYS A 353 24.37 -14.35 -52.33
N ALA A 354 23.17 -14.50 -52.87
CA ALA A 354 22.81 -13.83 -54.12
C ALA A 354 22.77 -12.30 -54.02
N ILE A 355 22.53 -11.76 -52.82
CA ILE A 355 22.46 -10.31 -52.70
C ILE A 355 23.65 -9.75 -51.95
N ALA A 356 24.67 -10.58 -51.77
CA ALA A 356 25.86 -10.19 -51.03
C ALA A 356 26.53 -8.94 -51.59
N ASP A 357 26.30 -8.66 -52.87
CA ASP A 357 26.97 -7.56 -53.55
C ASP A 357 26.02 -6.41 -53.86
N LYS A 358 24.83 -6.46 -53.27
CA LYS A 358 23.80 -5.45 -53.52
C LYS A 358 23.41 -4.72 -52.24
N THR A 359 23.22 -3.41 -52.31
CA THR A 359 22.65 -2.65 -51.21
C THR A 359 21.24 -3.17 -50.96
N LYS A 360 20.65 -2.80 -49.82
CA LYS A 360 19.30 -3.26 -49.51
C LYS A 360 18.32 -2.81 -50.56
N TYR A 361 18.51 -1.59 -51.08
CA TYR A 361 17.61 -1.09 -52.12
C TYR A 361 17.80 -1.85 -53.44
N GLU A 362 19.05 -2.15 -53.78
CA GLU A 362 19.36 -2.93 -54.96
C GLU A 362 18.84 -4.36 -54.81
N ALA A 363 19.02 -4.93 -53.62
CA ALA A 363 18.53 -6.27 -53.32
C ALA A 363 17.02 -6.31 -53.51
N VAL A 364 16.32 -5.35 -52.93
CA VAL A 364 14.87 -5.26 -53.10
C VAL A 364 14.48 -5.23 -54.60
N ALA A 365 15.11 -4.34 -55.37
CA ALA A 365 14.76 -4.21 -56.79
C ALA A 365 15.01 -5.50 -57.57
N HIS A 366 16.13 -6.15 -57.28
CA HIS A 366 16.47 -7.44 -57.88
C HIS A 366 15.43 -8.52 -57.57
N LEU A 367 15.16 -8.71 -56.28
CA LEU A 367 14.20 -9.71 -55.82
C LEU A 367 12.75 -9.44 -56.25
N ALA A 368 12.34 -8.18 -56.31
CA ALA A 368 11.01 -7.84 -56.80
C ALA A 368 10.78 -8.25 -58.27
N LYS A 369 11.84 -8.23 -59.07
CA LYS A 369 11.73 -8.62 -60.47
C LYS A 369 11.23 -10.04 -60.60
N TYR A 370 11.56 -10.86 -59.60
CA TYR A 370 11.17 -12.26 -59.59
C TYR A 370 9.96 -12.51 -58.70
N ARG A 371 9.29 -11.42 -58.34
CA ARG A 371 8.10 -11.50 -57.48
C ARG A 371 8.34 -12.13 -56.10
N VAL A 372 9.59 -12.16 -55.63
CA VAL A 372 9.82 -12.58 -54.25
C VAL A 372 9.55 -11.40 -53.31
N PRO A 373 8.70 -11.61 -52.29
CA PRO A 373 8.29 -10.56 -51.37
C PRO A 373 9.42 -10.15 -50.44
N CYS A 374 9.75 -8.86 -50.42
CA CYS A 374 10.86 -8.38 -49.63
C CYS A 374 10.71 -6.90 -49.42
N SER A 375 11.41 -6.37 -48.42
CA SER A 375 11.34 -4.95 -48.09
C SER A 375 12.57 -4.53 -47.29
N PRO A 376 12.97 -3.26 -47.42
CA PRO A 376 14.19 -2.83 -46.74
C PRO A 376 13.97 -2.64 -45.25
N VAL A 377 15.02 -2.82 -44.47
CA VAL A 377 14.99 -2.36 -43.10
C VAL A 377 15.36 -0.89 -43.14
N LEU A 378 14.48 -0.03 -42.64
CA LEU A 378 14.73 1.41 -42.68
C LEU A 378 15.25 1.92 -41.33
N SER A 379 16.29 2.76 -41.37
CA SER A 379 16.82 3.39 -40.16
C SER A 379 15.98 4.61 -39.78
N MET A 380 16.13 5.07 -38.55
CA MET A 380 15.42 6.26 -38.10
C MET A 380 15.81 7.50 -38.93
N LYS A 381 17.09 7.59 -39.28
CA LYS A 381 17.54 8.71 -40.12
C LYS A 381 16.78 8.69 -41.45
N GLU A 382 16.71 7.51 -42.06
CA GLU A 382 16.00 7.36 -43.32
C GLU A 382 14.53 7.73 -43.18
N ILE A 383 13.90 7.28 -42.09
CA ILE A 383 12.51 7.59 -41.83
C ILE A 383 12.30 9.09 -41.61
N ALA A 384 13.12 9.68 -40.76
CA ALA A 384 13.00 11.10 -40.42
C ALA A 384 13.13 12.00 -41.63
N GLU A 385 13.93 11.59 -42.61
CA GLU A 385 14.18 12.42 -43.77
C GLU A 385 13.28 12.07 -44.98
N ALA A 386 12.43 11.05 -44.83
CA ALA A 386 11.60 10.57 -45.93
C ALA A 386 10.61 11.63 -46.46
N PRO A 387 10.74 12.04 -47.73
CA PRO A 387 9.78 13.04 -48.21
C PRO A 387 8.33 12.55 -48.26
N ASP A 388 8.09 11.27 -48.56
CA ASP A 388 6.71 10.77 -48.60
C ASP A 388 6.00 10.94 -47.24
N LEU A 389 6.73 10.70 -46.15
CA LEU A 389 6.19 10.86 -44.81
C LEU A 389 5.95 12.33 -44.43
N ARG A 390 6.74 13.25 -44.95
CA ARG A 390 6.45 14.67 -44.72
C ARG A 390 5.23 15.05 -45.53
N GLU A 391 5.16 14.52 -46.75
CA GLU A 391 4.12 14.89 -47.70
C GLU A 391 2.75 14.39 -47.27
N SER A 392 2.71 13.24 -46.62
CA SER A 392 1.44 12.69 -46.15
C SER A 392 1.01 13.32 -44.83
N GLY A 393 1.91 14.08 -44.20
CA GLY A 393 1.63 14.63 -42.88
C GLY A 393 1.83 13.65 -41.74
N THR A 394 2.52 12.54 -42.00
CA THR A 394 2.81 11.57 -40.96
C THR A 394 3.94 12.05 -40.07
N ILE A 395 4.96 12.65 -40.67
CA ILE A 395 6.01 13.31 -39.91
C ILE A 395 5.84 14.80 -40.16
N VAL A 396 5.66 15.56 -39.07
CA VAL A 396 5.24 16.95 -39.18
C VAL A 396 6.25 17.82 -38.49
N GLU A 397 6.70 18.86 -39.18
CA GLU A 397 7.66 19.80 -38.62
C GLU A 397 6.89 20.84 -37.82
N VAL A 398 7.34 21.07 -36.59
CA VAL A 398 6.63 21.97 -35.67
C VAL A 398 7.55 23.10 -35.17
N GLN A 399 7.04 24.32 -35.23
CA GLN A 399 7.77 25.49 -34.73
C GLN A 399 7.67 25.64 -33.20
N GLN A 400 8.83 25.71 -32.54
CA GLN A 400 8.87 25.65 -31.09
C GLN A 400 9.81 26.71 -30.47
N PRO A 401 9.26 27.54 -29.56
CA PRO A 401 10.02 28.60 -28.90
C PRO A 401 11.31 28.09 -28.29
N LYS A 402 12.39 28.88 -28.43
CA LYS A 402 13.69 28.56 -27.83
C LYS A 402 14.40 27.38 -28.49
N ARG A 403 13.79 26.80 -29.52
CA ARG A 403 14.35 25.62 -30.17
C ARG A 403 14.46 25.76 -31.68
N GLY A 404 13.44 26.35 -32.29
CA GLY A 404 13.29 26.29 -33.74
C GLY A 404 12.27 25.20 -34.01
N THR A 405 12.48 24.40 -35.04
CA THR A 405 11.55 23.33 -35.34
C THR A 405 12.04 21.96 -34.82
N PHE A 406 11.09 21.06 -34.60
CA PHE A 406 11.40 19.65 -34.38
C PHE A 406 10.35 18.84 -35.15
N LEU A 407 10.55 17.53 -35.26
CA LEU A 407 9.60 16.68 -35.97
C LEU A 407 8.77 15.87 -34.97
N THR A 408 7.48 15.73 -35.28
CA THR A 408 6.62 14.85 -34.47
C THR A 408 5.87 13.92 -35.41
N ILE A 409 5.12 12.99 -34.83
CA ILE A 409 4.44 11.96 -35.60
C ILE A 409 2.92 12.08 -35.44
N ASN A 410 2.21 12.04 -36.56
CA ASN A 410 0.74 12.03 -36.55
C ASN A 410 0.25 10.88 -37.45
N PRO A 411 -0.15 9.75 -36.84
CA PRO A 411 -0.33 8.46 -37.52
C PRO A 411 -1.69 8.18 -38.15
N ILE A 412 -2.76 8.81 -37.68
CA ILE A 412 -4.09 8.49 -38.19
C ILE A 412 -4.61 9.63 -39.06
N LYS A 413 -4.99 9.34 -40.29
CA LYS A 413 -5.46 10.38 -41.20
C LYS A 413 -6.99 10.36 -41.34
N PHE A 414 -7.57 11.55 -41.45
CA PHE A 414 -9.02 11.74 -41.53
C PHE A 414 -9.35 12.50 -42.80
N SER A 415 -10.37 12.07 -43.53
CA SER A 415 -10.76 12.80 -44.72
C SER A 415 -11.45 14.12 -44.36
N GLY A 416 -12.02 14.19 -43.16
CA GLY A 416 -12.80 15.37 -42.78
C GLY A 416 -12.00 16.60 -42.35
N PHE A 417 -10.78 16.39 -41.90
CA PHE A 417 -9.98 17.50 -41.39
C PHE A 417 -8.51 17.09 -41.29
N THR A 418 -7.66 18.08 -41.11
CA THR A 418 -6.24 17.85 -40.88
C THR A 418 -5.84 18.65 -39.65
N PRO A 419 -5.18 18.00 -38.68
CA PRO A 419 -4.78 18.70 -37.45
C PRO A 419 -3.83 19.86 -37.73
N GLU A 420 -3.99 20.94 -36.98
CA GLU A 420 -3.03 22.05 -37.05
C GLU A 420 -2.11 21.97 -35.82
N ILE A 421 -0.97 21.32 -36.00
CA ILE A 421 -0.10 20.98 -34.87
C ILE A 421 0.77 22.15 -34.48
N LYS A 422 0.69 22.53 -33.20
CA LYS A 422 1.43 23.70 -32.73
C LYS A 422 2.25 23.44 -31.49
N ALA A 423 3.11 24.40 -31.17
CA ALA A 423 4.08 24.31 -30.10
C ALA A 423 3.58 23.73 -28.78
N ALA A 424 4.42 22.91 -28.15
CA ALA A 424 4.16 22.47 -26.79
C ALA A 424 4.30 23.68 -25.85
N PRO A 425 3.52 23.70 -24.76
CA PRO A 425 3.52 24.89 -23.89
C PRO A 425 4.75 24.97 -23.00
N LEU A 426 5.19 26.19 -22.70
CA LEU A 426 6.20 26.35 -21.66
C LEU A 426 5.50 26.05 -20.33
N LEU A 427 6.27 25.63 -19.34
CA LEU A 427 5.71 25.30 -18.03
C LEU A 427 4.95 26.47 -17.41
N GLY A 428 3.66 26.27 -17.14
CA GLY A 428 2.83 27.32 -16.58
C GLY A 428 2.53 28.48 -17.51
N GLN A 429 2.81 28.32 -18.80
CA GLN A 429 2.55 29.37 -19.78
C GLN A 429 1.09 29.87 -19.75
N HIS A 430 0.16 28.97 -19.44
CA HIS A 430 -1.26 29.31 -19.49
C HIS A 430 -1.97 29.24 -18.14
N THR A 431 -1.20 29.20 -17.05
CA THR A 431 -1.82 29.09 -15.72
C THR A 431 -2.87 30.17 -15.47
N ASP A 432 -2.47 31.42 -15.59
CA ASP A 432 -3.36 32.54 -15.26
C ASP A 432 -4.50 32.64 -16.28
N GLU A 433 -4.19 32.30 -17.53
CA GLU A 433 -5.19 32.27 -18.59
C GLU A 433 -6.32 31.24 -18.29
N VAL A 434 -5.93 30.02 -17.93
CA VAL A 434 -6.90 28.95 -17.66
C VAL A 434 -7.73 29.27 -16.42
N LEU A 435 -7.06 29.76 -15.38
CA LEU A 435 -7.73 30.15 -14.15
C LEU A 435 -8.78 31.24 -14.43
N ALA A 436 -8.47 32.18 -15.30
CA ALA A 436 -9.44 33.23 -15.65
C ALA A 436 -10.67 32.63 -16.37
N GLU A 437 -10.44 31.69 -17.28
CA GLU A 437 -11.55 30.99 -17.94
C GLU A 437 -12.38 30.20 -16.96
N LEU A 438 -11.76 29.73 -15.88
CA LEU A 438 -12.49 28.96 -14.89
C LEU A 438 -13.28 29.86 -13.94
N GLY A 439 -13.14 31.17 -14.11
CA GLY A 439 -13.95 32.11 -13.35
C GLY A 439 -13.25 32.70 -12.15
N TYR A 440 -11.95 32.45 -12.04
CA TYR A 440 -11.16 33.06 -10.97
C TYR A 440 -10.90 34.53 -11.29
N SER A 441 -11.12 35.39 -10.29
CA SER A 441 -10.85 36.82 -10.42
C SER A 441 -9.35 37.02 -10.47
N ALA A 442 -8.92 38.16 -10.98
CA ALA A 442 -7.50 38.46 -11.07
C ALA A 442 -6.86 38.47 -9.68
N GLU A 443 -7.63 38.83 -8.67
CA GLU A 443 -7.10 38.88 -7.31
C GLU A 443 -6.80 37.49 -6.76
N GLU A 444 -7.70 36.54 -6.99
CA GLU A 444 -7.45 35.15 -6.60
C GLU A 444 -6.20 34.59 -7.29
N ILE A 445 -6.11 34.84 -8.60
CA ILE A 445 -4.97 34.37 -9.39
C ILE A 445 -3.65 34.93 -8.86
N LYS A 446 -3.64 36.21 -8.51
CA LYS A 446 -2.41 36.83 -7.99
C LYS A 446 -2.00 36.24 -6.64
N SER A 447 -2.95 36.00 -5.75
CA SER A 447 -2.62 35.39 -4.45
C SER A 447 -2.15 33.94 -4.59
N LEU A 448 -2.86 33.16 -5.38
CA LEU A 448 -2.42 31.81 -5.72
C LEU A 448 -0.95 31.84 -6.15
N ARG A 449 -0.61 32.74 -7.07
CA ARG A 449 0.78 32.90 -7.50
C ARG A 449 1.72 33.37 -6.37
N ASP A 450 1.32 34.41 -5.62
CA ASP A 450 2.18 34.95 -4.57
C ASP A 450 2.43 33.92 -3.47
N LYS A 451 1.42 33.09 -3.19
CA LYS A 451 1.52 32.05 -2.18
C LYS A 451 2.18 30.77 -2.73
N LYS A 452 2.60 30.83 -4.00
CA LYS A 452 3.33 29.74 -4.64
C LYS A 452 2.54 28.43 -4.76
N ILE A 453 1.24 28.57 -5.00
CA ILE A 453 0.40 27.43 -5.33
C ILE A 453 0.47 27.17 -6.83
N THR A 454 0.76 28.23 -7.58
CA THR A 454 0.85 28.15 -9.05
C THR A 454 2.26 28.38 -9.58
N CYS A 455 3.26 28.30 -8.71
CA CYS A 455 4.64 28.40 -9.11
C CYS A 455 5.55 27.95 -7.97
N ALA A 456 6.84 27.83 -8.24
CA ALA A 456 7.78 27.48 -7.19
C ALA A 456 8.32 28.76 -6.55
N ASN B 27 -23.80 -2.57 -17.41
CA ASN B 27 -25.14 -2.65 -17.98
C ASN B 27 -25.16 -2.30 -19.48
N SER B 28 -25.64 -1.09 -19.80
CA SER B 28 -25.77 -0.66 -21.19
C SER B 28 -24.40 -0.41 -21.83
N LYS B 29 -24.23 -0.91 -23.06
CA LYS B 29 -22.95 -0.83 -23.73
C LYS B 29 -22.87 0.37 -24.66
N PRO B 30 -21.72 1.06 -24.65
CA PRO B 30 -21.51 2.31 -25.36
C PRO B 30 -21.85 2.23 -26.85
N LEU B 31 -21.55 1.12 -27.51
CA LEU B 31 -21.78 0.97 -28.95
C LEU B 31 -23.06 0.22 -29.32
N ASP B 32 -23.99 0.13 -28.36
CA ASP B 32 -25.25 -0.56 -28.58
C ASP B 32 -25.94 0.08 -29.78
N GLY B 33 -26.36 -0.75 -30.74
CA GLY B 33 -27.11 -0.27 -31.89
C GLY B 33 -26.23 0.30 -32.99
N ILE B 34 -24.91 0.21 -32.83
CA ILE B 34 -23.98 0.61 -33.88
C ILE B 34 -23.70 -0.60 -34.74
N LYS B 35 -23.81 -0.43 -36.05
CA LYS B 35 -23.67 -1.55 -36.97
C LYS B 35 -22.33 -1.48 -37.68
N VAL B 36 -21.60 -2.59 -37.67
CA VAL B 36 -20.25 -2.63 -38.20
C VAL B 36 -20.06 -3.76 -39.17
N ILE B 37 -19.40 -3.47 -40.30
CA ILE B 37 -18.94 -4.53 -41.20
C ILE B 37 -17.42 -4.72 -41.08
N ASP B 38 -17.04 -5.94 -40.73
CA ASP B 38 -15.67 -6.39 -40.74
C ASP B 38 -15.40 -6.96 -42.12
N PHE B 39 -14.84 -6.13 -42.99
CA PHE B 39 -14.49 -6.57 -44.32
C PHE B 39 -12.98 -6.65 -44.47
N GLY B 40 -12.37 -7.49 -43.65
CA GLY B 40 -10.93 -7.69 -43.73
C GLY B 40 -10.48 -9.09 -43.38
N GLY B 41 -9.19 -9.22 -43.12
CA GLY B 41 -8.63 -10.49 -42.73
C GLY B 41 -7.48 -10.31 -41.77
N VAL B 42 -6.95 -11.42 -41.29
CA VAL B 42 -5.80 -11.41 -40.40
C VAL B 42 -6.12 -10.62 -39.14
N GLN B 43 -5.29 -9.65 -38.79
CA GLN B 43 -5.31 -9.13 -37.44
C GLN B 43 -5.77 -7.68 -37.27
N SER B 44 -5.29 -6.76 -38.11
CA SER B 44 -5.57 -5.34 -37.87
C SER B 44 -7.07 -5.05 -37.82
N VAL B 45 -7.77 -5.35 -38.91
CA VAL B 45 -9.18 -5.01 -39.00
C VAL B 45 -10.07 -5.91 -38.11
N PRO B 46 -9.90 -7.23 -38.19
CA PRO B 46 -10.68 -8.08 -37.29
C PRO B 46 -10.50 -7.75 -35.81
N SER B 47 -9.29 -7.43 -35.35
CA SER B 47 -9.09 -7.16 -33.93
C SER B 47 -9.85 -5.91 -33.53
N ALA B 48 -9.79 -4.86 -34.35
CA ALA B 48 -10.60 -3.67 -34.08
C ALA B 48 -12.11 -3.98 -34.08
N ALA B 49 -12.57 -4.77 -35.04
CA ALA B 49 -13.99 -5.11 -35.12
C ALA B 49 -14.42 -5.96 -33.93
N GLN B 50 -13.55 -6.84 -33.46
CA GLN B 50 -13.85 -7.64 -32.26
C GLN B 50 -14.06 -6.75 -31.04
N LEU B 51 -13.21 -5.75 -30.87
CA LEU B 51 -13.33 -4.82 -29.76
C LEU B 51 -14.66 -4.08 -29.82
N LEU B 52 -15.02 -3.63 -31.02
CA LEU B 52 -16.30 -2.95 -31.24
C LEU B 52 -17.51 -3.83 -30.82
N ALA B 53 -17.49 -5.10 -31.20
CA ALA B 53 -18.54 -6.03 -30.81
C ALA B 53 -18.60 -6.17 -29.30
N TRP B 54 -17.44 -6.33 -28.68
CA TRP B 54 -17.38 -6.49 -27.22
C TRP B 54 -17.93 -5.26 -26.52
N TYR B 55 -17.84 -4.10 -27.17
CA TYR B 55 -18.36 -2.88 -26.57
C TYR B 55 -19.80 -2.61 -26.97
N GLY B 56 -20.45 -3.59 -27.59
CA GLY B 56 -21.87 -3.49 -27.87
C GLY B 56 -22.29 -3.49 -29.32
N ALA B 57 -21.35 -3.29 -30.23
CA ALA B 57 -21.68 -3.19 -31.65
C ALA B 57 -22.27 -4.46 -32.25
N ASP B 58 -23.15 -4.25 -33.23
CA ASP B 58 -23.71 -5.30 -34.06
C ASP B 58 -22.74 -5.52 -35.21
N VAL B 59 -21.91 -6.55 -35.11
CA VAL B 59 -20.85 -6.75 -36.08
C VAL B 59 -21.05 -7.92 -37.03
N ILE B 60 -21.09 -7.64 -38.33
CA ILE B 60 -21.16 -8.70 -39.33
C ILE B 60 -19.85 -8.76 -40.10
N LYS B 61 -19.34 -9.97 -40.28
CA LYS B 61 -18.08 -10.20 -40.95
C LYS B 61 -18.37 -10.79 -42.31
N ILE B 62 -18.03 -10.06 -43.36
CA ILE B 62 -18.25 -10.55 -44.74
C ILE B 62 -16.96 -11.17 -45.24
N GLU B 63 -17.02 -12.48 -45.51
CA GLU B 63 -15.83 -13.24 -45.84
C GLU B 63 -16.03 -13.92 -47.18
N ARG B 64 -14.92 -14.27 -47.82
CA ARG B 64 -15.00 -14.93 -49.11
C ARG B 64 -15.56 -16.35 -48.97
N VAL B 65 -16.26 -16.78 -50.03
CA VAL B 65 -16.94 -18.06 -50.03
C VAL B 65 -15.98 -19.22 -49.89
N GLY B 66 -16.43 -20.27 -49.22
CA GLY B 66 -15.68 -21.51 -49.17
C GLY B 66 -14.55 -21.51 -48.17
N VAL B 67 -13.82 -20.40 -48.09
CA VAL B 67 -12.60 -20.38 -47.30
C VAL B 67 -12.62 -19.33 -46.16
N GLY B 68 -13.40 -18.28 -46.35
CA GLY B 68 -13.48 -17.19 -45.38
C GLY B 68 -12.13 -16.54 -45.09
N ASP B 69 -12.10 -15.74 -44.02
CA ASP B 69 -10.87 -15.10 -43.55
C ASP B 69 -9.74 -16.11 -43.55
N ILE B 70 -8.55 -15.65 -43.94
CA ILE B 70 -7.39 -16.51 -43.98
C ILE B 70 -7.04 -17.13 -42.62
N THR B 71 -7.40 -16.45 -41.53
CA THR B 71 -7.03 -16.98 -40.20
C THR B 71 -7.76 -18.27 -39.84
N ARG B 72 -8.91 -18.48 -40.45
CA ARG B 72 -9.69 -19.71 -40.23
C ARG B 72 -8.88 -20.96 -40.50
N ASN B 73 -7.99 -20.89 -41.49
CA ASN B 73 -7.28 -22.08 -41.98
C ASN B 73 -5.78 -22.06 -41.74
N GLN B 74 -5.31 -21.12 -40.91
CA GLN B 74 -3.88 -20.94 -40.71
C GLN B 74 -3.43 -21.56 -39.39
N LEU B 75 -2.57 -22.57 -39.47
CA LEU B 75 -1.97 -23.18 -38.29
C LEU B 75 -3.02 -23.77 -37.34
N ARG B 76 -3.97 -24.51 -37.90
CA ARG B 76 -4.93 -25.25 -37.11
C ARG B 76 -4.23 -26.19 -36.13
N ASP B 77 -4.76 -26.29 -34.92
CA ASP B 77 -4.29 -27.27 -33.94
C ASP B 77 -5.34 -28.38 -33.79
N ILE B 78 -6.54 -28.12 -34.31
CA ILE B 78 -7.61 -29.12 -34.36
C ILE B 78 -8.08 -29.19 -35.81
N PRO B 79 -7.81 -30.32 -36.48
CA PRO B 79 -7.97 -30.45 -37.92
C PRO B 79 -9.31 -29.93 -38.43
N ASP B 80 -10.41 -30.36 -37.82
CA ASP B 80 -11.73 -30.06 -38.37
C ASP B 80 -12.34 -28.78 -37.82
N ALA B 81 -11.58 -28.04 -37.02
CA ALA B 81 -12.11 -26.82 -36.41
C ALA B 81 -11.36 -25.58 -36.89
N ASP B 82 -12.02 -24.43 -36.78
CA ASP B 82 -11.39 -23.17 -37.10
C ASP B 82 -10.15 -22.99 -36.23
N ALA B 83 -9.11 -22.40 -36.80
CA ALA B 83 -7.86 -22.26 -36.07
C ALA B 83 -8.00 -21.25 -34.95
N LEU B 84 -7.10 -21.31 -33.96
CA LEU B 84 -7.15 -20.37 -32.87
C LEU B 84 -6.89 -18.94 -33.34
N TYR B 85 -6.09 -18.80 -34.40
CA TYR B 85 -5.83 -17.47 -34.95
C TYR B 85 -7.15 -16.75 -35.21
N PHE B 86 -8.10 -17.49 -35.77
CA PHE B 86 -9.39 -16.92 -36.09
C PHE B 86 -10.30 -16.69 -34.88
N THR B 87 -10.43 -17.68 -33.99
CA THR B 87 -11.37 -17.56 -32.88
C THR B 87 -10.96 -16.47 -31.88
N MET B 88 -9.65 -16.23 -31.77
CA MET B 88 -9.12 -15.21 -30.87
C MET B 88 -9.20 -13.79 -31.44
N LEU B 89 -9.78 -13.66 -32.63
CA LEU B 89 -9.87 -12.37 -33.31
C LEU B 89 -11.30 -12.11 -33.77
N ASN B 90 -12.17 -13.09 -33.60
CA ASN B 90 -13.50 -12.96 -34.19
C ASN B 90 -14.68 -13.41 -33.34
N CYS B 91 -14.52 -13.32 -32.02
CA CYS B 91 -15.64 -13.59 -31.12
C CYS B 91 -16.71 -12.53 -31.32
N ASN B 92 -17.96 -12.88 -31.01
CA ASN B 92 -19.06 -11.92 -31.00
C ASN B 92 -19.38 -11.29 -32.34
N LYS B 93 -19.03 -11.99 -33.42
CA LYS B 93 -19.37 -11.55 -34.76
C LYS B 93 -20.30 -12.58 -35.41
N ARG B 94 -21.06 -12.13 -36.40
CA ARG B 94 -21.83 -13.06 -37.24
C ARG B 94 -21.15 -13.16 -38.59
N SER B 95 -21.06 -14.38 -39.11
CA SER B 95 -20.35 -14.63 -40.35
C SER B 95 -21.29 -14.65 -41.55
N VAL B 96 -20.95 -13.84 -42.56
CA VAL B 96 -21.67 -13.80 -43.82
C VAL B 96 -20.76 -14.23 -44.96
N GLU B 97 -21.11 -15.33 -45.61
CA GLU B 97 -20.35 -15.80 -46.77
C GLU B 97 -20.86 -15.06 -48.00
N LEU B 98 -19.97 -14.46 -48.76
CA LEU B 98 -20.39 -13.62 -49.88
C LEU B 98 -19.27 -13.34 -50.88
N ASN B 99 -19.57 -13.51 -52.17
CA ASN B 99 -18.59 -13.27 -53.23
C ASN B 99 -18.82 -11.91 -53.86
N THR B 100 -18.16 -10.90 -53.32
CA THR B 100 -18.37 -9.53 -53.74
C THR B 100 -17.74 -9.25 -55.10
N LYS B 101 -17.09 -10.25 -55.68
CA LYS B 101 -16.55 -10.11 -57.03
C LYS B 101 -17.54 -10.58 -58.10
N THR B 102 -18.83 -10.58 -57.77
CA THR B 102 -19.90 -10.87 -58.75
C THR B 102 -20.95 -9.77 -58.67
N PRO B 103 -21.57 -9.44 -59.81
CA PRO B 103 -22.54 -8.34 -59.73
C PRO B 103 -23.62 -8.54 -58.65
N GLU B 104 -24.09 -9.78 -58.47
CA GLU B 104 -25.08 -10.02 -57.44
C GLU B 104 -24.49 -9.81 -56.06
N GLY B 105 -23.24 -10.24 -55.88
CA GLY B 105 -22.58 -10.12 -54.60
C GLY B 105 -22.35 -8.66 -54.24
N LYS B 106 -21.94 -7.87 -55.23
CA LYS B 106 -21.69 -6.46 -55.03
C LYS B 106 -22.95 -5.76 -54.60
N ALA B 107 -24.08 -6.17 -55.17
CA ALA B 107 -25.35 -5.54 -54.85
C ALA B 107 -25.76 -5.87 -53.42
N VAL B 108 -25.47 -7.07 -52.97
CA VAL B 108 -25.72 -7.43 -51.59
C VAL B 108 -24.82 -6.60 -50.69
N PHE B 109 -23.54 -6.56 -51.02
CA PHE B 109 -22.58 -5.77 -50.26
C PHE B 109 -23.05 -4.32 -50.16
N GLU B 110 -23.60 -3.81 -51.26
CA GLU B 110 -24.08 -2.43 -51.24
C GLU B 110 -25.23 -2.25 -50.24
N LYS B 111 -26.12 -3.24 -50.15
CA LYS B 111 -27.14 -3.20 -49.09
C LYS B 111 -26.53 -3.25 -47.68
N CYS B 112 -25.48 -4.04 -47.52
CA CYS B 112 -24.79 -4.11 -46.22
C CYS B 112 -24.20 -2.75 -45.87
N ILE B 113 -23.53 -2.14 -46.84
CA ILE B 113 -22.93 -0.82 -46.68
C ILE B 113 -23.97 0.24 -46.24
N LYS B 114 -25.17 0.16 -46.78
CA LYS B 114 -26.23 1.08 -46.37
C LYS B 114 -26.73 0.77 -44.95
N TRP B 115 -26.64 -0.50 -44.57
CA TRP B 115 -27.04 -0.95 -43.23
C TRP B 115 -26.06 -0.46 -42.16
N ALA B 116 -24.80 -0.36 -42.53
CA ALA B 116 -23.71 -0.17 -41.55
C ALA B 116 -23.45 1.28 -41.17
N ASP B 117 -22.97 1.46 -39.94
CA ASP B 117 -22.42 2.73 -39.51
C ASP B 117 -20.93 2.77 -39.83
N ILE B 118 -20.30 1.61 -39.74
CA ILE B 118 -18.86 1.48 -39.86
C ILE B 118 -18.50 0.36 -40.84
N LEU B 119 -17.64 0.67 -41.80
CA LEU B 119 -17.05 -0.34 -42.67
C LEU B 119 -15.54 -0.35 -42.46
N LEU B 120 -14.96 -1.53 -42.18
CA LEU B 120 -13.52 -1.66 -41.99
C LEU B 120 -12.94 -2.61 -43.02
N GLU B 121 -11.88 -2.19 -43.71
CA GLU B 121 -11.18 -3.10 -44.63
C GLU B 121 -9.66 -2.94 -44.62
N ASN B 122 -8.99 -4.07 -44.87
CA ASN B 122 -7.54 -4.12 -44.95
C ASN B 122 -7.06 -5.08 -46.05
N PHE B 123 -7.75 -5.11 -47.19
CA PHE B 123 -7.27 -5.93 -48.29
C PHE B 123 -6.21 -5.19 -49.09
N ARG B 124 -5.58 -5.88 -50.02
CA ARG B 124 -4.42 -5.32 -50.71
C ARG B 124 -4.75 -4.05 -51.49
N PRO B 125 -3.74 -3.20 -51.69
CA PRO B 125 -3.95 -1.90 -52.33
C PRO B 125 -4.70 -2.05 -53.66
N GLY B 126 -5.72 -1.21 -53.86
CA GLY B 126 -6.49 -1.24 -55.09
C GLY B 126 -7.66 -2.22 -55.12
N ALA B 127 -7.71 -3.15 -54.15
CA ALA B 127 -8.76 -4.18 -54.13
C ALA B 127 -10.17 -3.59 -54.12
N MET B 128 -10.44 -2.72 -53.15
CA MET B 128 -11.75 -2.08 -53.07
C MET B 128 -12.08 -1.36 -54.36
N GLU B 129 -11.09 -0.66 -54.92
CA GLU B 129 -11.28 0.09 -56.16
C GLU B 129 -11.66 -0.82 -57.32
N ARG B 130 -11.01 -1.97 -57.44
CA ARG B 130 -11.36 -2.93 -58.50
C ARG B 130 -12.70 -3.62 -58.26
N MET B 131 -13.24 -3.47 -57.06
CA MET B 131 -14.49 -4.12 -56.69
C MET B 131 -15.65 -3.16 -56.95
N GLY B 132 -15.30 -1.92 -57.24
CA GLY B 132 -16.27 -0.89 -57.56
C GLY B 132 -16.49 0.09 -56.42
N PHE B 133 -15.62 0.07 -55.41
CA PHE B 133 -15.87 0.83 -54.19
C PHE B 133 -14.79 1.84 -53.84
N THR B 134 -14.73 2.92 -54.61
CA THR B 134 -13.92 4.06 -54.23
C THR B 134 -14.58 4.72 -53.03
N TRP B 135 -13.82 5.52 -52.29
CA TRP B 135 -14.36 6.28 -51.17
C TRP B 135 -15.48 7.20 -51.67
N GLU B 136 -15.25 7.83 -52.82
CA GLU B 136 -16.26 8.68 -53.43
C GLU B 136 -17.57 7.92 -53.60
N TYR B 137 -17.48 6.69 -54.10
CA TYR B 137 -18.69 5.88 -54.28
C TYR B 137 -19.34 5.49 -52.94
N LEU B 138 -18.51 5.09 -51.98
CA LEU B 138 -19.00 4.68 -50.67
C LEU B 138 -19.81 5.79 -50.01
N GLN B 139 -19.32 7.01 -50.10
CA GLN B 139 -20.05 8.16 -49.60
C GLN B 139 -21.39 8.32 -50.31
N GLN B 140 -21.43 8.05 -51.61
CA GLN B 140 -22.68 8.13 -52.34
C GLN B 140 -23.69 7.12 -51.79
N LEU B 141 -23.22 5.94 -51.45
CA LEU B 141 -24.12 4.88 -50.97
C LEU B 141 -24.65 5.17 -49.58
N ASN B 142 -23.82 5.80 -48.76
CA ASN B 142 -24.13 6.02 -47.36
C ASN B 142 -23.30 7.19 -46.80
N PRO B 143 -23.90 8.38 -46.74
CA PRO B 143 -23.19 9.57 -46.25
C PRO B 143 -22.96 9.56 -44.75
N ARG B 144 -23.53 8.58 -44.04
CA ARG B 144 -23.25 8.42 -42.62
C ARG B 144 -22.08 7.45 -42.39
N LEU B 145 -21.59 6.83 -43.45
CA LEU B 145 -20.64 5.75 -43.30
C LEU B 145 -19.29 6.24 -42.79
N ILE B 146 -18.80 5.57 -41.75
CA ILE B 146 -17.43 5.77 -41.31
C ILE B 146 -16.59 4.60 -41.81
N TYR B 147 -15.73 4.92 -42.75
CA TYR B 147 -14.95 3.94 -43.48
C TYR B 147 -13.52 3.92 -42.97
N GLY B 148 -13.11 2.82 -42.32
CA GLY B 148 -11.75 2.67 -41.84
C GLY B 148 -10.95 1.72 -42.72
N THR B 149 -9.83 2.20 -43.26
CA THR B 149 -9.04 1.40 -44.21
C THR B 149 -7.56 1.35 -43.82
N VAL B 150 -7.00 0.15 -43.83
CA VAL B 150 -5.61 -0.08 -43.47
C VAL B 150 -4.84 -0.58 -44.67
N LYS B 151 -3.66 0.00 -44.89
CA LYS B 151 -2.72 -0.47 -45.89
C LYS B 151 -1.33 -0.54 -45.25
N GLY B 152 -0.42 -1.25 -45.89
CA GLY B 152 0.95 -1.36 -45.39
C GLY B 152 1.66 -0.01 -45.34
N PHE B 153 1.39 0.83 -46.33
CA PHE B 153 2.12 2.08 -46.52
C PHE B 153 1.14 3.15 -46.96
N GLY B 154 1.48 4.41 -46.75
CA GLY B 154 0.63 5.51 -47.19
C GLY B 154 0.47 5.53 -48.70
N GLU B 155 -0.58 6.20 -49.17
CA GLU B 155 -0.93 6.22 -50.59
C GLU B 155 0.24 6.63 -51.48
N ASN B 156 1.07 7.54 -50.99
CA ASN B 156 2.14 8.18 -51.76
C ASN B 156 3.53 7.56 -51.56
N SER B 157 3.58 6.44 -50.83
CA SER B 157 4.84 5.81 -50.48
C SER B 157 5.53 5.14 -51.67
N PRO B 158 6.87 5.24 -51.73
CA PRO B 158 7.59 4.46 -52.74
C PRO B 158 7.45 2.96 -52.49
N TRP B 159 6.95 2.55 -51.33
CA TRP B 159 6.76 1.13 -51.04
C TRP B 159 5.30 0.65 -51.16
N ALA B 160 4.41 1.51 -51.65
CA ALA B 160 2.98 1.17 -51.75
C ALA B 160 2.74 -0.16 -52.45
N GLY B 161 3.69 -0.59 -53.28
CA GLY B 161 3.59 -1.86 -53.96
C GLY B 161 4.25 -3.04 -53.25
N VAL B 162 4.79 -2.80 -52.06
CA VAL B 162 5.37 -3.89 -51.28
C VAL B 162 4.29 -4.71 -50.54
N SER B 163 4.47 -6.03 -50.45
CA SER B 163 3.54 -6.90 -49.73
C SER B 163 3.58 -6.65 -48.24
N ALA B 164 2.45 -6.24 -47.65
CA ALA B 164 2.47 -5.72 -46.30
C ALA B 164 2.24 -6.75 -45.19
N TYR B 165 3.27 -7.54 -44.88
CA TYR B 165 3.25 -8.46 -43.73
C TYR B 165 3.59 -7.73 -42.44
N GLU B 166 3.35 -8.39 -41.32
CA GLU B 166 3.71 -7.87 -39.99
C GLU B 166 5.16 -7.41 -39.94
N ASN B 167 6.08 -8.29 -40.30
CA ASN B 167 7.50 -8.00 -40.23
C ASN B 167 7.96 -6.92 -41.21
N VAL B 168 7.25 -6.80 -42.33
CA VAL B 168 7.55 -5.73 -43.27
C VAL B 168 7.24 -4.38 -42.64
N ALA B 169 6.16 -4.31 -41.90
CA ALA B 169 5.79 -3.06 -41.26
C ALA B 169 6.81 -2.72 -40.17
N GLN B 170 7.23 -3.71 -39.40
CA GLN B 170 8.25 -3.49 -38.38
C GLN B 170 9.58 -2.97 -38.97
N CYS B 171 9.95 -3.50 -40.13
CA CYS B 171 11.17 -3.04 -40.82
C CYS B 171 11.03 -1.64 -41.41
N ALA B 172 9.85 -1.32 -41.90
CA ALA B 172 9.55 -0.03 -42.51
C ALA B 172 9.36 1.10 -41.50
N GLY B 173 8.91 0.77 -40.29
CA GLY B 173 8.54 1.79 -39.31
C GLY B 173 9.60 2.13 -38.27
N GLY B 174 10.77 1.52 -38.39
CA GLY B 174 11.89 1.83 -37.51
C GLY B 174 12.13 0.84 -36.38
N ALA B 175 11.22 -0.11 -36.17
CA ALA B 175 11.28 -0.97 -35.01
C ALA B 175 12.39 -2.01 -35.09
N THR B 176 12.49 -2.74 -36.21
CA THR B 176 13.59 -3.69 -36.35
C THR B 176 14.94 -2.99 -36.36
N SER B 177 15.03 -1.82 -36.99
CA SER B 177 16.29 -1.11 -37.03
C SER B 177 16.81 -0.85 -35.63
N THR B 178 15.89 -0.58 -34.69
CA THR B 178 16.26 -0.10 -33.36
C THR B 178 16.08 -1.13 -32.26
N THR B 179 15.73 -2.35 -32.65
CA THR B 179 15.56 -3.47 -31.73
C THR B 179 16.64 -4.55 -31.89
N GLY B 180 17.18 -5.01 -30.77
CA GLY B 180 18.23 -6.01 -30.78
C GLY B 180 19.53 -5.52 -30.18
N TYR B 181 20.64 -6.09 -30.62
CA TYR B 181 21.95 -5.69 -30.11
C TYR B 181 22.71 -4.83 -31.09
N TRP B 182 23.57 -3.97 -30.55
CA TRP B 182 24.57 -3.25 -31.35
C TRP B 182 25.74 -4.18 -31.62
N ASN B 183 26.67 -3.73 -32.46
CA ASN B 183 27.89 -4.47 -32.76
C ASN B 183 29.09 -3.79 -32.13
N GLY B 184 30.00 -4.59 -31.58
CA GLY B 184 31.22 -4.05 -31.01
C GLY B 184 31.04 -3.57 -29.58
N ALA B 185 32.01 -2.80 -29.10
CA ALA B 185 32.01 -2.36 -27.71
C ALA B 185 30.80 -1.50 -27.42
N PRO B 186 30.27 -1.59 -26.19
CA PRO B 186 30.77 -2.48 -25.13
C PRO B 186 30.34 -3.93 -25.35
N LEU B 187 31.24 -4.89 -25.16
CA LEU B 187 30.92 -6.29 -25.45
C LEU B 187 30.08 -6.90 -24.32
N VAL B 188 29.03 -7.62 -24.69
CA VAL B 188 28.11 -8.18 -23.71
C VAL B 188 27.73 -9.61 -24.12
N ASP B 189 27.41 -10.44 -23.13
CA ASP B 189 27.17 -11.88 -23.35
C ASP B 189 26.10 -12.24 -24.38
N GLY B 190 25.07 -11.42 -24.51
CA GLY B 190 23.97 -11.71 -25.42
C GLY B 190 24.24 -11.41 -26.88
N GLN B 191 25.36 -10.76 -27.14
CA GLN B 191 25.71 -10.39 -28.51
C GLN B 191 26.14 -11.58 -29.35
N ALA B 192 25.75 -11.57 -30.63
CA ALA B 192 26.34 -12.48 -31.61
C ALA B 192 27.78 -12.03 -31.84
N PRO B 193 28.62 -12.92 -32.38
CA PRO B 193 30.02 -12.55 -32.67
C PRO B 193 30.14 -11.48 -33.77
N GLY B 194 31.15 -10.64 -33.67
CA GLY B 194 31.48 -9.71 -34.74
C GLY B 194 30.31 -8.79 -35.03
N ASN B 195 30.02 -8.60 -36.31
CA ASN B 195 28.98 -7.67 -36.69
C ASN B 195 27.70 -8.36 -37.10
N ASN B 196 27.48 -9.54 -36.50
CA ASN B 196 26.28 -10.32 -36.77
C ASN B 196 25.09 -9.92 -35.92
N ASN B 197 25.19 -8.80 -35.23
CA ASN B 197 24.02 -8.29 -34.50
C ASN B 197 23.19 -7.42 -35.41
N GLY B 198 22.08 -7.99 -35.89
CA GLY B 198 21.26 -7.35 -36.89
C GLY B 198 19.91 -6.87 -36.36
N PRO B 199 19.13 -6.21 -37.23
CA PRO B 199 17.78 -5.77 -36.86
C PRO B 199 16.97 -6.93 -36.31
N LEU B 200 16.18 -6.69 -35.26
CA LEU B 200 15.37 -7.78 -34.72
C LEU B 200 13.85 -7.51 -34.68
N VAL B 201 13.09 -8.50 -35.13
CA VAL B 201 11.62 -8.46 -35.09
C VAL B 201 11.10 -8.53 -33.65
N SER B 202 10.07 -7.76 -33.35
CA SER B 202 9.46 -7.82 -32.03
C SER B 202 8.29 -8.81 -32.00
N ALA B 203 8.15 -9.55 -30.90
CA ALA B 203 7.04 -10.51 -30.78
C ALA B 203 5.69 -9.81 -30.84
N ALA B 204 5.63 -8.61 -30.28
CA ALA B 204 4.40 -7.84 -30.25
C ALA B 204 3.95 -7.46 -31.67
N ALA B 205 2.65 -7.49 -31.92
CA ALA B 205 2.15 -7.21 -33.27
C ALA B 205 2.13 -5.71 -33.55
N LEU B 206 3.31 -5.10 -33.68
CA LEU B 206 3.40 -3.67 -33.94
C LEU B 206 2.72 -3.36 -35.27
N GLY B 207 2.80 -4.31 -36.18
CA GLY B 207 2.28 -4.08 -37.52
C GLY B 207 0.79 -4.37 -37.62
N ASP B 208 0.32 -5.35 -36.87
CA ASP B 208 -1.04 -5.86 -37.05
C ASP B 208 -2.07 -5.29 -36.06
N SER B 209 -2.13 -5.90 -34.88
CA SER B 209 -3.06 -5.47 -33.84
C SER B 209 -2.88 -4.00 -33.49
N ASN B 210 -1.62 -3.56 -33.42
CA ASN B 210 -1.34 -2.15 -33.11
C ASN B 210 -1.93 -1.22 -34.16
N THR B 211 -1.89 -1.62 -35.42
CA THR B 211 -2.49 -0.79 -36.47
C THR B 211 -4.01 -0.78 -36.27
N GLY B 212 -4.56 -1.91 -35.84
CA GLY B 212 -5.98 -1.99 -35.53
C GLY B 212 -6.38 -1.00 -34.46
N ASN B 213 -5.56 -0.88 -33.42
CA ASN B 213 -5.80 0.07 -32.36
C ASN B 213 -5.87 1.49 -32.93
N HIS B 214 -4.89 1.85 -33.74
CA HIS B 214 -4.86 3.18 -34.36
C HIS B 214 -6.11 3.43 -35.20
N LEU B 215 -6.55 2.39 -35.91
CA LEU B 215 -7.75 2.48 -36.75
C LEU B 215 -8.97 2.71 -35.88
N LEU B 216 -9.04 2.00 -34.75
CA LEU B 216 -10.15 2.13 -33.83
C LEU B 216 -10.19 3.54 -33.19
N ILE B 217 -9.03 4.13 -32.95
CA ILE B 217 -9.00 5.48 -32.41
C ILE B 217 -9.65 6.46 -33.38
N GLY B 218 -9.26 6.36 -34.64
CA GLY B 218 -9.81 7.20 -35.70
C GLY B 218 -11.29 6.97 -35.92
N VAL B 219 -11.71 5.71 -35.94
CA VAL B 219 -13.11 5.35 -36.17
C VAL B 219 -14.02 5.87 -35.05
N LEU B 220 -13.59 5.70 -33.80
CA LEU B 220 -14.39 6.17 -32.67
C LEU B 220 -14.41 7.70 -32.59
N ALA B 221 -13.31 8.34 -32.96
CA ALA B 221 -13.29 9.81 -32.99
C ALA B 221 -14.31 10.28 -34.02
N ALA B 222 -14.34 9.59 -35.16
CA ALA B 222 -15.23 9.95 -36.25
C ALA B 222 -16.68 9.71 -35.88
N LEU B 223 -16.93 8.60 -35.20
CA LEU B 223 -18.27 8.24 -34.73
C LEU B 223 -18.80 9.31 -33.79
N PHE B 224 -17.94 9.80 -32.89
CA PHE B 224 -18.38 10.87 -32.00
C PHE B 224 -18.70 12.15 -32.77
N GLY B 225 -17.79 12.51 -33.68
CA GLY B 225 -17.96 13.73 -34.46
C GLY B 225 -19.22 13.67 -35.32
N ARG B 226 -19.56 12.46 -35.74
CA ARG B 226 -20.75 12.26 -36.57
C ARG B 226 -22.06 12.65 -35.86
N GLU B 227 -22.05 12.61 -34.53
CA GLU B 227 -23.24 12.97 -33.74
C GLU B 227 -23.63 14.43 -33.97
N ARG B 228 -22.63 15.28 -34.17
CA ARG B 228 -22.90 16.69 -34.38
C ARG B 228 -23.14 17.06 -35.83
N THR B 229 -22.50 16.33 -36.76
CA THR B 229 -22.54 16.73 -38.17
C THR B 229 -23.47 15.88 -38.99
N GLY B 230 -23.66 14.63 -38.56
CA GLY B 230 -24.45 13.68 -39.31
C GLY B 230 -23.70 13.09 -40.48
N LYS B 231 -22.42 13.45 -40.62
CA LYS B 231 -21.61 13.00 -41.76
C LYS B 231 -20.63 11.91 -41.38
N GLY B 232 -20.46 10.94 -42.27
CA GLY B 232 -19.42 9.94 -42.11
C GLY B 232 -18.07 10.51 -42.53
N GLN B 233 -17.04 9.68 -42.57
CA GLN B 233 -15.77 10.05 -43.18
C GLN B 233 -14.82 8.85 -43.28
N LYS B 234 -13.64 9.08 -43.82
CA LYS B 234 -12.72 8.00 -44.04
C LYS B 234 -11.53 8.13 -43.10
N ILE B 235 -11.23 7.04 -42.40
CA ILE B 235 -10.04 6.95 -41.56
C ILE B 235 -9.05 6.04 -42.28
N SER B 236 -7.83 6.54 -42.45
CA SER B 236 -6.77 5.79 -43.09
C SER B 236 -5.58 5.66 -42.15
N VAL B 237 -5.12 4.44 -41.96
CA VAL B 237 -3.94 4.18 -41.15
C VAL B 237 -3.03 3.25 -41.93
N SER B 238 -1.77 3.62 -42.05
CA SER B 238 -0.82 2.71 -42.67
C SER B 238 -0.03 1.97 -41.60
N MET B 239 0.33 0.73 -41.88
CA MET B 239 1.04 -0.09 -40.90
C MET B 239 2.40 0.51 -40.56
N GLN B 240 3.08 1.05 -41.58
CA GLN B 240 4.36 1.68 -41.35
C GLN B 240 4.22 2.81 -40.34
N ASP B 241 3.17 3.62 -40.50
CA ASP B 241 2.93 4.78 -39.61
C ASP B 241 2.57 4.39 -38.19
N ALA B 242 1.79 3.32 -38.05
CA ALA B 242 1.41 2.83 -36.73
C ALA B 242 2.62 2.26 -35.99
N VAL B 243 3.52 1.61 -36.72
CA VAL B 243 4.77 1.13 -36.11
C VAL B 243 5.60 2.34 -35.65
N LEU B 244 5.73 3.31 -36.55
CA LEU B 244 6.47 4.53 -36.25
C LEU B 244 5.93 5.25 -35.02
N ASN B 245 4.61 5.28 -34.87
CA ASN B 245 4.03 5.94 -33.70
C ASN B 245 4.47 5.31 -32.39
N LEU B 246 4.55 3.99 -32.35
CA LEU B 246 5.01 3.31 -31.14
C LEU B 246 6.52 3.53 -30.92
N CYS B 247 7.24 3.86 -31.99
CA CYS B 247 8.66 4.20 -31.93
C CYS B 247 8.91 5.71 -31.86
N ARG B 248 7.93 6.45 -31.36
CA ARG B 248 8.06 7.90 -31.19
C ARG B 248 9.36 8.26 -30.45
N VAL B 249 9.71 7.53 -29.40
CA VAL B 249 10.93 7.87 -28.67
C VAL B 249 12.20 7.65 -29.48
N LYS B 250 12.17 6.72 -30.43
CA LYS B 250 13.28 6.53 -31.34
C LYS B 250 13.42 7.69 -32.34
N LEU B 251 12.31 8.32 -32.70
CA LEU B 251 12.38 9.53 -33.54
C LEU B 251 12.91 10.70 -32.70
N ARG B 252 12.54 10.71 -31.42
CA ARG B 252 13.12 11.66 -30.46
C ARG B 252 14.64 11.49 -30.42
N ASP B 253 15.09 10.26 -30.30
CA ASP B 253 16.52 9.99 -30.15
C ASP B 253 17.28 10.35 -31.42
N GLN B 254 16.66 10.11 -32.57
CA GLN B 254 17.28 10.44 -33.84
C GLN B 254 17.59 11.94 -33.92
N GLN B 255 16.63 12.76 -33.49
CA GLN B 255 16.84 14.20 -33.48
C GLN B 255 17.90 14.63 -32.47
N ARG B 256 17.90 14.01 -31.28
CA ARG B 256 18.94 14.27 -30.29
C ARG B 256 20.29 13.91 -30.88
N LEU B 257 20.37 12.74 -31.51
CA LEU B 257 21.62 12.24 -32.07
C LEU B 257 22.20 13.21 -33.10
N GLU B 258 21.36 13.63 -34.04
CA GLU B 258 21.79 14.53 -35.08
C GLU B 258 22.34 15.83 -34.51
N ARG B 259 21.69 16.37 -33.49
CA ARG B 259 22.16 17.61 -32.87
C ARG B 259 23.35 17.44 -31.92
N VAL B 260 23.28 16.43 -31.05
CA VAL B 260 24.21 16.28 -29.93
C VAL B 260 25.40 15.39 -30.25
N GLY B 261 25.23 14.45 -31.18
CA GLY B 261 26.30 13.57 -31.58
C GLY B 261 26.37 12.26 -30.78
N TYR B 262 25.64 12.19 -29.68
CA TYR B 262 25.62 10.97 -28.88
C TYR B 262 24.33 10.83 -28.12
N LEU B 263 24.11 9.65 -27.55
CA LEU B 263 22.93 9.42 -26.72
C LEU B 263 23.35 8.92 -25.35
N GLU B 264 23.37 9.82 -24.37
CA GLU B 264 24.03 9.54 -23.10
C GLU B 264 23.49 8.35 -22.33
N GLU B 265 22.22 8.00 -22.53
CA GLU B 265 21.61 6.91 -21.78
C GLU B 265 21.75 5.55 -22.48
N TYR B 266 22.26 5.57 -23.72
CA TYR B 266 22.45 4.35 -24.51
C TYR B 266 23.66 3.54 -24.04
N PRO B 267 23.62 2.22 -24.23
CA PRO B 267 24.72 1.31 -23.90
C PRO B 267 26.07 1.72 -24.52
N GLN B 268 26.05 2.31 -25.72
CA GLN B 268 27.28 2.69 -26.42
C GLN B 268 28.01 3.88 -25.80
N TYR B 269 27.35 4.60 -24.91
CA TYR B 269 28.01 5.72 -24.26
C TYR B 269 28.48 5.29 -22.87
N PRO B 270 29.77 5.52 -22.58
CA PRO B 270 30.78 6.20 -23.39
C PRO B 270 31.82 5.28 -24.04
N ASN B 271 31.63 3.97 -24.01
CA ASN B 271 32.65 3.04 -24.49
C ASN B 271 32.45 2.46 -25.89
N GLY B 272 31.33 2.82 -26.51
CA GLY B 272 31.08 2.41 -27.88
C GLY B 272 31.08 3.60 -28.82
N LYS B 273 30.48 3.41 -29.98
CA LYS B 273 30.55 4.40 -31.04
C LYS B 273 29.17 4.69 -31.60
N PHE B 274 28.88 5.97 -31.81
CA PHE B 274 27.63 6.36 -32.45
C PHE B 274 27.84 6.71 -33.92
N GLY B 275 26.84 6.41 -34.75
CA GLY B 275 26.84 6.83 -36.13
C GLY B 275 25.84 7.94 -36.41
N ASP B 276 25.29 7.97 -37.60
CA ASP B 276 24.36 9.04 -37.95
C ASP B 276 22.91 8.64 -37.71
N THR B 277 22.68 7.40 -37.26
CA THR B 277 21.33 6.94 -37.00
C THR B 277 21.23 6.17 -35.66
N VAL B 278 20.04 6.16 -35.07
CA VAL B 278 19.83 5.56 -33.74
C VAL B 278 20.21 4.09 -33.79
N PRO B 279 21.13 3.66 -32.89
CA PRO B 279 21.58 2.27 -32.90
C PRO B 279 20.71 1.40 -32.00
N ARG B 280 20.86 0.08 -32.14
CA ARG B 280 20.23 -0.86 -31.24
C ARG B 280 20.82 -0.72 -29.84
N GLY B 281 20.00 -0.96 -28.80
CA GLY B 281 20.45 -0.75 -27.43
C GLY B 281 20.22 -1.91 -26.46
N GLY B 282 20.06 -3.11 -26.98
CA GLY B 282 19.90 -4.27 -26.12
C GLY B 282 18.70 -4.13 -25.19
N ASN B 283 18.94 -4.32 -23.90
CA ASN B 283 17.87 -4.29 -22.92
C ASN B 283 17.92 -3.07 -22.03
N ALA B 284 18.53 -2.00 -22.55
CA ALA B 284 18.74 -0.75 -21.80
C ALA B 284 17.47 -0.12 -21.27
N GLY B 285 17.59 0.47 -20.07
CA GLY B 285 16.48 1.11 -19.38
C GLY B 285 15.92 2.41 -19.93
N GLY B 286 16.78 3.31 -20.40
CA GLY B 286 16.28 4.57 -20.92
C GLY B 286 16.36 5.75 -19.96
N GLY B 287 15.87 6.90 -20.41
CA GLY B 287 16.01 8.14 -19.67
C GLY B 287 15.85 8.00 -18.17
N GLY B 288 16.93 8.26 -17.44
CA GLY B 288 16.87 8.36 -16.00
C GLY B 288 16.61 7.08 -15.22
N GLN B 289 16.42 5.96 -15.92
CA GLN B 289 16.18 4.70 -15.23
C GLN B 289 16.98 3.57 -15.88
N PRO B 290 18.31 3.64 -15.77
CA PRO B 290 19.21 2.63 -16.32
C PRO B 290 18.84 1.24 -15.78
N GLY B 291 18.86 0.24 -16.64
CA GLY B 291 18.50 -1.10 -16.21
C GLY B 291 18.84 -2.11 -17.27
N TRP B 292 18.61 -3.38 -16.97
CA TRP B 292 18.97 -4.47 -17.87
C TRP B 292 18.26 -5.75 -17.46
N ILE B 293 18.22 -6.72 -18.36
CA ILE B 293 17.61 -8.03 -18.08
C ILE B 293 18.71 -8.99 -17.67
N LEU B 294 18.57 -9.61 -16.50
CA LEU B 294 19.69 -10.34 -15.90
C LEU B 294 19.39 -11.81 -15.71
N LYS B 295 20.40 -12.63 -15.97
CA LYS B 295 20.35 -14.06 -15.72
C LYS B 295 19.99 -14.34 -14.26
N CYS B 296 19.21 -15.40 -14.04
CA CYS B 296 18.97 -15.93 -12.71
C CYS B 296 19.35 -17.42 -12.75
N LYS B 297 19.41 -18.06 -11.58
CA LYS B 297 19.71 -19.49 -11.52
C LYS B 297 18.79 -20.20 -12.51
N GLY B 298 19.36 -21.13 -13.27
CA GLY B 298 18.56 -21.91 -14.21
C GLY B 298 18.58 -21.41 -15.65
N TRP B 299 19.28 -20.30 -15.93
CA TRP B 299 19.25 -19.73 -17.27
C TRP B 299 19.75 -20.67 -18.38
N GLU B 300 20.65 -21.59 -18.06
CA GLU B 300 21.19 -22.48 -19.09
C GLU B 300 20.17 -23.48 -19.66
N THR B 301 19.10 -23.76 -18.92
CA THR B 301 18.09 -24.70 -19.39
C THR B 301 16.70 -24.10 -19.42
N ASP B 302 16.55 -22.90 -18.83
CA ASP B 302 15.25 -22.25 -18.75
C ASP B 302 15.33 -20.88 -19.45
N ASP B 303 14.75 -20.80 -20.64
CA ASP B 303 14.84 -19.59 -21.46
C ASP B 303 14.26 -18.34 -20.79
N ASN B 304 13.57 -18.55 -19.69
CA ASN B 304 12.91 -17.46 -19.00
C ASN B 304 13.34 -17.25 -17.56
N ALA B 305 14.49 -17.80 -17.19
CA ALA B 305 15.04 -17.62 -15.85
C ALA B 305 15.76 -16.28 -15.79
N TYR B 306 14.98 -15.19 -15.85
CA TYR B 306 15.51 -13.84 -15.97
C TYR B 306 14.65 -12.83 -15.21
N ILE B 307 15.27 -11.73 -14.81
CA ILE B 307 14.54 -10.61 -14.25
C ILE B 307 14.95 -9.32 -14.98
N TYR B 308 14.19 -8.26 -14.76
CA TYR B 308 14.60 -6.93 -15.19
C TYR B 308 14.93 -6.17 -13.92
N CYS B 309 16.03 -5.43 -13.95
CA CYS B 309 16.45 -4.72 -12.74
C CYS B 309 16.91 -3.31 -13.07
N THR B 310 16.49 -2.34 -12.27
CA THR B 310 16.87 -0.95 -12.49
C THR B 310 17.95 -0.55 -11.51
N VAL B 311 18.95 0.21 -11.97
CA VAL B 311 19.88 0.82 -11.03
C VAL B 311 19.47 2.27 -10.88
N GLN B 312 18.60 2.53 -9.90
CA GLN B 312 17.98 3.86 -9.83
C GLN B 312 18.95 4.95 -9.41
N GLU B 313 18.61 6.16 -9.79
CA GLU B 313 19.46 7.32 -9.57
C GLU B 313 19.22 7.92 -8.20
N GLN B 314 18.72 7.10 -7.27
CA GLN B 314 18.59 7.46 -5.87
C GLN B 314 18.90 6.21 -5.05
N ASP B 315 19.02 6.37 -3.74
CA ASP B 315 19.22 5.21 -2.87
C ASP B 315 20.23 4.18 -3.45
N TRP B 316 21.43 4.64 -3.76
CA TRP B 316 22.51 3.76 -4.22
C TRP B 316 22.99 2.87 -3.07
N GLY B 317 22.94 3.42 -1.86
CA GLY B 317 23.28 2.67 -0.65
C GLY B 317 22.61 1.31 -0.56
N PRO B 318 21.27 1.28 -0.57
CA PRO B 318 20.53 0.01 -0.53
C PRO B 318 20.87 -0.91 -1.70
N THR B 319 21.05 -0.34 -2.89
CA THR B 319 21.43 -1.15 -4.05
C THR B 319 22.76 -1.85 -3.78
N CYS B 320 23.73 -1.12 -3.23
CA CYS B 320 25.04 -1.70 -2.93
C CYS B 320 24.95 -2.87 -1.96
N GLU B 321 24.14 -2.71 -0.92
CA GLU B 321 23.96 -3.78 0.06
C GLU B 321 23.29 -5.00 -0.57
N ALA B 322 22.26 -4.77 -1.37
CA ALA B 322 21.53 -5.89 -1.98
C ALA B 322 22.48 -6.81 -2.74
N ILE B 323 23.48 -6.23 -3.39
CA ILE B 323 24.37 -7.01 -4.23
C ILE B 323 25.72 -7.33 -3.58
N GLY B 324 25.87 -6.96 -2.31
CA GLY B 324 27.06 -7.31 -1.55
C GLY B 324 28.28 -6.46 -1.90
N LYS B 325 28.05 -5.25 -2.39
CA LYS B 325 29.11 -4.29 -2.68
C LYS B 325 29.02 -3.07 -1.77
N PRO B 326 29.04 -3.29 -0.45
CA PRO B 326 28.86 -2.14 0.46
C PRO B 326 29.96 -1.10 0.24
N GLU B 327 31.12 -1.59 -0.18
CA GLU B 327 32.27 -0.78 -0.55
C GLU B 327 31.98 0.28 -1.63
N TRP B 328 30.98 0.02 -2.46
CA TRP B 328 30.66 0.93 -3.56
C TRP B 328 29.89 2.17 -3.10
N ALA B 329 29.21 2.07 -1.96
CA ALA B 329 28.43 3.20 -1.47
C ALA B 329 29.27 4.47 -1.28
N THR B 330 30.58 4.29 -1.09
CA THR B 330 31.48 5.43 -0.90
C THR B 330 32.53 5.59 -2.01
N ASP B 331 32.78 4.53 -2.77
CA ASP B 331 33.74 4.61 -3.86
C ASP B 331 33.34 5.71 -4.83
N PRO B 332 34.20 6.74 -4.99
CA PRO B 332 33.85 7.94 -5.75
C PRO B 332 33.40 7.58 -7.16
N LYS B 333 33.77 6.37 -7.56
CA LYS B 333 33.50 5.84 -8.89
C LYS B 333 32.09 5.27 -9.05
N TYR B 334 31.21 5.49 -8.06
CA TYR B 334 29.88 4.87 -8.09
C TYR B 334 28.75 5.67 -7.44
N ASN B 335 29.07 6.42 -6.39
CA ASN B 335 28.02 6.95 -5.50
C ASN B 335 27.24 8.16 -6.00
N THR B 336 27.47 8.54 -7.26
CA THR B 336 26.70 9.61 -7.86
C THR B 336 25.97 9.09 -9.10
N ALA B 337 24.72 9.47 -9.25
CA ALA B 337 23.96 9.08 -10.43
C ALA B 337 24.85 9.15 -11.67
N LYS B 338 25.48 10.30 -11.86
CA LYS B 338 26.24 10.57 -13.09
C LYS B 338 27.64 9.95 -13.15
N ALA B 339 28.08 9.28 -12.09
CA ALA B 339 29.38 8.60 -12.12
C ALA B 339 29.25 7.11 -12.42
N ARG B 340 28.19 6.48 -11.92
CA ARG B 340 27.92 5.10 -12.25
C ARG B 340 27.35 5.01 -13.66
N GLU B 341 27.06 6.17 -14.25
CA GLU B 341 26.68 6.29 -15.66
C GLU B 341 27.63 5.56 -16.60
N THR B 342 28.90 5.51 -16.24
CA THR B 342 29.96 4.99 -17.10
C THR B 342 30.33 3.54 -16.80
N HIS B 343 29.79 3.00 -15.72
CA HIS B 343 30.25 1.69 -15.26
C HIS B 343 29.11 0.69 -15.16
N MET B 344 28.00 0.98 -15.82
CA MET B 344 26.79 0.19 -15.67
C MET B 344 26.95 -1.31 -15.89
N PHE B 345 27.70 -1.70 -16.91
CA PHE B 345 27.83 -3.13 -17.20
C PHE B 345 28.63 -3.92 -16.14
N GLU B 346 29.58 -3.27 -15.49
CA GLU B 346 30.22 -3.86 -14.32
C GLU B 346 29.19 -4.05 -13.21
N ILE B 347 28.38 -3.01 -13.00
CA ILE B 347 27.30 -3.05 -12.03
C ILE B 347 26.28 -4.17 -12.32
N PHE B 348 25.83 -4.27 -13.57
CA PHE B 348 24.94 -5.37 -13.95
C PHE B 348 25.56 -6.75 -13.64
N ALA B 349 26.84 -6.92 -13.94
CA ALA B 349 27.52 -8.18 -13.66
C ALA B 349 27.52 -8.49 -12.15
N ALA B 350 27.74 -7.47 -11.33
CA ALA B 350 27.74 -7.67 -9.88
C ALA B 350 26.38 -8.13 -9.39
N ILE B 351 25.33 -7.59 -10.00
CA ILE B 351 23.97 -7.98 -9.63
C ILE B 351 23.69 -9.44 -9.99
N GLU B 352 24.01 -9.83 -11.22
CA GLU B 352 23.85 -11.23 -11.66
C GLU B 352 24.63 -12.19 -10.77
N LYS B 353 25.83 -11.80 -10.38
CA LYS B 353 26.60 -12.61 -9.45
C LYS B 353 25.86 -12.74 -8.13
N ALA B 354 25.29 -11.64 -7.64
CA ALA B 354 24.52 -11.70 -6.41
C ALA B 354 23.26 -12.58 -6.47
N ILE B 355 22.69 -12.76 -7.67
CA ILE B 355 21.44 -13.51 -7.79
C ILE B 355 21.62 -14.85 -8.51
N ALA B 356 22.87 -15.22 -8.76
CA ALA B 356 23.17 -16.39 -9.56
C ALA B 356 22.65 -17.69 -8.94
N ASP B 357 22.33 -17.62 -7.65
CA ASP B 357 21.86 -18.77 -6.86
C ASP B 357 20.36 -18.75 -6.62
N LYS B 358 19.70 -17.73 -7.16
CA LYS B 358 18.29 -17.53 -6.89
C LYS B 358 17.45 -17.72 -8.14
N THR B 359 16.27 -18.34 -8.01
CA THR B 359 15.28 -18.32 -9.08
C THR B 359 14.88 -16.87 -9.36
N LYS B 360 14.17 -16.61 -10.45
CA LYS B 360 13.77 -15.22 -10.73
C LYS B 360 12.85 -14.67 -9.62
N TYR B 361 12.02 -15.54 -9.07
CA TYR B 361 11.12 -15.11 -7.99
C TYR B 361 11.88 -14.86 -6.69
N GLU B 362 12.90 -15.68 -6.44
CA GLU B 362 13.80 -15.49 -5.29
C GLU B 362 14.66 -14.23 -5.44
N ALA B 363 15.11 -13.98 -6.67
CA ALA B 363 15.92 -12.81 -6.94
C ALA B 363 15.10 -11.54 -6.72
N VAL B 364 13.89 -11.52 -7.26
CA VAL B 364 13.01 -10.38 -7.06
C VAL B 364 12.76 -10.14 -5.56
N ALA B 365 12.48 -11.22 -4.81
CA ALA B 365 12.15 -11.07 -3.40
C ALA B 365 13.35 -10.54 -2.61
N HIS B 366 14.54 -11.03 -2.94
CA HIS B 366 15.78 -10.55 -2.32
C HIS B 366 16.03 -9.06 -2.60
N LEU B 367 15.92 -8.65 -3.85
CA LEU B 367 16.20 -7.26 -4.21
C LEU B 367 15.11 -6.32 -3.69
N ALA B 368 13.88 -6.83 -3.62
CA ALA B 368 12.77 -6.05 -3.06
C ALA B 368 12.97 -5.75 -1.58
N LYS B 369 13.67 -6.63 -0.86
CA LYS B 369 13.96 -6.43 0.57
C LYS B 369 14.55 -5.05 0.76
N TYR B 370 15.36 -4.64 -0.21
CA TYR B 370 16.09 -3.39 -0.14
C TYR B 370 15.43 -2.32 -0.99
N ARG B 371 14.27 -2.64 -1.58
CA ARG B 371 13.57 -1.73 -2.49
C ARG B 371 14.36 -1.42 -3.77
N VAL B 372 15.11 -2.39 -4.26
CA VAL B 372 15.71 -2.27 -5.57
C VAL B 372 14.63 -2.63 -6.59
N PRO B 373 14.23 -1.68 -7.45
CA PRO B 373 13.14 -1.96 -8.40
C PRO B 373 13.50 -3.04 -9.39
N CYS B 374 12.67 -4.08 -9.46
CA CYS B 374 12.93 -5.20 -10.35
C CYS B 374 11.65 -5.96 -10.61
N SER B 375 11.70 -6.91 -11.52
CA SER B 375 10.50 -7.59 -11.95
C SER B 375 10.86 -8.83 -12.74
N PRO B 376 10.04 -9.87 -12.63
CA PRO B 376 10.35 -11.11 -13.32
C PRO B 376 10.00 -11.01 -14.80
N VAL B 377 10.73 -11.78 -15.60
CA VAL B 377 10.30 -12.02 -16.95
C VAL B 377 9.31 -13.17 -16.87
N LEU B 378 8.11 -12.97 -17.41
CA LEU B 378 7.05 -13.97 -17.30
C LEU B 378 6.83 -14.64 -18.65
N SER B 379 6.85 -15.97 -18.66
CA SER B 379 6.65 -16.75 -19.88
C SER B 379 5.18 -16.70 -20.23
N MET B 380 4.83 -17.07 -21.46
CA MET B 380 3.41 -17.11 -21.87
C MET B 380 2.67 -18.17 -21.06
N LYS B 381 3.37 -19.22 -20.65
CA LYS B 381 2.76 -20.25 -19.81
C LYS B 381 2.34 -19.65 -18.47
N GLU B 382 3.23 -18.88 -17.85
CA GLU B 382 2.93 -18.30 -16.55
C GLU B 382 1.80 -17.28 -16.65
N ILE B 383 1.81 -16.52 -17.75
CA ILE B 383 0.76 -15.55 -18.02
C ILE B 383 -0.58 -16.24 -18.26
N ALA B 384 -0.57 -17.25 -19.14
CA ALA B 384 -1.78 -17.99 -19.46
C ALA B 384 -2.44 -18.59 -18.21
N GLU B 385 -1.62 -19.01 -17.25
CA GLU B 385 -2.10 -19.72 -16.07
C GLU B 385 -2.39 -18.79 -14.89
N ALA B 386 -1.99 -17.53 -15.01
CA ALA B 386 -2.13 -16.56 -13.91
C ALA B 386 -3.57 -16.38 -13.43
N PRO B 387 -3.86 -16.75 -12.17
CA PRO B 387 -5.22 -16.55 -11.66
C PRO B 387 -5.65 -15.08 -11.56
N ASP B 388 -4.73 -14.15 -11.27
CA ASP B 388 -5.13 -12.74 -11.15
C ASP B 388 -5.62 -12.17 -12.49
N LEU B 389 -5.11 -12.70 -13.60
CA LEU B 389 -5.53 -12.22 -14.92
C LEU B 389 -6.90 -12.80 -15.32
N ARG B 390 -7.23 -13.99 -14.80
CA ARG B 390 -8.59 -14.53 -15.00
C ARG B 390 -9.59 -13.74 -14.16
N GLU B 391 -9.22 -13.43 -12.93
CA GLU B 391 -10.09 -12.74 -11.97
C GLU B 391 -10.39 -11.31 -12.40
N SER B 392 -9.46 -10.69 -13.14
CA SER B 392 -9.67 -9.33 -13.57
C SER B 392 -10.48 -9.27 -14.87
N GLY B 393 -10.63 -10.43 -15.52
CA GLY B 393 -11.28 -10.48 -16.82
C GLY B 393 -10.34 -10.18 -17.99
N THR B 394 -9.04 -10.14 -17.75
CA THR B 394 -8.07 -9.84 -18.80
C THR B 394 -7.82 -11.04 -19.70
N ILE B 395 -7.72 -12.22 -19.10
CA ILE B 395 -7.70 -13.47 -19.87
C ILE B 395 -9.03 -14.17 -19.59
N VAL B 396 -9.76 -14.47 -20.65
CA VAL B 396 -11.11 -15.00 -20.53
C VAL B 396 -11.22 -16.34 -21.25
N GLU B 397 -11.80 -17.33 -20.58
CA GLU B 397 -12.02 -18.62 -21.22
C GLU B 397 -13.35 -18.55 -21.95
N VAL B 398 -13.36 -19.01 -23.20
CA VAL B 398 -14.55 -18.90 -24.05
C VAL B 398 -14.98 -20.27 -24.56
N GLN B 399 -16.30 -20.52 -24.53
CA GLN B 399 -16.87 -21.76 -25.01
C GLN B 399 -16.94 -21.72 -26.51
N GLN B 400 -16.28 -22.66 -27.17
CA GLN B 400 -16.22 -22.66 -28.63
C GLN B 400 -16.59 -24.04 -29.15
N PRO B 401 -17.60 -24.11 -30.02
CA PRO B 401 -18.04 -25.39 -30.58
C PRO B 401 -16.95 -26.05 -31.44
N LYS B 402 -16.84 -27.38 -31.33
CA LYS B 402 -15.85 -28.17 -32.06
C LYS B 402 -14.45 -28.04 -31.47
N ARG B 403 -14.33 -27.25 -30.40
CA ARG B 403 -13.02 -26.96 -29.82
C ARG B 403 -13.02 -27.20 -28.32
N GLY B 404 -14.08 -26.74 -27.65
CA GLY B 404 -14.18 -26.85 -26.22
C GLY B 404 -14.11 -25.49 -25.57
N THR B 405 -12.94 -25.15 -25.03
CA THR B 405 -12.68 -23.79 -24.54
C THR B 405 -11.37 -23.29 -25.12
N PHE B 406 -11.18 -21.98 -25.11
CA PHE B 406 -9.89 -21.38 -25.46
C PHE B 406 -9.80 -20.06 -24.72
N LEU B 407 -8.61 -19.47 -24.67
CA LEU B 407 -8.37 -18.23 -23.92
C LEU B 407 -8.26 -17.05 -24.87
N THR B 408 -8.85 -15.93 -24.50
CA THR B 408 -8.72 -14.70 -25.28
C THR B 408 -8.36 -13.55 -24.34
N ILE B 409 -7.97 -12.42 -24.89
CA ILE B 409 -7.51 -11.29 -24.09
C ILE B 409 -8.46 -10.11 -24.25
N ASN B 410 -8.86 -9.54 -23.12
CA ASN B 410 -9.66 -8.33 -23.12
C ASN B 410 -8.99 -7.23 -22.31
N PRO B 411 -8.35 -6.28 -23.00
CA PRO B 411 -7.36 -5.34 -22.45
C PRO B 411 -7.89 -4.11 -21.70
N ILE B 412 -9.02 -3.56 -22.11
CA ILE B 412 -9.49 -2.27 -21.58
C ILE B 412 -10.72 -2.43 -20.67
N LYS B 413 -10.61 -1.96 -19.43
CA LYS B 413 -11.71 -2.15 -18.45
C LYS B 413 -12.59 -0.91 -18.36
N PHE B 414 -13.91 -1.13 -18.28
CA PHE B 414 -14.89 -0.06 -18.17
C PHE B 414 -15.65 -0.20 -16.85
N SER B 415 -15.87 0.90 -16.12
CA SER B 415 -16.64 0.79 -14.88
C SER B 415 -18.14 0.51 -15.13
N GLY B 416 -18.63 0.86 -16.30
CA GLY B 416 -20.06 0.80 -16.58
C GLY B 416 -20.61 -0.54 -17.07
N PHE B 417 -19.75 -1.40 -17.59
CA PHE B 417 -20.21 -2.67 -18.13
C PHE B 417 -19.03 -3.62 -18.30
N THR B 418 -19.33 -4.90 -18.44
CA THR B 418 -18.33 -5.90 -18.74
C THR B 418 -18.81 -6.68 -19.95
N PRO B 419 -17.94 -6.80 -20.96
CA PRO B 419 -18.23 -7.55 -22.18
C PRO B 419 -18.65 -9.00 -21.88
N GLU B 420 -19.62 -9.50 -22.65
CA GLU B 420 -19.95 -10.91 -22.57
C GLU B 420 -19.40 -11.59 -23.81
N ILE B 421 -18.24 -12.23 -23.65
CA ILE B 421 -17.50 -12.74 -24.79
C ILE B 421 -18.03 -14.08 -25.25
N LYS B 422 -18.47 -14.14 -26.51
CA LYS B 422 -19.10 -15.34 -27.01
C LYS B 422 -18.37 -15.92 -28.19
N ALA B 423 -18.69 -17.17 -28.52
CA ALA B 423 -18.02 -17.94 -29.57
C ALA B 423 -17.85 -17.20 -30.89
N ALA B 424 -16.75 -17.48 -31.59
CA ALA B 424 -16.56 -17.00 -32.94
C ALA B 424 -17.38 -17.87 -33.92
N PRO B 425 -17.95 -17.25 -34.95
CA PRO B 425 -18.88 -17.88 -35.90
C PRO B 425 -18.23 -18.88 -36.84
N LEU B 426 -18.97 -19.91 -37.22
CA LEU B 426 -18.57 -20.77 -38.32
C LEU B 426 -18.76 -19.99 -39.62
N LEU B 427 -18.04 -20.39 -40.66
CA LEU B 427 -18.13 -19.72 -41.94
C LEU B 427 -19.57 -19.74 -42.45
N GLY B 428 -20.14 -18.56 -42.66
CA GLY B 428 -21.47 -18.43 -43.22
C GLY B 428 -22.57 -18.86 -42.27
N GLN B 429 -22.24 -19.00 -40.99
CA GLN B 429 -23.23 -19.40 -39.99
C GLN B 429 -24.44 -18.45 -39.95
N HIS B 430 -24.24 -17.19 -40.30
CA HIS B 430 -25.32 -16.20 -40.22
C HIS B 430 -25.72 -15.60 -41.57
N THR B 431 -25.21 -16.15 -42.66
CA THR B 431 -25.44 -15.53 -43.97
C THR B 431 -26.92 -15.25 -44.22
N ASP B 432 -27.75 -16.29 -44.11
CA ASP B 432 -29.17 -16.16 -44.45
C ASP B 432 -29.94 -15.34 -43.43
N GLU B 433 -29.48 -15.38 -42.18
CA GLU B 433 -30.08 -14.62 -41.09
C GLU B 433 -29.88 -13.11 -41.32
N VAL B 434 -28.69 -12.75 -41.80
CA VAL B 434 -28.38 -11.36 -42.06
C VAL B 434 -29.05 -10.87 -43.33
N LEU B 435 -29.04 -11.71 -44.37
CA LEU B 435 -29.73 -11.38 -45.61
C LEU B 435 -31.21 -11.12 -45.30
N ALA B 436 -31.83 -12.03 -44.55
CA ALA B 436 -33.21 -11.85 -44.12
C ALA B 436 -33.36 -10.54 -43.36
N GLU B 437 -32.40 -10.25 -42.48
CA GLU B 437 -32.43 -9.00 -41.73
C GLU B 437 -32.31 -7.80 -42.65
N LEU B 438 -31.64 -7.98 -43.79
CA LEU B 438 -31.49 -6.89 -44.74
C LEU B 438 -32.72 -6.69 -45.64
N GLY B 439 -33.66 -7.63 -45.62
CA GLY B 439 -34.88 -7.48 -46.40
C GLY B 439 -35.01 -8.41 -47.60
N TYR B 440 -34.11 -9.37 -47.71
CA TYR B 440 -34.19 -10.38 -48.76
C TYR B 440 -35.22 -11.45 -48.40
N SER B 441 -36.06 -11.81 -49.36
CA SER B 441 -37.08 -12.83 -49.15
C SER B 441 -36.44 -14.21 -49.20
N ALA B 442 -37.23 -15.24 -48.94
CA ALA B 442 -36.72 -16.60 -48.92
C ALA B 442 -36.27 -17.05 -50.32
N GLU B 443 -36.90 -16.51 -51.35
CA GLU B 443 -36.58 -16.89 -52.73
C GLU B 443 -35.25 -16.30 -53.18
N GLU B 444 -35.05 -15.02 -52.93
CA GLU B 444 -33.80 -14.37 -53.29
C GLU B 444 -32.62 -15.00 -52.55
N ILE B 445 -32.85 -15.39 -51.30
CA ILE B 445 -31.81 -16.03 -50.49
C ILE B 445 -31.43 -17.38 -51.07
N LYS B 446 -32.43 -18.19 -51.42
CA LYS B 446 -32.14 -19.48 -52.02
C LYS B 446 -31.51 -19.26 -53.39
N SER B 447 -31.96 -18.20 -54.05
CA SER B 447 -31.42 -17.82 -55.34
C SER B 447 -29.94 -17.48 -55.23
N LEU B 448 -29.58 -16.68 -54.24
CA LEU B 448 -28.17 -16.29 -54.06
C LEU B 448 -27.29 -17.49 -53.78
N ARG B 449 -27.81 -18.45 -53.02
CA ARG B 449 -27.05 -19.65 -52.71
C ARG B 449 -27.05 -20.60 -53.90
N ASP B 450 -28.12 -20.56 -54.69
CA ASP B 450 -28.18 -21.33 -55.92
C ASP B 450 -27.11 -20.86 -56.90
N LYS B 451 -26.98 -19.54 -57.01
CA LYS B 451 -26.05 -18.94 -57.96
C LYS B 451 -24.61 -18.92 -57.44
N LYS B 452 -24.37 -19.59 -56.32
CA LYS B 452 -23.04 -19.68 -55.71
C LYS B 452 -22.47 -18.30 -55.39
N ILE B 453 -23.33 -17.40 -54.95
CA ILE B 453 -22.91 -16.07 -54.51
C ILE B 453 -22.63 -16.09 -53.00
N THR B 454 -23.31 -16.99 -52.32
CA THR B 454 -23.23 -17.09 -50.86
C THR B 454 -22.53 -18.39 -50.42
N CYS B 455 -22.00 -19.13 -51.38
CA CYS B 455 -21.32 -20.37 -51.07
C CYS B 455 -20.38 -20.74 -52.20
N ALA B 456 -19.61 -21.82 -52.00
CA ALA B 456 -18.59 -22.23 -52.97
C ALA B 456 -19.09 -23.30 -53.94
N SER C 28 25.15 6.67 39.46
CA SER C 28 25.25 6.98 38.03
C SER C 28 23.95 6.60 37.30
N LYS C 29 23.84 6.97 36.04
CA LYS C 29 22.64 6.68 35.26
C LYS C 29 22.82 5.39 34.44
N PRO C 30 21.81 4.51 34.45
CA PRO C 30 21.98 3.19 33.83
C PRO C 30 22.09 3.23 32.30
N LEU C 31 21.65 4.31 31.68
CA LEU C 31 21.64 4.41 30.23
C LEU C 31 22.71 5.38 29.77
N ASP C 32 23.60 5.75 30.68
CA ASP C 32 24.68 6.68 30.33
C ASP C 32 25.49 6.17 29.15
N GLY C 33 25.71 7.05 28.18
CA GLY C 33 26.53 6.71 27.03
C GLY C 33 25.79 5.92 25.94
N ILE C 34 24.51 5.64 26.15
CA ILE C 34 23.71 5.04 25.09
C ILE C 34 23.12 6.14 24.23
N LYS C 35 23.16 5.94 22.93
CA LYS C 35 22.77 6.96 21.97
C LYS C 35 21.47 6.58 21.29
N VAL C 36 20.53 7.51 21.33
CA VAL C 36 19.18 7.24 20.86
C VAL C 36 18.74 8.28 19.85
N ILE C 37 18.11 7.82 18.77
CA ILE C 37 17.42 8.71 17.85
C ILE C 37 15.91 8.61 18.05
N ASP C 38 15.29 9.72 18.45
CA ASP C 38 13.83 9.87 18.43
C ASP C 38 13.49 10.35 17.03
N PHE C 39 13.01 9.43 16.20
CA PHE C 39 12.58 9.77 14.84
C PHE C 39 11.08 9.52 14.76
N GLY C 40 10.34 10.19 15.60
CA GLY C 40 8.92 9.94 15.70
C GLY C 40 8.14 11.20 16.01
N GLY C 41 6.89 11.00 16.43
CA GLY C 41 6.03 12.13 16.73
C GLY C 41 4.95 11.75 17.73
N VAL C 42 4.24 12.77 18.20
CA VAL C 42 3.15 12.55 19.15
C VAL C 42 3.69 11.91 20.43
N GLN C 43 3.05 10.84 20.90
CA GLN C 43 3.41 10.33 22.23
C GLN C 43 4.27 9.09 22.29
N SER C 44 3.89 8.06 21.54
CA SER C 44 4.48 6.73 21.77
C SER C 44 5.99 6.77 21.75
N VAL C 45 6.55 7.06 20.59
CA VAL C 45 8.01 7.10 20.47
C VAL C 45 8.66 8.20 21.29
N PRO C 46 8.17 9.45 21.15
CA PRO C 46 8.77 10.52 21.96
C PRO C 46 8.71 10.27 23.49
N SER C 47 7.65 9.66 24.01
CA SER C 47 7.64 9.39 25.45
C SER C 47 8.70 8.34 25.81
N ALA C 48 8.83 7.32 25.00
CA ALA C 48 9.83 6.29 25.25
C ALA C 48 11.22 6.93 25.21
N ALA C 49 11.47 7.78 24.22
CA ALA C 49 12.78 8.44 24.10
C ALA C 49 13.05 9.39 25.26
N GLN C 50 11.99 10.01 25.78
CA GLN C 50 12.14 10.91 26.92
C GLN C 50 12.57 10.13 28.18
N LEU C 51 11.90 9.02 28.46
CA LEU C 51 12.32 8.21 29.61
C LEU C 51 13.77 7.74 29.49
N LEU C 52 14.16 7.29 28.29
CA LEU C 52 15.56 6.94 28.01
C LEU C 52 16.55 8.07 28.31
N ALA C 53 16.22 9.28 27.89
CA ALA C 53 17.05 10.44 28.22
C ALA C 53 17.14 10.68 29.73
N TRP C 54 16.02 10.56 30.43
CA TRP C 54 16.03 10.76 31.88
C TRP C 54 16.86 9.69 32.57
N TYR C 55 16.95 8.51 31.96
CA TYR C 55 17.70 7.42 32.58
C TYR C 55 19.16 7.48 32.17
N GLY C 56 19.50 8.48 31.37
CA GLY C 56 20.89 8.79 31.07
C GLY C 56 21.33 8.77 29.62
N ALA C 57 20.45 8.36 28.71
CA ALA C 57 20.82 8.25 27.30
C ALA C 57 21.10 9.60 26.65
N ASP C 58 21.84 9.56 25.56
CA ASP C 58 22.13 10.73 24.72
C ASP C 58 21.11 10.69 23.58
N VAL C 59 20.04 11.47 23.72
CA VAL C 59 18.91 11.38 22.82
C VAL C 59 18.90 12.58 21.90
N ILE C 60 18.95 12.33 20.60
CA ILE C 60 18.77 13.40 19.63
C ILE C 60 17.44 13.16 18.95
N LYS C 61 16.69 14.23 18.73
CA LYS C 61 15.38 14.14 18.11
C LYS C 61 15.48 14.70 16.70
N ILE C 62 15.30 13.83 15.72
CA ILE C 62 15.37 14.24 14.33
C ILE C 62 14.02 14.64 13.80
N GLU C 63 13.88 15.91 13.45
CA GLU C 63 12.57 16.51 13.19
C GLU C 63 12.52 17.19 11.84
N ARG C 64 11.36 17.14 11.20
CA ARG C 64 11.19 17.76 9.89
C ARG C 64 11.39 19.29 9.94
N VAL C 65 11.89 19.85 8.85
CA VAL C 65 12.26 21.26 8.83
C VAL C 65 11.04 22.15 8.98
N GLY C 66 11.25 23.36 9.49
CA GLY C 66 10.16 24.32 9.62
C GLY C 66 9.21 24.10 10.79
N VAL C 67 8.60 22.92 10.86
CA VAL C 67 7.54 22.65 11.81
C VAL C 67 7.96 21.67 12.92
N GLY C 68 8.82 20.72 12.58
CA GLY C 68 9.23 19.70 13.54
C GLY C 68 8.08 18.80 13.92
N ASP C 69 8.22 18.13 15.05
CA ASP C 69 7.18 17.26 15.61
C ASP C 69 5.84 17.99 15.67
N ILE C 70 4.79 17.29 15.29
CA ILE C 70 3.45 17.87 15.27
C ILE C 70 3.03 18.41 16.65
N THR C 71 3.59 17.85 17.73
CA THR C 71 3.23 18.31 19.06
C THR C 71 3.69 19.75 19.34
N ARG C 72 4.68 20.22 18.60
CA ARG C 72 5.17 21.58 18.81
C ARG C 72 4.11 22.64 18.54
N ASN C 73 3.26 22.39 17.55
CA ASN C 73 2.34 23.43 17.10
C ASN C 73 0.87 23.14 17.44
N GLN C 74 0.62 22.04 18.15
CA GLN C 74 -0.75 21.60 18.41
C GLN C 74 -1.29 22.14 19.74
N LEU C 75 -2.32 22.99 19.63
CA LEU C 75 -2.98 23.59 20.79
C LEU C 75 -2.01 24.36 21.68
N ARG C 76 -1.16 25.20 21.06
CA ARG C 76 -0.30 26.10 21.83
C ARG C 76 -1.16 26.96 22.76
N ASP C 77 -0.70 27.13 24.00
CA ASP C 77 -1.33 28.06 24.94
C ASP C 77 -0.57 29.40 24.92
N ILE C 78 0.68 29.36 24.46
CA ILE C 78 1.46 30.56 24.19
C ILE C 78 1.79 30.59 22.69
N PRO C 79 1.19 31.54 21.95
CA PRO C 79 1.28 31.47 20.49
C PRO C 79 2.71 31.36 19.96
N ASP C 80 3.68 32.00 20.60
CA ASP C 80 5.06 31.96 20.07
C ASP C 80 6.01 31.02 20.82
N ALA C 81 5.45 30.12 21.61
CA ALA C 81 6.26 29.10 22.28
C ALA C 81 5.77 27.70 21.91
N ASP C 82 6.67 26.72 21.92
CA ASP C 82 6.25 25.32 21.73
C ASP C 82 5.11 24.98 22.68
N ALA C 83 4.16 24.19 22.18
CA ALA C 83 3.04 23.74 22.97
C ALA C 83 3.43 22.83 24.11
N LEU C 84 2.60 22.80 25.15
CA LEU C 84 2.82 21.91 26.29
C LEU C 84 2.84 20.44 25.87
N TYR C 85 2.12 20.10 24.81
CA TYR C 85 2.12 18.72 24.30
C TYR C 85 3.56 18.33 23.98
N PHE C 86 4.27 19.22 23.31
CA PHE C 86 5.67 18.98 23.01
C PHE C 86 6.59 19.00 24.24
N THR C 87 6.45 20.00 25.12
CA THR C 87 7.42 20.11 26.22
C THR C 87 7.30 18.97 27.23
N MET C 88 6.09 18.42 27.35
CA MET C 88 5.84 17.34 28.29
C MET C 88 6.31 15.98 27.79
N LEU C 89 6.79 15.95 26.55
CA LEU C 89 7.18 14.71 25.88
C LEU C 89 8.61 14.72 25.38
N ASN C 90 9.28 15.86 25.50
CA ASN C 90 10.60 16.00 24.88
C ASN C 90 11.66 16.70 25.72
N CYS C 91 11.54 16.63 27.04
CA CYS C 91 12.61 17.14 27.88
C CYS C 91 13.89 16.35 27.68
N ASN C 92 15.03 16.99 27.95
CA ASN C 92 16.34 16.34 27.96
C ASN C 92 16.78 15.77 26.60
N LYS C 93 16.28 16.34 25.53
CA LYS C 93 16.65 15.87 24.21
C LYS C 93 17.32 17.00 23.42
N ARG C 94 18.14 16.63 22.44
CA ARG C 94 18.66 17.63 21.52
C ARG C 94 17.93 17.60 20.17
N SER C 95 17.52 18.76 19.70
CA SER C 95 16.76 18.81 18.46
C SER C 95 17.65 19.06 17.25
N VAL C 96 17.44 18.23 16.23
CA VAL C 96 18.13 18.32 14.95
C VAL C 96 17.08 18.47 13.87
N GLU C 97 17.18 19.55 13.09
CA GLU C 97 16.28 19.79 11.99
C GLU C 97 16.90 19.23 10.74
N LEU C 98 16.15 18.40 10.03
CA LEU C 98 16.71 17.64 8.92
C LEU C 98 15.62 17.19 7.96
N ASN C 99 15.80 17.51 6.68
CA ASN C 99 14.91 17.00 5.63
C ASN C 99 15.44 15.66 5.10
N THR C 100 14.82 14.59 5.54
CA THR C 100 15.34 13.25 5.24
C THR C 100 14.80 12.72 3.91
N LYS C 101 14.03 13.53 3.21
CA LYS C 101 13.60 13.16 1.85
C LYS C 101 14.55 13.71 0.77
N THR C 102 15.63 14.37 1.18
CA THR C 102 16.61 14.88 0.23
C THR C 102 17.83 13.97 0.23
N PRO C 103 18.54 13.91 -0.90
CA PRO C 103 19.72 13.04 -0.93
C PRO C 103 20.68 13.43 0.20
N GLU C 104 20.83 14.73 0.42
CA GLU C 104 21.75 15.22 1.44
C GLU C 104 21.26 14.90 2.85
N GLY C 105 19.94 14.97 3.05
CA GLY C 105 19.34 14.68 4.34
C GLY C 105 19.47 13.20 4.69
N LYS C 106 19.29 12.37 3.67
CA LYS C 106 19.43 10.93 3.83
C LYS C 106 20.84 10.53 4.27
N ALA C 107 21.86 11.17 3.68
CA ALA C 107 23.24 10.86 4.02
C ALA C 107 23.53 11.22 5.47
N VAL C 108 23.03 12.38 5.91
CA VAL C 108 23.19 12.79 7.30
C VAL C 108 22.52 11.75 8.21
N PHE C 109 21.31 11.36 7.85
CA PHE C 109 20.52 10.39 8.62
C PHE C 109 21.24 9.04 8.75
N GLU C 110 21.93 8.61 7.70
CA GLU C 110 22.70 7.36 7.74
C GLU C 110 23.86 7.45 8.74
N LYS C 111 24.52 8.61 8.79
CA LYS C 111 25.57 8.81 9.77
C LYS C 111 24.99 8.80 11.18
N CYS C 112 23.79 9.34 11.34
CA CYS C 112 23.13 9.30 12.65
C CYS C 112 22.84 7.87 13.07
N ILE C 113 22.34 7.10 12.11
CA ILE C 113 22.02 5.69 12.33
C ILE C 113 23.26 4.88 12.77
N LYS C 114 24.40 5.18 12.17
CA LYS C 114 25.64 4.49 12.55
C LYS C 114 26.15 4.92 13.91
N TRP C 115 25.81 6.15 14.30
CA TRP C 115 26.14 6.70 15.62
C TRP C 115 25.26 6.09 16.71
N ALA C 116 24.02 5.73 16.35
CA ALA C 116 23.03 5.38 17.36
C ALA C 116 23.16 3.95 17.86
N ASP C 117 22.78 3.74 19.11
CA ASP C 117 22.51 2.39 19.59
C ASP C 117 21.05 2.02 19.32
N ILE C 118 20.18 3.02 19.38
CA ILE C 118 18.73 2.83 19.31
C ILE C 118 18.09 3.88 18.40
N LEU C 119 17.24 3.42 17.48
CA LEU C 119 16.45 4.30 16.60
C LEU C 119 14.96 3.99 16.78
N LEU C 120 14.18 5.00 17.15
CA LEU C 120 12.74 4.82 17.38
C LEU C 120 11.90 5.61 16.34
N GLU C 121 10.88 4.98 15.78
CA GLU C 121 10.04 5.67 14.78
C GLU C 121 8.60 5.20 14.81
N ASN C 122 7.69 6.13 14.60
CA ASN C 122 6.27 5.83 14.51
C ASN C 122 5.59 6.65 13.41
N PHE C 123 6.27 6.84 12.29
CA PHE C 123 5.66 7.47 11.14
C PHE C 123 4.73 6.48 10.44
N ARG C 124 3.87 6.97 9.54
CA ARG C 124 2.86 6.12 8.92
C ARG C 124 3.47 4.97 8.13
N PRO C 125 2.66 3.93 7.89
CA PRO C 125 3.18 2.69 7.28
C PRO C 125 3.93 2.92 5.96
N GLY C 126 5.06 2.25 5.81
CA GLY C 126 5.87 2.33 4.60
C GLY C 126 6.72 3.57 4.49
N ALA C 127 6.60 4.50 5.44
CA ALA C 127 7.36 5.75 5.32
C ALA C 127 8.88 5.52 5.38
N MET C 128 9.34 4.77 6.39
CA MET C 128 10.78 4.44 6.47
C MET C 128 11.25 3.78 5.16
N GLU C 129 10.46 2.82 4.67
CA GLU C 129 10.79 2.13 3.42
C GLU C 129 10.82 3.05 2.19
N ARG C 130 9.89 4.01 2.10
CA ARG C 130 9.92 4.94 0.96
C ARG C 130 11.16 5.83 0.98
N MET C 131 11.74 6.04 2.16
CA MET C 131 13.02 6.76 2.28
C MET C 131 14.23 5.91 1.93
N GLY C 132 14.03 4.60 1.77
CA GLY C 132 15.11 3.69 1.49
C GLY C 132 15.59 2.90 2.70
N PHE C 133 14.99 3.18 3.86
CA PHE C 133 15.47 2.60 5.12
C PHE C 133 14.65 1.40 5.59
N THR C 134 14.67 0.35 4.77
CA THR C 134 14.07 -0.92 5.15
C THR C 134 14.83 -1.43 6.35
N TRP C 135 14.20 -2.28 7.14
CA TRP C 135 14.90 -2.95 8.24
C TRP C 135 16.15 -3.68 7.72
N GLU C 136 16.03 -4.29 6.54
CA GLU C 136 17.14 -5.05 5.97
C GLU C 136 18.36 -4.16 5.74
N TYR C 137 18.12 -2.94 5.27
CA TYR C 137 19.19 -1.98 5.07
C TYR C 137 19.77 -1.46 6.38
N LEU C 138 18.90 -1.07 7.30
CA LEU C 138 19.33 -0.56 8.60
C LEU C 138 20.29 -1.52 9.29
N GLN C 139 19.96 -2.82 9.22
CA GLN C 139 20.79 -3.87 9.78
C GLN C 139 22.20 -3.81 9.23
N GLN C 140 22.29 -3.56 7.93
CA GLN C 140 23.57 -3.47 7.25
C GLN C 140 24.29 -2.18 7.59
N LEU C 141 23.56 -1.07 7.72
CA LEU C 141 24.17 0.20 8.13
C LEU C 141 24.81 0.06 9.50
N ASN C 142 24.09 -0.63 10.39
CA ASN C 142 24.48 -0.72 11.78
C ASN C 142 24.01 -2.03 12.41
N PRO C 143 24.88 -3.05 12.38
CA PRO C 143 24.55 -4.38 12.92
C PRO C 143 24.23 -4.37 14.42
N ARG C 144 24.64 -3.33 15.13
CA ARG C 144 24.37 -3.19 16.55
C ARG C 144 23.09 -2.40 16.85
N LEU C 145 22.45 -1.86 15.81
CA LEU C 145 21.27 -1.01 16.01
C LEU C 145 20.05 -1.75 16.55
N ILE C 146 19.45 -1.17 17.58
CA ILE C 146 18.15 -1.60 18.05
C ILE C 146 17.11 -0.64 17.48
N TYR C 147 16.27 -1.19 16.62
CA TYR C 147 15.30 -0.43 15.85
C TYR C 147 13.93 -0.72 16.42
N GLY C 148 13.27 0.32 16.93
CA GLY C 148 11.97 0.17 17.54
C GLY C 148 10.93 0.84 16.66
N THR C 149 9.92 0.08 16.25
CA THR C 149 8.93 0.63 15.33
C THR C 149 7.49 0.42 15.78
N VAL C 150 6.72 1.52 15.81
CA VAL C 150 5.31 1.50 16.21
C VAL C 150 4.39 1.77 15.01
N LYS C 151 3.32 1.00 14.91
CA LYS C 151 2.32 1.20 13.87
C LYS C 151 0.93 1.00 14.48
N GLY C 152 -0.11 1.45 13.80
CA GLY C 152 -1.46 1.29 14.32
C GLY C 152 -1.84 -0.18 14.47
N PHE C 153 -1.42 -1.00 13.50
CA PHE C 153 -1.80 -2.40 13.39
C PHE C 153 -0.63 -3.25 12.92
N GLY C 154 -0.69 -4.56 13.15
CA GLY C 154 0.35 -5.45 12.65
C GLY C 154 0.40 -5.48 11.14
N GLU C 155 1.57 -5.82 10.59
CA GLU C 155 1.79 -5.77 9.15
C GLU C 155 0.77 -6.59 8.37
N ASN C 156 0.23 -7.63 8.99
CA ASN C 156 -0.71 -8.51 8.30
C ASN C 156 -2.20 -8.22 8.60
N SER C 157 -2.48 -7.15 9.33
CA SER C 157 -3.85 -6.81 9.70
C SER C 157 -4.75 -6.41 8.53
N PRO C 158 -6.04 -6.80 8.59
CA PRO C 158 -7.01 -6.30 7.62
C PRO C 158 -7.32 -4.80 7.80
N TRP C 159 -6.83 -4.20 8.89
CA TRP C 159 -7.06 -2.79 9.15
C TRP C 159 -5.79 -1.97 8.93
N ALA C 160 -4.80 -2.56 8.28
CA ALA C 160 -3.47 -1.95 8.24
C ALA C 160 -3.44 -0.62 7.47
N GLY C 161 -4.44 -0.40 6.63
CA GLY C 161 -4.58 0.86 5.93
C GLY C 161 -5.41 1.88 6.72
N VAL C 162 -5.74 1.56 7.96
CA VAL C 162 -6.54 2.50 8.76
C VAL C 162 -5.65 3.51 9.49
N SER C 163 -5.93 4.79 9.29
CA SER C 163 -5.16 5.85 9.96
C SER C 163 -5.24 5.67 11.47
N ALA C 164 -4.09 5.46 12.10
CA ALA C 164 -4.06 5.05 13.50
C ALA C 164 -4.04 6.19 14.51
N TYR C 165 -5.21 6.74 14.82
CA TYR C 165 -5.34 7.71 15.90
C TYR C 165 -5.63 6.98 17.20
N GLU C 166 -5.48 7.68 18.32
CA GLU C 166 -5.68 7.12 19.65
C GLU C 166 -7.00 6.35 19.77
N ASN C 167 -8.10 6.96 19.33
CA ASN C 167 -9.41 6.35 19.52
C ASN C 167 -9.64 5.17 18.58
N VAL C 168 -8.97 5.18 17.43
CA VAL C 168 -9.03 4.04 16.53
C VAL C 168 -8.38 2.82 17.22
N ALA C 169 -7.26 3.04 17.91
CA ALA C 169 -6.57 1.96 18.63
C ALA C 169 -7.44 1.40 19.74
N GLN C 170 -8.08 2.29 20.51
CA GLN C 170 -8.97 1.88 21.59
C GLN C 170 -10.14 1.05 21.05
N CYS C 171 -10.65 1.44 19.90
CA CYS C 171 -11.77 0.70 19.30
C CYS C 171 -11.34 -0.64 18.72
N ALA C 172 -10.12 -0.71 18.21
CA ALA C 172 -9.61 -1.92 17.59
C ALA C 172 -9.10 -2.91 18.64
N GLY C 173 -8.64 -2.38 19.77
CA GLY C 173 -8.03 -3.21 20.78
C GLY C 173 -8.99 -3.85 21.79
N GLY C 174 -10.27 -3.53 21.66
CA GLY C 174 -11.27 -4.08 22.57
C GLY C 174 -11.64 -3.19 23.76
N ALA C 175 -10.91 -2.11 23.96
CA ALA C 175 -11.16 -1.25 25.11
C ALA C 175 -12.49 -0.48 25.07
N THR C 176 -12.84 0.10 23.93
CA THR C 176 -14.10 0.86 23.89
C THR C 176 -15.30 -0.07 23.97
N SER C 177 -15.18 -1.26 23.39
CA SER C 177 -16.27 -2.22 23.42
C SER C 177 -16.66 -2.57 24.86
N THR C 178 -15.67 -2.62 25.75
CA THR C 178 -15.89 -3.13 27.10
C THR C 178 -15.87 -2.04 28.17
N THR C 179 -15.77 -0.79 27.74
CA THR C 179 -15.71 0.37 28.63
C THR C 179 -16.99 1.20 28.48
N GLY C 180 -17.61 1.56 29.60
CA GLY C 180 -18.85 2.32 29.58
C GLY C 180 -19.99 1.56 30.26
N TYR C 181 -21.22 1.79 29.81
CA TYR C 181 -22.38 1.11 30.42
C TYR C 181 -23.04 0.09 29.52
N TRP C 182 -23.72 -0.87 30.15
CA TRP C 182 -24.58 -1.80 29.44
C TRP C 182 -25.94 -1.15 29.22
N ASN C 183 -26.79 -1.82 28.44
CA ASN C 183 -28.16 -1.38 28.21
C ASN C 183 -29.17 -2.29 28.93
N GLY C 184 -30.23 -1.68 29.47
CA GLY C 184 -31.26 -2.44 30.13
C GLY C 184 -30.83 -2.90 31.51
N ALA C 185 -31.50 -3.95 32.00
CA ALA C 185 -31.33 -4.42 33.38
C ALA C 185 -29.92 -4.91 33.69
N PRO C 186 -29.44 -4.61 34.92
CA PRO C 186 -30.17 -3.81 35.90
C PRO C 186 -30.01 -2.31 35.65
N LEU C 187 -31.07 -1.56 35.86
CA LEU C 187 -31.04 -0.12 35.62
C LEU C 187 -30.28 0.58 36.74
N VAL C 188 -29.36 1.47 36.36
CA VAL C 188 -28.60 2.26 37.32
C VAL C 188 -28.59 3.73 36.91
N ASP C 189 -28.21 4.58 37.85
CA ASP C 189 -28.33 6.04 37.68
C ASP C 189 -27.49 6.66 36.54
N GLY C 190 -26.25 6.21 36.39
CA GLY C 190 -25.37 6.76 35.36
C GLY C 190 -25.65 6.33 33.93
N GLN C 191 -26.68 5.49 33.76
CA GLN C 191 -26.99 4.97 32.45
C GLN C 191 -27.61 6.04 31.57
N ALA C 192 -27.33 6.00 30.27
CA ALA C 192 -28.15 6.76 29.34
C ALA C 192 -29.50 6.05 29.20
N PRO C 193 -30.54 6.81 28.85
CA PRO C 193 -31.88 6.26 28.62
C PRO C 193 -31.89 5.21 27.50
N GLY C 194 -32.77 4.22 27.64
CA GLY C 194 -32.99 3.24 26.59
C GLY C 194 -31.71 2.53 26.18
N ASN C 195 -31.52 2.35 24.88
CA ASN C 195 -30.36 1.59 24.41
C ASN C 195 -29.20 2.48 23.97
N ASN C 196 -29.11 3.65 24.57
CA ASN C 196 -28.11 4.64 24.16
C ASN C 196 -26.78 4.51 24.91
N ASN C 197 -26.57 3.37 25.55
CA ASN C 197 -25.30 3.15 26.22
C ASN C 197 -24.31 2.48 25.27
N GLY C 198 -23.33 3.26 24.82
CA GLY C 198 -22.42 2.79 23.79
C GLY C 198 -20.98 2.68 24.23
N PRO C 199 -20.12 2.20 23.32
CA PRO C 199 -18.69 2.08 23.60
C PRO C 199 -18.13 3.41 24.08
N LEU C 200 -17.15 3.39 24.98
CA LEU C 200 -16.58 4.63 25.47
C LEU C 200 -15.06 4.68 25.47
N VAL C 201 -14.52 5.81 25.03
CA VAL C 201 -13.09 6.05 25.01
C VAL C 201 -12.56 6.30 26.43
N SER C 202 -11.39 5.76 26.74
CA SER C 202 -10.76 6.04 28.01
C SER C 202 -9.87 7.28 27.95
N ALA C 203 -9.86 8.06 29.04
CA ALA C 203 -8.98 9.22 29.15
C ALA C 203 -7.52 8.84 28.98
N ALA C 204 -7.18 7.64 29.44
CA ALA C 204 -5.78 7.20 29.39
C ALA C 204 -5.38 6.96 27.95
N ALA C 205 -4.14 7.29 27.64
CA ALA C 205 -3.64 7.14 26.28
C ALA C 205 -3.26 5.67 26.03
N LEU C 206 -4.27 4.82 25.91
CA LEU C 206 -4.08 3.38 25.70
C LEU C 206 -3.39 3.10 24.38
N GLY C 207 -3.60 3.98 23.42
CA GLY C 207 -3.06 3.77 22.09
C GLY C 207 -1.70 4.37 21.92
N ASP C 208 -1.42 5.49 22.59
CA ASP C 208 -0.20 6.24 22.32
C ASP C 208 0.90 6.01 23.37
N SER C 209 0.79 6.66 24.53
CA SER C 209 1.76 6.47 25.62
C SER C 209 1.94 5.00 25.98
N ASN C 210 0.82 4.29 26.12
CA ASN C 210 0.87 2.87 26.50
C ASN C 210 1.64 2.03 25.47
N THR C 211 1.44 2.33 24.19
CA THR C 211 2.22 1.67 23.15
C THR C 211 3.71 2.00 23.28
N GLY C 212 3.99 3.24 23.69
CA GLY C 212 5.35 3.67 23.94
C GLY C 212 6.01 2.84 25.02
N ASN C 213 5.25 2.52 26.08
CA ASN C 213 5.82 1.73 27.17
C ASN C 213 6.17 0.32 26.72
N HIS C 214 5.30 -0.28 25.91
CA HIS C 214 5.57 -1.62 25.41
C HIS C 214 6.84 -1.59 24.53
N LEU C 215 6.97 -0.55 23.73
CA LEU C 215 8.13 -0.40 22.85
C LEU C 215 9.40 -0.33 23.67
N LEU C 216 9.35 0.47 24.73
CA LEU C 216 10.49 0.68 25.61
C LEU C 216 10.87 -0.64 26.30
N ILE C 217 9.88 -1.46 26.62
CA ILE C 217 10.14 -2.75 27.25
C ILE C 217 10.94 -3.66 26.29
N GLY C 218 10.49 -3.73 25.03
CA GLY C 218 11.19 -4.54 24.03
C GLY C 218 12.58 -4.00 23.75
N VAL C 219 12.69 -2.69 23.62
CA VAL C 219 13.96 -2.03 23.36
C VAL C 219 14.99 -2.27 24.49
N LEU C 220 14.58 -2.09 25.75
CA LEU C 220 15.49 -2.34 26.85
C LEU C 220 15.91 -3.82 26.92
N ALA C 221 14.98 -4.72 26.61
CA ALA C 221 15.30 -6.15 26.60
C ALA C 221 16.36 -6.46 25.57
N ALA C 222 16.21 -5.86 24.39
CA ALA C 222 17.11 -6.12 23.27
C ALA C 222 18.45 -5.48 23.55
N LEU C 223 18.42 -4.32 24.20
CA LEU C 223 19.66 -3.63 24.53
C LEU C 223 20.45 -4.47 25.50
N PHE C 224 19.76 -5.12 26.45
CA PHE C 224 20.46 -5.97 27.39
C PHE C 224 21.07 -7.19 26.72
N GLY C 225 20.32 -7.82 25.82
CA GLY C 225 20.77 -9.04 25.18
C GLY C 225 21.96 -8.78 24.25
N ARG C 226 21.97 -7.58 23.67
CA ARG C 226 23.07 -7.17 22.81
C ARG C 226 24.43 -7.26 23.55
N GLU C 227 24.41 -7.04 24.86
CA GLU C 227 25.63 -7.14 25.65
C GLU C 227 26.25 -8.52 25.48
N ARG C 228 25.40 -9.53 25.34
CA ARG C 228 25.87 -10.89 25.17
C ARG C 228 26.11 -11.25 23.71
N THR C 229 25.21 -10.81 22.83
CA THR C 229 25.23 -11.28 21.45
C THR C 229 26.02 -10.37 20.51
N GLY C 230 26.18 -9.12 20.89
CA GLY C 230 26.81 -8.14 20.01
C GLY C 230 25.90 -7.72 18.86
N LYS C 231 24.67 -8.25 18.83
CA LYS C 231 23.73 -7.93 17.76
C LYS C 231 22.56 -7.03 18.19
N GLY C 232 22.09 -6.21 17.25
CA GLY C 232 20.88 -5.43 17.43
C GLY C 232 19.68 -6.28 17.02
N GLN C 233 18.53 -5.64 16.89
CA GLN C 233 17.36 -6.28 16.33
C GLN C 233 16.20 -5.29 16.21
N LYS C 234 15.10 -5.72 15.61
CA LYS C 234 13.93 -4.86 15.47
C LYS C 234 12.85 -5.24 16.46
N ILE C 235 12.34 -4.22 17.14
CA ILE C 235 11.21 -4.35 18.07
C ILE C 235 9.99 -3.72 17.39
N SER C 236 8.91 -4.50 17.27
CA SER C 236 7.68 -4.00 16.66
C SER C 236 6.54 -4.08 17.65
N VAL C 237 5.80 -2.98 17.79
CA VAL C 237 4.58 -3.00 18.59
C VAL C 237 3.46 -2.30 17.83
N SER C 238 2.32 -2.96 17.73
CA SER C 238 1.18 -2.29 17.16
C SER C 238 0.33 -1.70 18.27
N MET C 239 -0.27 -0.55 17.99
CA MET C 239 -1.15 0.10 18.95
C MET C 239 -2.32 -0.81 19.31
N GLN C 240 -2.86 -1.50 18.31
CA GLN C 240 -3.94 -2.43 18.59
C GLN C 240 -3.51 -3.45 19.64
N ASP C 241 -2.34 -4.04 19.44
CA ASP C 241 -1.83 -5.06 20.38
C ASP C 241 -1.55 -4.53 21.79
N ALA C 242 -1.03 -3.31 21.89
CA ALA C 242 -0.79 -2.69 23.19
C ALA C 242 -2.09 -2.42 23.95
N VAL C 243 -3.14 -2.00 23.24
CA VAL C 243 -4.46 -1.83 23.87
C VAL C 243 -5.01 -3.19 24.35
N LEU C 244 -5.05 -4.15 23.45
CA LEU C 244 -5.45 -5.49 23.81
C LEU C 244 -4.68 -6.01 25.03
N ASN C 245 -3.37 -5.79 25.05
CA ASN C 245 -2.61 -6.23 26.23
C ASN C 245 -3.13 -5.67 27.56
N LEU C 246 -3.46 -4.37 27.58
CA LEU C 246 -4.03 -3.80 28.81
C LEU C 246 -5.43 -4.36 29.09
N CYS C 247 -6.10 -4.86 28.05
CA CYS C 247 -7.40 -5.51 28.21
C CYS C 247 -7.30 -7.03 28.33
N ARG C 248 -6.16 -7.52 28.83
CA ARG C 248 -5.95 -8.95 28.98
C ARG C 248 -7.10 -9.57 29.77
N VAL C 249 -7.59 -8.85 30.78
CA VAL C 249 -8.67 -9.34 31.63
C VAL C 249 -9.98 -9.52 30.89
N LYS C 250 -10.20 -8.71 29.85
CA LYS C 250 -11.41 -8.84 29.04
C LYS C 250 -11.31 -10.03 28.09
N LEU C 251 -10.10 -10.41 27.70
CA LEU C 251 -9.93 -11.63 26.90
C LEU C 251 -10.12 -12.86 27.79
N ARG C 252 -9.65 -12.76 29.03
CA ARG C 252 -10.00 -13.74 30.07
C ARG C 252 -11.52 -13.86 30.20
N ASP C 253 -12.21 -12.73 30.27
CA ASP C 253 -13.65 -12.74 30.50
C ASP C 253 -14.38 -13.30 29.28
N GLN C 254 -13.84 -13.02 28.09
CA GLN C 254 -14.47 -13.51 26.86
C GLN C 254 -14.42 -15.04 26.84
N GLN C 255 -13.30 -15.60 27.30
CA GLN C 255 -13.17 -17.06 27.34
C GLN C 255 -14.08 -17.69 28.39
N ARG C 256 -14.18 -17.05 29.55
CA ARG C 256 -15.10 -17.52 30.58
C ARG C 256 -16.54 -17.52 30.07
N LEU C 257 -16.95 -16.39 29.49
CA LEU C 257 -18.30 -16.23 28.96
C LEU C 257 -18.63 -17.31 27.95
N GLU C 258 -17.66 -17.65 27.11
CA GLU C 258 -17.92 -18.59 26.03
C GLU C 258 -18.10 -20.03 26.55
N ARG C 259 -17.37 -20.35 27.62
CA ARG C 259 -17.50 -21.67 28.25
C ARG C 259 -18.71 -21.73 29.18
N VAL C 260 -18.96 -20.65 29.90
CA VAL C 260 -19.95 -20.66 30.98
C VAL C 260 -21.30 -20.05 30.59
N GLY C 261 -21.29 -18.96 29.81
CA GLY C 261 -22.53 -18.32 29.39
C GLY C 261 -22.93 -17.10 30.23
N TYR C 262 -22.18 -16.87 31.30
CA TYR C 262 -22.40 -15.70 32.15
C TYR C 262 -21.15 -15.39 32.94
N LEU C 263 -21.12 -14.21 33.54
CA LEU C 263 -19.98 -13.76 34.33
C LEU C 263 -20.46 -13.27 35.69
N GLU C 264 -20.26 -14.09 36.72
CA GLU C 264 -20.80 -13.89 38.06
C GLU C 264 -20.56 -12.53 38.71
N GLU C 265 -19.41 -11.92 38.43
CA GLU C 265 -19.04 -10.67 39.10
C GLU C 265 -19.48 -9.44 38.31
N TYR C 266 -20.04 -9.66 37.12
CA TYR C 266 -20.49 -8.56 36.27
C TYR C 266 -21.83 -8.02 36.74
N PRO C 267 -22.08 -6.72 36.53
CA PRO C 267 -23.33 -6.10 36.95
C PRO C 267 -24.55 -6.86 36.43
N GLN C 268 -24.48 -7.36 35.20
CA GLN C 268 -25.61 -8.04 34.57
C GLN C 268 -26.02 -9.32 35.29
N TYR C 269 -25.18 -9.79 36.20
CA TYR C 269 -25.51 -10.99 36.97
C TYR C 269 -26.09 -10.62 38.32
N PRO C 270 -27.29 -11.13 38.65
CA PRO C 270 -28.08 -12.10 37.89
C PRO C 270 -29.30 -11.54 37.14
N ASN C 271 -29.62 -10.27 37.31
CA ASN C 271 -30.85 -9.70 36.77
C ASN C 271 -30.82 -9.24 35.30
N GLY C 272 -29.67 -9.36 34.65
CA GLY C 272 -29.56 -9.01 33.26
C GLY C 272 -29.28 -10.23 32.40
N LYS C 273 -28.92 -10.00 31.15
CA LYS C 273 -28.65 -11.10 30.24
C LYS C 273 -27.28 -10.93 29.61
N PHE C 274 -26.59 -12.05 29.39
CA PHE C 274 -25.31 -12.02 28.68
C PHE C 274 -25.48 -12.50 27.24
N GLY C 275 -24.75 -11.87 26.32
CA GLY C 275 -24.74 -12.29 24.92
C GLY C 275 -23.50 -13.09 24.61
N ASP C 276 -23.06 -13.07 23.35
CA ASP C 276 -21.90 -13.86 22.96
C ASP C 276 -20.57 -13.11 23.13
N THR C 277 -20.62 -11.91 23.71
CA THR C 277 -19.41 -11.10 23.86
C THR C 277 -19.39 -10.32 25.16
N VAL C 278 -18.18 -10.11 25.72
CA VAL C 278 -18.07 -9.41 26.99
C VAL C 278 -18.79 -8.07 26.93
N PRO C 279 -19.74 -7.84 27.84
CA PRO C 279 -20.50 -6.58 27.85
C PRO C 279 -19.77 -5.50 28.63
N ARG C 280 -20.22 -4.26 28.51
CA ARG C 280 -19.74 -3.19 29.38
C ARG C 280 -20.22 -3.41 30.81
N GLY C 281 -19.47 -2.91 31.80
CA GLY C 281 -19.79 -3.17 33.20
C GLY C 281 -19.81 -1.92 34.07
N GLY C 282 -19.93 -0.77 33.45
CA GLY C 282 -19.95 0.48 34.18
C GLY C 282 -18.75 0.58 35.11
N ASN C 283 -19.01 0.79 36.40
CA ASN C 283 -17.95 0.95 37.38
C ASN C 283 -17.67 -0.28 38.28
N ALA C 284 -18.04 -1.45 37.78
CA ALA C 284 -17.77 -2.69 38.50
C ALA C 284 -16.28 -2.95 38.70
N GLY C 285 -15.94 -3.66 39.78
CA GLY C 285 -14.56 -3.96 40.10
C GLY C 285 -14.30 -5.45 40.04
N GLY C 286 -13.12 -5.81 39.52
CA GLY C 286 -12.82 -7.20 39.18
C GLY C 286 -12.15 -8.02 40.26
N GLY C 287 -12.44 -9.32 40.28
CA GLY C 287 -11.93 -10.22 41.28
C GLY C 287 -13.04 -11.02 41.93
N GLY C 288 -13.28 -10.75 43.21
CA GLY C 288 -14.33 -11.44 43.94
C GLY C 288 -15.07 -10.53 44.89
N GLN C 289 -14.69 -9.25 44.87
CA GLN C 289 -15.37 -8.26 45.70
C GLN C 289 -15.97 -7.15 44.85
N PRO C 290 -17.30 -6.98 44.94
CA PRO C 290 -18.07 -6.01 44.18
C PRO C 290 -17.67 -4.60 44.56
N GLY C 291 -17.47 -3.74 43.56
CA GLY C 291 -17.16 -2.35 43.80
C GLY C 291 -18.02 -1.46 42.92
N TRP C 292 -18.10 -0.17 43.27
CA TRP C 292 -18.85 0.78 42.45
C TRP C 292 -18.37 2.19 42.79
N ILE C 293 -18.68 3.15 41.93
CA ILE C 293 -18.39 4.54 42.23
C ILE C 293 -19.65 5.18 42.73
N LEU C 294 -19.56 5.81 43.90
CA LEU C 294 -20.73 6.37 44.60
C LEU C 294 -20.68 7.89 44.72
N LYS C 295 -21.84 8.52 44.58
CA LYS C 295 -21.97 9.95 44.82
C LYS C 295 -21.61 10.34 46.25
N CYS C 296 -21.05 11.53 46.41
CA CYS C 296 -20.87 12.11 47.74
C CYS C 296 -21.53 13.47 47.73
N LYS C 297 -21.48 14.18 48.86
CA LYS C 297 -22.03 15.53 48.89
C LYS C 297 -21.38 16.42 47.83
N GLY C 298 -22.20 17.10 47.04
CA GLY C 298 -21.70 18.05 46.06
C GLY C 298 -21.76 17.56 44.62
N TRP C 299 -22.17 16.31 44.41
CA TRP C 299 -22.12 15.67 43.10
C TRP C 299 -22.90 16.41 42.02
N GLU C 300 -23.98 17.09 42.40
CA GLU C 300 -24.81 17.82 41.44
C GLU C 300 -24.07 19.02 40.84
N THR C 301 -23.07 19.52 41.57
CA THR C 301 -22.31 20.68 41.11
C THR C 301 -20.82 20.40 40.95
N ASP C 302 -20.33 19.34 41.56
CA ASP C 302 -18.90 19.00 41.49
C ASP C 302 -18.76 17.63 40.81
N ASP C 303 -18.21 17.64 39.60
CA ASP C 303 -18.16 16.45 38.76
C ASP C 303 -17.31 15.36 39.40
N ASN C 304 -16.57 15.73 40.45
CA ASN C 304 -15.65 14.79 41.05
C ASN C 304 -15.88 14.50 42.52
N ALA C 305 -17.08 14.83 43.01
CA ALA C 305 -17.47 14.49 44.38
C ALA C 305 -17.95 13.05 44.43
N TYR C 306 -16.99 12.13 44.27
CA TYR C 306 -17.28 10.70 44.15
C TYR C 306 -16.17 9.94 44.83
N ILE C 307 -16.49 8.72 45.25
CA ILE C 307 -15.48 7.80 45.75
C ILE C 307 -15.68 6.46 45.07
N TYR C 308 -14.64 5.63 45.07
CA TYR C 308 -14.81 4.23 44.74
C TYR C 308 -14.91 3.46 46.05
N CYS C 309 -15.81 2.48 46.07
CA CYS C 309 -16.10 1.76 47.31
C CYS C 309 -16.28 0.27 47.01
N THR C 310 -15.66 -0.58 47.83
CA THR C 310 -15.74 -2.03 47.66
C THR C 310 -16.51 -2.69 48.79
N VAL C 311 -17.25 -3.76 48.48
CA VAL C 311 -18.00 -4.51 49.48
C VAL C 311 -17.31 -5.83 49.78
N GLN C 312 -16.72 -5.94 50.97
CA GLN C 312 -15.94 -7.13 51.30
C GLN C 312 -16.78 -8.31 51.81
N GLU C 313 -16.45 -9.49 51.32
CA GLU C 313 -17.16 -10.72 51.67
C GLU C 313 -17.22 -10.93 53.19
N GLN C 314 -16.22 -10.41 53.87
CA GLN C 314 -16.19 -10.40 55.33
C GLN C 314 -16.40 -8.98 55.84
N ASP C 315 -16.53 -8.84 57.15
CA ASP C 315 -16.86 -7.54 57.73
C ASP C 315 -18.23 -7.02 57.24
N TRP C 316 -19.11 -7.94 56.89
CA TRP C 316 -20.48 -7.57 56.56
C TRP C 316 -21.18 -6.91 57.75
N GLY C 317 -20.84 -7.36 58.96
CA GLY C 317 -21.40 -6.79 60.19
C GLY C 317 -21.07 -5.33 60.33
N PRO C 318 -19.77 -5.00 60.34
CA PRO C 318 -19.39 -3.58 60.36
C PRO C 318 -19.96 -2.82 59.16
N THR C 319 -20.01 -3.46 57.99
CA THR C 319 -20.60 -2.82 56.80
C THR C 319 -22.05 -2.41 57.07
N CYS C 320 -22.82 -3.35 57.62
CA CYS C 320 -24.21 -3.07 57.96
C CYS C 320 -24.36 -1.89 58.89
N GLU C 321 -23.44 -1.77 59.85
CA GLU C 321 -23.44 -0.62 60.75
C GLU C 321 -23.17 0.68 60.00
N ALA C 322 -22.18 0.65 59.10
CA ALA C 322 -21.83 1.85 58.35
C ALA C 322 -23.06 2.40 57.62
N ILE C 323 -23.93 1.49 57.24
CA ILE C 323 -25.09 1.79 56.42
C ILE C 323 -26.31 2.21 57.24
N GLY C 324 -26.32 1.83 58.51
CA GLY C 324 -27.47 2.11 59.35
C GLY C 324 -28.55 1.05 59.19
N LYS C 325 -28.13 -0.15 58.79
CA LYS C 325 -29.05 -1.28 58.70
C LYS C 325 -28.49 -2.52 59.44
N PRO C 326 -28.44 -2.44 60.77
CA PRO C 326 -27.96 -3.54 61.61
C PRO C 326 -28.86 -4.76 61.45
N GLU C 327 -30.08 -4.56 60.99
CA GLU C 327 -31.00 -5.67 60.80
C GLU C 327 -30.59 -6.52 59.60
N TRP C 328 -29.77 -5.95 58.72
CA TRP C 328 -29.27 -6.67 57.55
C TRP C 328 -28.22 -7.71 57.92
N ALA C 329 -27.57 -7.52 59.05
CA ALA C 329 -26.46 -8.38 59.46
C ALA C 329 -26.90 -9.81 59.74
N THR C 330 -28.09 -9.98 60.30
CA THR C 330 -28.59 -11.30 60.66
C THR C 330 -29.64 -11.79 59.69
N ASP C 331 -29.94 -10.95 58.69
CA ASP C 331 -30.94 -11.25 57.67
C ASP C 331 -30.38 -12.23 56.64
N PRO C 332 -31.03 -13.39 56.48
CA PRO C 332 -30.59 -14.38 55.49
C PRO C 332 -30.60 -13.80 54.08
N LYS C 333 -31.39 -12.74 53.89
CA LYS C 333 -31.52 -12.07 52.60
C LYS C 333 -30.21 -11.41 52.18
N TYR C 334 -29.45 -10.91 53.15
CA TYR C 334 -28.21 -10.20 52.88
C TYR C 334 -27.00 -10.74 53.65
N ASN C 335 -27.21 -11.79 54.45
CA ASN C 335 -26.16 -12.24 55.37
C ASN C 335 -24.91 -12.86 54.75
N THR C 336 -25.01 -13.32 53.50
CA THR C 336 -23.87 -13.98 52.86
C THR C 336 -23.55 -13.39 51.49
N ALA C 337 -22.33 -13.65 51.02
CA ALA C 337 -21.89 -13.18 49.71
C ALA C 337 -22.91 -13.57 48.64
N LYS C 338 -23.31 -14.84 48.65
CA LYS C 338 -24.25 -15.35 47.66
C LYS C 338 -25.64 -14.68 47.76
N ALA C 339 -26.19 -14.64 48.96
CA ALA C 339 -27.48 -13.98 49.15
C ALA C 339 -27.44 -12.55 48.60
N ARG C 340 -26.33 -11.86 48.85
CA ARG C 340 -26.14 -10.51 48.34
C ARG C 340 -25.78 -10.53 46.85
N GLU C 341 -24.89 -11.45 46.46
CA GLU C 341 -24.45 -11.62 45.07
C GLU C 341 -25.60 -11.46 44.09
N THR C 342 -26.74 -11.02 44.62
CA THR C 342 -27.95 -10.81 43.81
C THR C 342 -28.69 -9.56 44.29
N HIS C 343 -28.12 -8.86 45.27
CA HIS C 343 -28.73 -7.65 45.83
C HIS C 343 -27.79 -6.45 45.82
N MET C 344 -26.68 -6.56 45.10
CA MET C 344 -25.59 -5.59 45.21
C MET C 344 -25.96 -4.12 44.96
N PHE C 345 -26.86 -3.86 44.01
CA PHE C 345 -27.19 -2.46 43.72
C PHE C 345 -28.05 -1.81 44.81
N GLU C 346 -28.82 -2.63 45.52
CA GLU C 346 -29.58 -2.12 46.65
C GLU C 346 -28.60 -1.62 47.71
N ILE C 347 -27.56 -2.40 47.92
CA ILE C 347 -26.54 -2.13 48.94
C ILE C 347 -25.70 -0.90 48.64
N PHE C 348 -25.19 -0.80 47.42
CA PHE C 348 -24.43 0.38 47.05
C PHE C 348 -25.25 1.64 47.23
N ALA C 349 -26.53 1.59 46.85
CA ALA C 349 -27.44 2.71 47.05
C ALA C 349 -27.56 3.08 48.53
N ALA C 350 -27.64 2.05 49.38
CA ALA C 350 -27.68 2.26 50.83
C ALA C 350 -26.38 2.90 51.33
N ILE C 351 -25.25 2.43 50.82
CA ILE C 351 -23.98 3.04 51.17
C ILE C 351 -23.99 4.50 50.71
N GLU C 352 -24.51 4.71 49.52
CA GLU C 352 -24.56 6.06 48.97
C GLU C 352 -25.43 7.00 49.82
N LYS C 353 -26.62 6.54 50.18
CA LYS C 353 -27.49 7.33 51.09
C LYS C 353 -26.73 7.80 52.32
N ALA C 354 -25.99 6.87 52.93
CA ALA C 354 -25.30 7.13 54.19
C ALA C 354 -24.17 8.17 54.14
N ILE C 355 -23.60 8.38 52.96
CA ILE C 355 -22.52 9.37 52.83
C ILE C 355 -23.00 10.60 52.08
N ALA C 356 -24.32 10.66 51.84
CA ALA C 356 -24.90 11.77 51.10
C ALA C 356 -24.58 13.13 51.71
N ASP C 357 -24.26 13.13 53.00
CA ASP C 357 -23.99 14.37 53.70
C ASP C 357 -22.49 14.65 53.85
N LYS C 358 -21.67 13.79 53.24
CA LYS C 358 -20.23 13.87 53.45
C LYS C 358 -19.49 14.11 52.14
N THR C 359 -18.42 14.91 52.19
CA THR C 359 -17.55 15.07 51.05
C THR C 359 -16.85 13.75 50.76
N LYS C 360 -16.15 13.65 49.63
CA LYS C 360 -15.48 12.40 49.33
C LYS C 360 -14.46 12.06 50.40
N TYR C 361 -13.77 13.06 50.92
CA TYR C 361 -12.75 12.84 51.95
C TYR C 361 -13.36 12.42 53.28
N GLU C 362 -14.46 13.06 53.64
CA GLU C 362 -15.24 12.65 54.81
C GLU C 362 -15.85 11.26 54.66
N ALA C 363 -16.41 10.97 53.47
CA ALA C 363 -16.99 9.66 53.22
C ALA C 363 -15.94 8.58 53.42
N VAL C 364 -14.75 8.80 52.89
CA VAL C 364 -13.66 7.85 53.05
C VAL C 364 -13.30 7.62 54.52
N ALA C 365 -13.19 8.69 55.29
CA ALA C 365 -12.83 8.55 56.71
C ALA C 365 -13.94 7.81 57.48
N HIS C 366 -15.19 8.16 57.22
CA HIS C 366 -16.33 7.50 57.86
C HIS C 366 -16.34 6.01 57.59
N LEU C 367 -16.21 5.65 56.31
CA LEU C 367 -16.27 4.26 55.88
C LEU C 367 -15.11 3.44 56.41
N ALA C 368 -13.92 4.02 56.42
CA ALA C 368 -12.74 3.31 56.90
C ALA C 368 -12.87 2.89 58.39
N LYS C 369 -13.66 3.63 59.15
CA LYS C 369 -13.94 3.26 60.53
C LYS C 369 -14.49 1.84 60.62
N TYR C 370 -15.29 1.48 59.62
CA TYR C 370 -15.89 0.14 59.55
C TYR C 370 -15.12 -0.84 58.65
N ARG C 371 -13.90 -0.48 58.28
CA ARG C 371 -13.08 -1.34 57.40
C ARG C 371 -13.78 -1.63 56.06
N VAL C 372 -14.59 -0.70 55.58
CA VAL C 372 -15.09 -0.82 54.21
C VAL C 372 -14.12 -0.07 53.29
N PRO C 373 -13.50 -0.79 52.36
CA PRO C 373 -12.42 -0.22 51.54
C PRO C 373 -12.96 0.81 50.55
N CYS C 374 -12.37 2.00 50.54
CA CYS C 374 -12.82 3.07 49.64
C CYS C 374 -11.68 4.04 49.34
N SER C 375 -11.91 4.94 48.39
CA SER C 375 -10.88 5.90 47.99
C SER C 375 -11.55 6.98 47.15
N PRO C 376 -11.02 8.21 47.21
CA PRO C 376 -11.66 9.31 46.49
C PRO C 376 -11.33 9.33 45.01
N VAL C 377 -12.27 9.79 44.20
CA VAL C 377 -11.97 10.15 42.82
C VAL C 377 -11.23 11.47 42.88
N LEU C 378 -9.99 11.49 42.40
CA LEU C 378 -9.19 12.71 42.42
C LEU C 378 -9.22 13.39 41.05
N SER C 379 -9.40 14.72 41.02
CA SER C 379 -9.48 15.46 39.76
C SER C 379 -8.07 15.84 39.34
N MET C 380 -7.91 16.27 38.08
CA MET C 380 -6.57 16.66 37.61
C MET C 380 -6.02 17.86 38.39
N LYS C 381 -6.90 18.76 38.80
CA LYS C 381 -6.48 19.90 39.64
C LYS C 381 -5.91 19.43 40.96
N GLU C 382 -6.62 18.52 41.62
CA GLU C 382 -6.17 17.99 42.89
C GLU C 382 -4.83 17.28 42.72
N ILE C 383 -4.69 16.55 41.62
CA ILE C 383 -3.45 15.84 41.33
C ILE C 383 -2.31 16.82 41.07
N ALA C 384 -2.57 17.83 40.25
CA ALA C 384 -1.53 18.76 39.85
C ALA C 384 -0.98 19.57 41.02
N GLU C 385 -1.81 19.75 42.06
CA GLU C 385 -1.45 20.56 43.21
C GLU C 385 -1.06 19.74 44.45
N ALA C 386 -1.06 18.41 44.31
CA ALA C 386 -0.74 17.52 45.43
C ALA C 386 0.72 17.67 45.89
N PRO C 387 0.93 18.13 47.13
CA PRO C 387 2.31 18.30 47.60
C PRO C 387 3.08 16.99 47.65
N ASP C 388 2.41 15.89 47.98
CA ASP C 388 3.08 14.60 48.07
C ASP C 388 3.69 14.18 46.73
N LEU C 389 3.00 14.50 45.63
CA LEU C 389 3.50 14.11 44.32
C LEU C 389 4.70 14.97 43.88
N ARG C 390 4.75 16.21 44.38
CA ARG C 390 5.91 17.07 44.12
C ARG C 390 7.09 16.57 44.93
N GLU C 391 6.79 16.15 46.15
CA GLU C 391 7.82 15.71 47.10
C GLU C 391 8.52 14.44 46.61
N SER C 392 7.74 13.54 46.02
CA SER C 392 8.30 12.27 45.56
C SER C 392 8.96 12.44 44.19
N GLY C 393 8.77 13.61 43.57
CA GLY C 393 9.27 13.84 42.24
C GLY C 393 8.48 13.14 41.15
N THR C 394 7.28 12.69 41.48
CA THR C 394 6.38 12.15 40.47
C THR C 394 5.87 13.26 39.54
N ILE C 395 5.49 14.39 40.11
CA ILE C 395 5.18 15.57 39.32
C ILE C 395 6.32 16.56 39.54
N VAL C 396 6.93 16.99 38.44
CA VAL C 396 8.16 17.76 38.49
C VAL C 396 8.00 19.08 37.75
N GLU C 397 8.36 20.16 38.41
CA GLU C 397 8.26 21.49 37.81
C GLU C 397 9.53 21.81 37.04
N VAL C 398 9.39 22.06 35.75
CA VAL C 398 10.56 22.24 34.88
C VAL C 398 10.66 23.67 34.34
N GLN C 399 11.88 24.23 34.34
CA GLN C 399 12.11 25.57 33.79
C GLN C 399 12.21 25.48 32.27
N GLN C 400 11.42 26.26 31.57
CA GLN C 400 11.33 26.18 30.11
C GLN C 400 11.39 27.59 29.52
N PRO C 401 12.33 27.84 28.60
CA PRO C 401 12.47 29.16 27.95
C PRO C 401 11.21 29.59 27.20
N LYS C 402 10.82 30.86 27.37
CA LYS C 402 9.68 31.44 26.68
C LYS C 402 8.35 31.03 27.31
N ARG C 403 8.42 30.36 28.46
CA ARG C 403 7.21 29.88 29.12
C ARG C 403 7.30 30.11 30.62
N GLY C 404 8.49 29.89 31.18
CA GLY C 404 8.68 29.98 32.62
C GLY C 404 8.85 28.60 33.23
N THR C 405 7.74 28.01 33.67
CA THR C 405 7.75 26.64 34.17
C THR C 405 6.51 25.89 33.68
N PHE C 406 6.60 24.56 33.70
CA PHE C 406 5.47 23.70 33.41
C PHE C 406 5.66 22.42 34.23
N LEU C 407 4.62 21.60 34.34
CA LEU C 407 4.70 20.37 35.13
C LEU C 407 4.81 19.16 34.21
N THR C 408 5.64 18.19 34.58
CA THR C 408 5.67 16.95 33.84
C THR C 408 5.59 15.76 34.79
N ILE C 409 5.60 14.56 34.24
CA ILE C 409 5.40 13.34 35.03
C ILE C 409 6.60 12.41 34.89
N ASN C 410 7.16 11.97 36.02
CA ASN C 410 8.20 10.95 36.07
C ASN C 410 7.71 9.82 36.98
N PRO C 411 7.25 8.70 36.39
CA PRO C 411 6.49 7.67 37.12
C PRO C 411 7.31 6.58 37.81
N ILE C 412 8.52 6.32 37.34
CA ILE C 412 9.31 5.20 37.85
C ILE C 412 10.48 5.69 38.74
N LYS C 413 10.58 5.17 39.95
CA LYS C 413 11.62 5.62 40.89
C LYS C 413 12.74 4.60 41.02
N PHE C 414 13.99 5.08 41.08
CA PHE C 414 15.18 4.23 41.21
C PHE C 414 15.95 4.64 42.46
N SER C 415 16.41 3.67 43.25
CA SER C 415 17.15 4.03 44.45
C SER C 415 18.52 4.56 44.09
N GLY C 416 19.01 4.17 42.91
CA GLY C 416 20.37 4.51 42.50
C GLY C 416 20.61 5.90 41.95
N PHE C 417 19.55 6.58 41.53
CA PHE C 417 19.74 7.90 40.93
C PHE C 417 18.40 8.60 40.80
N THR C 418 18.45 9.90 40.58
CA THR C 418 17.24 10.65 40.30
C THR C 418 17.47 11.47 39.04
N PRO C 419 16.55 11.38 38.07
CA PRO C 419 16.74 12.15 36.83
C PRO C 419 16.84 13.65 37.13
N GLU C 420 17.64 14.36 36.36
CA GLU C 420 17.60 15.82 36.39
C GLU C 420 16.90 16.26 35.12
N ILE C 421 15.66 16.70 35.25
CA ILE C 421 14.79 16.93 34.11
C ILE C 421 14.99 18.35 33.62
N LYS C 422 15.26 18.49 32.32
CA LYS C 422 15.63 19.80 31.76
C LYS C 422 14.83 20.20 30.51
N ALA C 423 14.89 21.49 30.20
CA ALA C 423 14.12 22.08 29.11
C ALA C 423 14.01 21.25 27.83
N ALA C 424 12.81 21.23 27.24
CA ALA C 424 12.62 20.66 25.91
C ALA C 424 13.19 21.63 24.88
N PRO C 425 13.84 21.10 23.84
CA PRO C 425 14.65 21.91 22.93
C PRO C 425 13.84 22.68 21.90
N LEU C 426 14.32 23.87 21.52
CA LEU C 426 13.76 24.57 20.39
C LEU C 426 14.06 23.76 19.13
N LEU C 427 13.25 23.95 18.09
CA LEU C 427 13.40 23.21 16.84
C LEU C 427 14.75 23.54 16.23
N GLY C 428 15.56 22.52 15.93
CA GLY C 428 16.87 22.73 15.35
C GLY C 428 17.89 23.40 16.26
N GLN C 429 17.58 23.47 17.56
CA GLN C 429 18.47 24.10 18.55
C GLN C 429 19.87 23.48 18.55
N HIS C 430 19.95 22.18 18.28
CA HIS C 430 21.21 21.46 18.39
C HIS C 430 21.74 20.89 17.08
N THR C 431 21.14 21.28 15.96
CA THR C 431 21.50 20.75 14.64
C THR C 431 23.00 20.81 14.36
N ASP C 432 23.55 22.03 14.39
CA ASP C 432 24.96 22.23 14.08
C ASP C 432 25.88 21.59 15.12
N GLU C 433 25.45 21.67 16.38
CA GLU C 433 26.17 21.04 17.48
C GLU C 433 26.28 19.53 17.24
N VAL C 434 25.17 18.91 16.84
CA VAL C 434 25.17 17.48 16.63
C VAL C 434 25.93 17.11 15.36
N LEU C 435 25.77 17.91 14.31
CA LEU C 435 26.50 17.64 13.08
C LEU C 435 28.02 17.62 13.32
N ALA C 436 28.52 18.57 14.10
CA ALA C 436 29.94 18.58 14.42
C ALA C 436 30.33 17.29 15.15
N GLU C 437 29.49 16.86 16.10
CA GLU C 437 29.78 15.63 16.81
C GLU C 437 29.88 14.45 15.86
N LEU C 438 29.15 14.52 14.74
CA LEU C 438 29.17 13.43 13.76
C LEU C 438 30.35 13.49 12.81
N GLY C 439 31.15 14.55 12.92
CA GLY C 439 32.37 14.67 12.14
C GLY C 439 32.26 15.61 10.94
N TYR C 440 31.13 16.28 10.80
CA TYR C 440 31.00 17.25 9.73
C TYR C 440 31.82 18.48 10.06
N SER C 441 32.44 19.06 9.03
CA SER C 441 33.22 20.28 9.18
C SER C 441 32.31 21.50 9.15
N ALA C 442 32.84 22.64 9.58
CA ALA C 442 32.07 23.88 9.55
C ALA C 442 31.52 24.15 8.15
N GLU C 443 32.29 23.76 7.12
CA GLU C 443 31.90 24.03 5.75
C GLU C 443 30.70 23.18 5.32
N GLU C 444 30.74 21.91 5.71
CA GLU C 444 29.68 20.98 5.37
C GLU C 444 28.41 21.37 6.09
N ILE C 445 28.54 21.80 7.34
CA ILE C 445 27.42 22.28 8.14
C ILE C 445 26.77 23.51 7.51
N LYS C 446 27.59 24.44 7.03
CA LYS C 446 27.10 25.63 6.35
C LYS C 446 26.42 25.27 5.03
N SER C 447 26.98 24.30 4.32
CA SER C 447 26.36 23.87 3.06
C SER C 447 24.94 23.37 3.33
N LEU C 448 24.79 22.47 4.30
CA LEU C 448 23.47 21.92 4.62
C LEU C 448 22.50 23.04 4.96
N ARG C 449 22.93 23.98 5.79
CA ARG C 449 22.05 25.08 6.15
C ARG C 449 21.68 25.90 4.90
N ASP C 450 22.69 26.34 4.14
CA ASP C 450 22.45 27.17 2.96
C ASP C 450 21.55 26.51 1.93
N LYS C 451 21.62 25.18 1.82
CA LYS C 451 20.82 24.44 0.83
C LYS C 451 19.50 23.96 1.43
N LYS C 452 19.14 24.49 2.58
CA LYS C 452 17.85 24.20 3.19
C LYS C 452 17.66 22.70 3.48
N ILE C 453 18.74 22.01 3.83
CA ILE C 453 18.65 20.61 4.27
C ILE C 453 18.36 20.57 5.77
N THR C 454 18.83 21.58 6.48
CA THR C 454 18.72 21.64 7.93
C THR C 454 17.86 22.82 8.39
N CYS C 455 17.07 23.37 7.48
CA CYS C 455 16.19 24.48 7.84
C CYS C 455 15.18 24.76 6.73
N ALA C 456 14.14 25.53 7.05
CA ALA C 456 13.25 26.04 6.03
C ALA C 456 13.68 27.46 5.68
N ASN D 27 19.00 -20.01 18.63
CA ASN D 27 18.48 -18.66 18.84
C ASN D 27 18.51 -18.24 20.31
N SER D 28 19.14 -17.10 20.58
CA SER D 28 19.29 -16.62 21.94
C SER D 28 18.15 -15.68 22.35
N LYS D 29 17.64 -15.87 23.56
CA LYS D 29 16.67 -14.96 24.13
C LYS D 29 17.46 -13.91 24.90
N PRO D 30 16.97 -12.66 24.90
CA PRO D 30 17.75 -11.59 25.53
C PRO D 30 17.94 -11.75 27.04
N LEU D 31 17.01 -12.43 27.71
CA LEU D 31 17.06 -12.55 29.16
C LEU D 31 17.55 -13.94 29.60
N ASP D 32 18.07 -14.70 28.66
CA ASP D 32 18.61 -16.02 28.95
C ASP D 32 19.61 -15.98 30.11
N GLY D 33 19.43 -16.86 31.09
CA GLY D 33 20.34 -16.90 32.22
C GLY D 33 20.02 -15.95 33.36
N ILE D 34 19.09 -15.02 33.13
CA ILE D 34 18.65 -14.12 34.19
C ILE D 34 17.60 -14.80 35.05
N LYS D 35 17.78 -14.72 36.36
CA LYS D 35 16.93 -15.41 37.31
C LYS D 35 16.02 -14.43 38.05
N VAL D 36 14.74 -14.77 38.14
CA VAL D 36 13.70 -13.88 38.65
C VAL D 36 12.80 -14.57 39.66
N ILE D 37 12.50 -13.89 40.77
CA ILE D 37 11.48 -14.36 41.70
C ILE D 37 10.23 -13.52 41.54
N ASP D 38 9.17 -14.14 41.03
CA ASP D 38 7.84 -13.56 41.07
C ASP D 38 7.33 -13.79 42.48
N PHE D 39 7.40 -12.75 43.30
CA PHE D 39 6.87 -12.80 44.65
C PHE D 39 5.70 -11.84 44.81
N GLY D 40 4.72 -11.95 43.92
CA GLY D 40 3.58 -11.07 43.96
C GLY D 40 2.28 -11.81 43.76
N GLY D 41 1.20 -11.04 43.60
CA GLY D 41 -0.09 -11.61 43.35
C GLY D 41 -0.81 -10.82 42.29
N VAL D 42 -1.97 -11.32 41.88
CA VAL D 42 -2.86 -10.57 41.00
C VAL D 42 -2.22 -10.28 39.65
N GLN D 43 -2.03 -9.01 39.32
CA GLN D 43 -1.73 -8.67 37.94
C GLN D 43 -0.40 -7.94 37.67
N SER D 44 -0.10 -6.87 38.40
CA SER D 44 1.04 -6.04 38.05
C SER D 44 2.37 -6.81 38.05
N VAL D 45 2.72 -7.39 39.18
CA VAL D 45 3.99 -8.11 39.26
C VAL D 45 3.97 -9.38 38.40
N PRO D 46 2.88 -10.17 38.49
CA PRO D 46 2.93 -11.36 37.65
C PRO D 46 2.95 -11.09 36.14
N SER D 47 2.27 -10.04 35.65
CA SER D 47 2.35 -9.75 34.23
C SER D 47 3.79 -9.46 33.81
N ALA D 48 4.50 -8.70 34.63
CA ALA D 48 5.87 -8.32 34.31
C ALA D 48 6.80 -9.54 34.32
N ALA D 49 6.60 -10.42 35.30
CA ALA D 49 7.39 -11.64 35.41
C ALA D 49 7.15 -12.61 34.24
N GLN D 50 5.91 -12.66 33.76
CA GLN D 50 5.61 -13.50 32.61
C GLN D 50 6.35 -12.99 31.36
N LEU D 51 6.27 -11.70 31.10
CA LEU D 51 7.03 -11.13 29.97
C LEU D 51 8.53 -11.49 30.07
N LEU D 52 9.10 -11.33 31.27
CA LEU D 52 10.50 -11.65 31.50
C LEU D 52 10.80 -13.11 31.12
N ALA D 53 9.88 -14.01 31.46
CA ALA D 53 10.03 -15.45 31.17
C ALA D 53 9.99 -15.70 29.67
N TRP D 54 9.02 -15.08 28.99
CA TRP D 54 8.93 -15.19 27.55
C TRP D 54 10.18 -14.65 26.84
N TYR D 55 10.85 -13.68 27.47
CA TYR D 55 12.05 -13.12 26.87
C TYR D 55 13.31 -13.88 27.27
N GLY D 56 13.13 -15.01 27.92
CA GLY D 56 14.25 -15.91 28.19
C GLY D 56 14.58 -16.10 29.65
N ALA D 57 13.96 -15.35 30.55
CA ALA D 57 14.30 -15.47 31.96
C ALA D 57 13.88 -16.78 32.64
N ASP D 58 14.66 -17.17 33.64
CA ASP D 58 14.35 -18.29 34.53
C ASP D 58 13.50 -17.75 35.66
N VAL D 59 12.19 -17.93 35.57
CA VAL D 59 11.29 -17.35 36.56
C VAL D 59 10.69 -18.39 37.48
N ILE D 60 10.99 -18.28 38.76
CA ILE D 60 10.29 -19.09 39.75
C ILE D 60 9.32 -18.23 40.53
N LYS D 61 8.11 -18.76 40.73
CA LYS D 61 7.06 -18.05 41.41
C LYS D 61 6.88 -18.64 42.80
N ILE D 62 7.12 -17.82 43.83
CA ILE D 62 6.99 -18.27 45.20
C ILE D 62 5.61 -17.88 45.71
N GLU D 63 4.81 -18.90 46.04
CA GLU D 63 3.40 -18.74 46.32
C GLU D 63 3.03 -19.31 47.69
N ARG D 64 1.98 -18.78 48.30
CA ARG D 64 1.56 -19.27 49.62
C ARG D 64 1.01 -20.69 49.56
N VAL D 65 1.23 -21.44 50.63
CA VAL D 65 0.90 -22.86 50.66
C VAL D 65 -0.59 -23.06 50.52
N GLY D 66 -0.97 -24.15 49.87
CA GLY D 66 -2.36 -24.53 49.78
C GLY D 66 -3.16 -23.82 48.70
N VAL D 67 -3.07 -22.50 48.66
CA VAL D 67 -3.90 -21.73 47.72
C VAL D 67 -3.10 -21.02 46.62
N GLY D 68 -1.86 -20.66 46.92
CA GLY D 68 -1.03 -19.96 45.95
C GLY D 68 -1.55 -18.58 45.65
N ASP D 69 -1.09 -18.01 44.54
CA ASP D 69 -1.58 -16.72 44.03
C ASP D 69 -3.12 -16.70 44.01
N ILE D 70 -3.68 -15.58 44.45
CA ILE D 70 -5.12 -15.41 44.57
C ILE D 70 -5.82 -15.62 43.22
N THR D 71 -5.12 -15.33 42.14
CA THR D 71 -5.72 -15.46 40.81
C THR D 71 -6.07 -16.91 40.47
N ARG D 72 -5.36 -17.87 41.07
CA ARG D 72 -5.64 -19.28 40.81
C ARG D 72 -7.09 -19.64 41.14
N ASN D 73 -7.62 -19.02 42.17
CA ASN D 73 -8.91 -19.39 42.71
C ASN D 73 -10.03 -18.38 42.46
N GLN D 74 -9.72 -17.29 41.73
CA GLN D 74 -10.76 -16.31 41.44
C GLN D 74 -11.31 -16.41 40.02
N LEU D 75 -12.64 -16.44 39.91
CA LEU D 75 -13.32 -16.46 38.62
C LEU D 75 -13.06 -17.74 37.85
N ARG D 76 -12.94 -18.84 38.57
CA ARG D 76 -12.78 -20.13 37.95
C ARG D 76 -13.95 -20.40 37.02
N ASP D 77 -13.66 -20.86 35.81
CA ASP D 77 -14.72 -21.27 34.90
C ASP D 77 -14.77 -22.79 34.82
N ILE D 78 -13.66 -23.44 35.14
CA ILE D 78 -13.63 -24.88 35.36
C ILE D 78 -13.45 -25.11 36.85
N PRO D 79 -14.40 -25.81 37.47
CA PRO D 79 -14.42 -25.93 38.93
C PRO D 79 -13.10 -26.43 39.54
N ASP D 80 -12.48 -27.43 38.91
CA ASP D 80 -11.35 -28.11 39.53
C ASP D 80 -9.97 -27.68 39.01
N ALA D 81 -9.93 -26.61 38.22
CA ALA D 81 -8.69 -26.20 37.59
C ALA D 81 -8.39 -24.73 37.89
N ASP D 82 -7.10 -24.37 37.85
CA ASP D 82 -6.68 -22.98 38.00
C ASP D 82 -7.44 -22.06 37.05
N ALA D 83 -7.85 -20.90 37.55
CA ALA D 83 -8.59 -19.93 36.76
C ALA D 83 -7.77 -19.36 35.61
N LEU D 84 -8.47 -18.92 34.58
CA LEU D 84 -7.84 -18.25 33.45
C LEU D 84 -7.10 -17.00 33.92
N TYR D 85 -7.57 -16.41 35.01
CA TYR D 85 -6.92 -15.22 35.55
C TYR D 85 -5.47 -15.54 35.85
N PHE D 86 -5.25 -16.74 36.36
CA PHE D 86 -3.90 -17.18 36.70
C PHE D 86 -3.13 -17.64 35.48
N THR D 87 -3.77 -18.45 34.65
CA THR D 87 -3.05 -19.06 33.55
C THR D 87 -2.61 -18.04 32.51
N MET D 88 -3.33 -16.93 32.42
CA MET D 88 -3.02 -15.91 31.42
C MET D 88 -2.00 -14.88 31.92
N LEU D 89 -1.57 -15.03 33.18
CA LEU D 89 -0.58 -14.16 33.80
C LEU D 89 0.68 -14.93 34.26
N ASN D 90 0.70 -16.25 34.07
CA ASN D 90 1.77 -17.05 34.69
C ASN D 90 2.36 -18.19 33.85
N CYS D 91 2.24 -18.09 32.53
CA CYS D 91 2.91 -19.04 31.65
C CYS D 91 4.40 -19.01 31.84
N ASN D 92 5.06 -20.13 31.55
CA ASN D 92 6.52 -20.22 31.53
C ASN D 92 7.21 -19.97 32.87
N LYS D 93 6.46 -20.10 33.97
CA LYS D 93 7.06 -19.96 35.29
C LYS D 93 7.08 -21.31 36.00
N ARG D 94 7.91 -21.40 37.05
CA ARG D 94 7.95 -22.57 37.92
C ARG D 94 7.35 -22.19 39.27
N SER D 95 6.44 -23.02 39.78
CA SER D 95 5.76 -22.70 41.04
C SER D 95 6.39 -23.39 42.25
N VAL D 96 6.73 -22.58 43.25
CA VAL D 96 7.29 -23.07 44.50
C VAL D 96 6.35 -22.69 45.63
N GLU D 97 5.73 -23.69 46.26
CA GLU D 97 4.89 -23.48 47.44
C GLU D 97 5.82 -23.31 48.64
N LEU D 98 5.63 -22.23 49.37
CA LEU D 98 6.54 -21.92 50.45
C LEU D 98 5.91 -20.95 51.44
N ASN D 99 5.97 -21.27 52.72
CA ASN D 99 5.42 -20.39 53.75
C ASN D 99 6.51 -19.51 54.33
N THR D 100 6.59 -18.27 53.85
CA THR D 100 7.68 -17.37 54.23
C THR D 100 7.51 -16.72 55.61
N LYS D 101 6.41 -17.04 56.28
CA LYS D 101 6.17 -16.57 57.64
C LYS D 101 6.68 -17.56 58.67
N THR D 102 7.36 -18.61 58.21
CA THR D 102 7.98 -19.58 59.11
C THR D 102 9.50 -19.37 59.11
N PRO D 103 10.18 -19.75 60.19
CA PRO D 103 11.65 -19.62 60.18
C PRO D 103 12.30 -20.42 59.04
N GLU D 104 11.81 -21.63 58.79
CA GLU D 104 12.37 -22.46 57.73
C GLU D 104 12.12 -21.86 56.34
N GLY D 105 10.89 -21.43 56.09
CA GLY D 105 10.55 -20.83 54.82
C GLY D 105 11.35 -19.58 54.54
N LYS D 106 11.59 -18.79 55.58
CA LYS D 106 12.40 -17.58 55.47
C LYS D 106 13.82 -17.89 55.03
N ALA D 107 14.40 -18.96 55.59
CA ALA D 107 15.75 -19.38 55.22
C ALA D 107 15.78 -19.86 53.79
N VAL D 108 14.74 -20.58 53.39
CA VAL D 108 14.59 -20.99 52.01
C VAL D 108 14.48 -19.75 51.12
N PHE D 109 13.65 -18.80 51.53
CA PHE D 109 13.47 -17.57 50.77
C PHE D 109 14.79 -16.82 50.61
N GLU D 110 15.64 -16.86 51.64
CA GLU D 110 16.96 -16.24 51.52
C GLU D 110 17.86 -16.95 50.51
N LYS D 111 17.84 -18.28 50.46
CA LYS D 111 18.54 -18.96 49.40
C LYS D 111 18.05 -18.48 48.04
N CYS D 112 16.74 -18.30 47.90
CA CYS D 112 16.15 -17.85 46.64
C CYS D 112 16.61 -16.43 46.26
N ILE D 113 16.60 -15.53 47.25
CA ILE D 113 17.02 -14.14 47.02
C ILE D 113 18.47 -14.09 46.55
N LYS D 114 19.31 -14.95 47.15
CA LYS D 114 20.71 -15.06 46.75
C LYS D 114 20.85 -15.63 45.35
N TRP D 115 19.92 -16.50 44.97
CA TRP D 115 19.92 -17.10 43.64
C TRP D 115 19.46 -16.13 42.54
N ALA D 116 18.61 -15.18 42.89
CA ALA D 116 17.95 -14.32 41.91
C ALA D 116 18.78 -13.13 41.43
N ASP D 117 18.52 -12.70 40.21
CA ASP D 117 18.99 -11.39 39.76
C ASP D 117 17.93 -10.37 40.08
N ILE D 118 16.68 -10.81 40.01
CA ILE D 118 15.54 -9.94 40.16
C ILE D 118 14.54 -10.54 41.14
N LEU D 119 14.03 -9.70 42.04
CA LEU D 119 12.94 -10.01 42.95
C LEU D 119 11.80 -9.00 42.73
N LEU D 120 10.60 -9.49 42.38
CA LEU D 120 9.43 -8.60 42.19
C LEU D 120 8.33 -8.90 43.21
N GLU D 121 7.84 -7.88 43.90
CA GLU D 121 6.75 -8.06 44.87
C GLU D 121 5.74 -6.92 44.83
N ASN D 122 4.49 -7.25 45.11
CA ASN D 122 3.42 -6.26 45.16
C ASN D 122 2.45 -6.57 46.29
N PHE D 123 2.98 -7.06 47.41
CA PHE D 123 2.13 -7.35 48.55
C PHE D 123 1.80 -6.05 49.27
N ARG D 124 0.83 -6.08 50.18
CA ARG D 124 0.41 -4.86 50.85
C ARG D 124 1.58 -4.15 51.55
N PRO D 125 1.40 -2.86 51.84
CA PRO D 125 2.47 -2.05 52.46
C PRO D 125 2.88 -2.65 53.81
N GLY D 126 4.19 -2.67 54.06
CA GLY D 126 4.71 -3.19 55.31
C GLY D 126 4.94 -4.69 55.33
N ALA D 127 4.42 -5.41 54.33
CA ALA D 127 4.48 -6.86 54.34
C ALA D 127 5.91 -7.42 54.29
N MET D 128 6.72 -6.97 53.33
CA MET D 128 8.11 -7.38 53.26
C MET D 128 8.82 -7.06 54.56
N GLU D 129 8.63 -5.82 55.01
CA GLU D 129 9.17 -5.36 56.29
C GLU D 129 8.80 -6.30 57.42
N ARG D 130 7.52 -6.62 57.55
CA ARG D 130 7.06 -7.51 58.61
C ARG D 130 7.66 -8.90 58.47
N MET D 131 7.92 -9.31 57.24
CA MET D 131 8.48 -10.62 56.95
C MET D 131 9.98 -10.64 57.26
N GLY D 132 10.53 -9.47 57.54
CA GLY D 132 11.95 -9.34 57.84
C GLY D 132 12.82 -8.84 56.69
N PHE D 133 12.21 -8.43 55.57
CA PHE D 133 12.96 -8.06 54.37
C PHE D 133 12.82 -6.60 53.93
N THR D 134 13.58 -5.72 54.58
CA THR D 134 13.71 -4.33 54.13
C THR D 134 14.66 -4.30 52.94
N TRP D 135 14.64 -3.20 52.18
CA TRP D 135 15.55 -3.03 51.05
C TRP D 135 17.01 -3.16 51.51
N GLU D 136 17.29 -2.61 52.69
CA GLU D 136 18.66 -2.58 53.20
C GLU D 136 19.16 -3.99 53.52
N TYR D 137 18.26 -4.85 53.99
CA TYR D 137 18.60 -6.23 54.27
C TYR D 137 18.72 -7.06 52.98
N LEU D 138 17.86 -6.77 52.01
CA LEU D 138 17.94 -7.46 50.72
C LEU D 138 19.28 -7.19 50.05
N GLN D 139 19.73 -5.94 50.13
CA GLN D 139 21.03 -5.56 49.55
C GLN D 139 22.18 -6.32 50.20
N GLN D 140 22.08 -6.55 51.51
CA GLN D 140 23.10 -7.30 52.23
C GLN D 140 23.10 -8.73 51.74
N LEU D 141 21.90 -9.32 51.67
CA LEU D 141 21.74 -10.69 51.19
C LEU D 141 22.34 -10.87 49.81
N ASN D 142 22.14 -9.87 48.95
CA ASN D 142 22.51 -9.95 47.54
C ASN D 142 22.74 -8.55 46.92
N PRO D 143 24.00 -8.08 46.90
CA PRO D 143 24.27 -6.73 46.40
C PRO D 143 23.98 -6.57 44.91
N ARG D 144 23.77 -7.67 44.19
CA ARG D 144 23.45 -7.60 42.77
C ARG D 144 21.92 -7.59 42.53
N LEU D 145 21.14 -7.80 43.58
CA LEU D 145 19.69 -7.93 43.45
C LEU D 145 19.01 -6.69 42.90
N ILE D 146 18.29 -6.86 41.79
CA ILE D 146 17.39 -5.81 41.33
C ILE D 146 16.00 -6.06 41.93
N TYR D 147 15.57 -5.16 42.79
CA TYR D 147 14.34 -5.32 43.55
C TYR D 147 13.28 -4.38 43.03
N GLY D 148 12.21 -4.95 42.47
CA GLY D 148 11.13 -4.17 41.89
C GLY D 148 9.89 -4.26 42.75
N THR D 149 9.42 -3.11 43.24
CA THR D 149 8.32 -3.10 44.20
C THR D 149 7.17 -2.17 43.76
N VAL D 150 5.96 -2.70 43.77
CA VAL D 150 4.79 -1.88 43.48
C VAL D 150 3.82 -1.79 44.66
N LYS D 151 3.34 -0.57 44.90
CA LYS D 151 2.32 -0.32 45.90
C LYS D 151 1.23 0.54 45.27
N GLY D 152 0.11 0.69 45.97
CA GLY D 152 -0.97 1.52 45.49
C GLY D 152 -0.54 2.96 45.36
N PHE D 153 0.31 3.40 46.29
CA PHE D 153 0.69 4.80 46.38
C PHE D 153 2.15 4.93 46.77
N GLY D 154 2.76 6.07 46.51
CA GLY D 154 4.12 6.32 46.97
C GLY D 154 4.24 6.26 48.49
N GLU D 155 5.46 6.01 48.98
CA GLU D 155 5.70 5.91 50.41
C GLU D 155 5.12 7.10 51.20
N ASN D 156 5.35 8.31 50.70
CA ASN D 156 4.95 9.54 51.39
C ASN D 156 3.49 9.97 51.18
N SER D 157 2.71 9.14 50.48
CA SER D 157 1.34 9.50 50.16
C SER D 157 0.43 9.56 51.39
N PRO D 158 -0.60 10.41 51.35
CA PRO D 158 -1.60 10.38 52.44
C PRO D 158 -2.60 9.24 52.25
N TRP D 159 -2.46 8.49 51.17
CA TRP D 159 -3.37 7.38 50.86
C TRP D 159 -2.68 6.03 51.01
N ALA D 160 -1.49 6.05 51.61
CA ALA D 160 -0.70 4.81 51.74
C ALA D 160 -1.52 3.69 52.40
N GLY D 161 -2.40 4.06 53.32
CA GLY D 161 -3.21 3.09 54.03
C GLY D 161 -4.35 2.53 53.21
N VAL D 162 -4.61 3.16 52.05
CA VAL D 162 -5.73 2.74 51.22
C VAL D 162 -5.48 1.40 50.53
N SER D 163 -6.54 0.59 50.42
CA SER D 163 -6.44 -0.73 49.81
C SER D 163 -6.34 -0.59 48.29
N ALA D 164 -5.23 -1.07 47.74
CA ALA D 164 -4.89 -0.79 46.34
C ALA D 164 -5.42 -1.81 45.33
N TYR D 165 -6.64 -1.59 44.84
CA TYR D 165 -7.19 -2.37 43.73
C TYR D 165 -7.07 -1.58 42.42
N GLU D 166 -7.23 -2.29 41.30
CA GLU D 166 -7.33 -1.67 39.98
C GLU D 166 -8.13 -0.35 39.99
N ASN D 167 -9.40 -0.41 40.35
CA ASN D 167 -10.24 0.79 40.28
C ASN D 167 -9.86 1.93 41.23
N VAL D 168 -9.30 1.58 42.39
CA VAL D 168 -8.78 2.58 43.31
C VAL D 168 -7.67 3.37 42.62
N ALA D 169 -6.79 2.68 41.93
CA ALA D 169 -5.70 3.33 41.23
C ALA D 169 -6.21 4.25 40.11
N GLN D 170 -7.22 3.80 39.37
CA GLN D 170 -7.80 4.62 38.31
C GLN D 170 -8.46 5.88 38.88
N CYS D 171 -9.07 5.77 40.05
CA CYS D 171 -9.66 6.94 40.70
C CYS D 171 -8.60 7.90 41.25
N ALA D 172 -7.47 7.36 41.68
CA ALA D 172 -6.42 8.17 42.31
C ALA D 172 -5.49 8.78 41.29
N GLY D 173 -5.40 8.15 40.12
CA GLY D 173 -4.48 8.61 39.08
C GLY D 173 -5.02 9.65 38.12
N GLY D 174 -6.32 9.94 38.23
CA GLY D 174 -6.92 10.96 37.38
C GLY D 174 -7.76 10.42 36.24
N ALA D 175 -7.71 9.12 36.02
CA ALA D 175 -8.39 8.51 34.89
C ALA D 175 -9.91 8.50 35.00
N THR D 176 -10.43 8.07 36.15
CA THR D 176 -11.89 8.03 36.26
C THR D 176 -12.48 9.44 36.24
N SER D 177 -11.73 10.41 36.79
CA SER D 177 -12.19 11.80 36.81
C SER D 177 -12.42 12.35 35.40
N THR D 178 -11.60 11.90 34.46
CA THR D 178 -11.62 12.48 33.12
C THR D 178 -12.18 11.54 32.07
N THR D 179 -12.71 10.40 32.51
CA THR D 179 -13.31 9.40 31.63
C THR D 179 -14.83 9.32 31.81
N GLY D 180 -15.58 9.35 30.70
CA GLY D 180 -17.03 9.31 30.77
C GLY D 180 -17.65 10.54 30.14
N TYR D 181 -18.80 10.97 30.63
CA TYR D 181 -19.49 12.13 30.04
C TYR D 181 -19.48 13.33 30.98
N TRP D 182 -19.54 14.52 30.40
CA TRP D 182 -19.74 15.74 31.18
C TRP D 182 -21.23 15.83 31.52
N ASN D 183 -21.60 16.82 32.33
CA ASN D 183 -23.00 17.09 32.63
C ASN D 183 -23.49 18.36 31.96
N GLY D 184 -24.70 18.31 31.40
CA GLY D 184 -25.28 19.48 30.78
C GLY D 184 -24.81 19.71 29.35
N ALA D 185 -25.00 20.93 28.85
CA ALA D 185 -24.75 21.21 27.43
C ALA D 185 -23.27 21.05 27.06
N PRO D 186 -23.00 20.58 25.85
CA PRO D 186 -23.97 20.17 24.83
C PRO D 186 -24.57 18.81 25.14
N LEU D 187 -25.89 18.71 25.04
CA LEU D 187 -26.56 17.47 25.41
C LEU D 187 -26.36 16.45 24.30
N VAL D 188 -25.97 15.23 24.67
CA VAL D 188 -25.87 14.14 23.70
C VAL D 188 -26.64 12.90 24.16
N ASP D 189 -26.88 11.98 23.24
CA ASP D 189 -27.77 10.84 23.47
C ASP D 189 -27.24 9.87 24.53
N GLY D 190 -25.92 9.73 24.61
CA GLY D 190 -25.29 8.83 25.57
C GLY D 190 -25.17 9.34 27.00
N GLN D 191 -25.62 10.56 27.25
CA GLN D 191 -25.58 11.12 28.59
C GLN D 191 -26.62 10.47 29.52
N ALA D 192 -26.26 10.31 30.79
CA ALA D 192 -27.24 10.00 31.82
C ALA D 192 -28.08 11.27 32.02
N PRO D 193 -29.30 11.12 32.58
CA PRO D 193 -30.14 12.31 32.79
C PRO D 193 -29.54 13.27 33.81
N GLY D 194 -29.80 14.56 33.63
CA GLY D 194 -29.43 15.56 34.60
C GLY D 194 -27.94 15.55 34.91
N ASN D 195 -27.60 15.59 36.19
CA ASN D 195 -26.21 15.62 36.60
C ASN D 195 -25.68 14.25 37.02
N ASN D 196 -26.26 13.19 36.49
CA ASN D 196 -25.84 11.84 36.83
C ASN D 196 -24.69 11.28 36.01
N ASN D 197 -24.02 12.15 35.26
CA ASN D 197 -22.82 11.70 34.53
C ASN D 197 -21.59 11.81 35.43
N GLY D 198 -21.10 10.67 35.90
CA GLY D 198 -20.04 10.62 36.88
C GLY D 198 -18.77 9.97 36.37
N PRO D 199 -17.73 9.91 37.22
CA PRO D 199 -16.45 9.30 36.84
C PRO D 199 -16.66 7.87 36.35
N LEU D 200 -15.87 7.43 35.38
CA LEU D 200 -16.10 6.13 34.75
C LEU D 200 -14.81 5.32 34.69
N VAL D 201 -14.92 4.06 35.08
CA VAL D 201 -13.79 3.14 35.03
C VAL D 201 -13.49 2.74 33.59
N SER D 202 -12.21 2.57 33.32
CA SER D 202 -11.75 2.07 32.03
C SER D 202 -11.55 0.54 32.07
N ALA D 203 -11.96 -0.13 31.00
CA ALA D 203 -11.78 -1.58 30.89
C ALA D 203 -10.30 -1.97 30.90
N ALA D 204 -9.45 -1.11 30.36
CA ALA D 204 -8.03 -1.39 30.34
C ALA D 204 -7.49 -1.37 31.76
N ALA D 205 -6.55 -2.26 32.06
CA ALA D 205 -5.98 -2.34 33.40
C ALA D 205 -4.91 -1.25 33.60
N LEU D 206 -5.35 -0.03 33.82
CA LEU D 206 -4.44 1.11 34.05
C LEU D 206 -3.65 0.93 35.33
N GLY D 207 -4.31 0.39 36.35
CA GLY D 207 -3.68 0.24 37.65
C GLY D 207 -2.87 -1.03 37.79
N ASP D 208 -3.27 -2.07 37.05
CA ASP D 208 -2.66 -3.41 37.19
C ASP D 208 -1.53 -3.69 36.19
N SER D 209 -1.89 -4.17 35.00
CA SER D 209 -0.90 -4.52 33.99
C SER D 209 -0.05 -3.33 33.55
N ASN D 210 -0.66 -2.16 33.50
CA ASN D 210 0.08 -0.95 33.13
C ASN D 210 1.19 -0.61 34.14
N THR D 211 0.87 -0.77 35.42
CA THR D 211 1.89 -0.56 36.47
C THR D 211 3.01 -1.61 36.34
N GLY D 212 2.62 -2.84 36.03
CA GLY D 212 3.55 -3.91 35.74
C GLY D 212 4.50 -3.52 34.63
N ASN D 213 3.97 -2.85 33.60
CA ASN D 213 4.78 -2.38 32.48
C ASN D 213 5.78 -1.35 32.94
N HIS D 214 5.34 -0.40 33.76
CA HIS D 214 6.26 0.62 34.29
C HIS D 214 7.34 -0.04 35.13
N LEU D 215 6.97 -1.06 35.90
CA LEU D 215 7.92 -1.77 36.74
C LEU D 215 9.01 -2.43 35.89
N LEU D 216 8.60 -3.13 34.83
CA LEU D 216 9.52 -3.78 33.92
C LEU D 216 10.47 -2.79 33.22
N ILE D 217 9.95 -1.61 32.86
CA ILE D 217 10.83 -0.60 32.29
C ILE D 217 11.97 -0.29 33.24
N GLY D 218 11.61 -0.06 34.50
CA GLY D 218 12.60 0.27 35.51
C GLY D 218 13.58 -0.86 35.80
N VAL D 219 13.05 -2.08 35.92
CA VAL D 219 13.87 -3.26 36.18
C VAL D 219 14.90 -3.50 35.08
N LEU D 220 14.46 -3.37 33.83
CA LEU D 220 15.33 -3.64 32.69
C LEU D 220 16.40 -2.57 32.53
N ALA D 221 16.04 -1.31 32.74
CA ALA D 221 17.03 -0.24 32.76
C ALA D 221 18.08 -0.52 33.85
N ALA D 222 17.63 -1.00 35.00
CA ALA D 222 18.52 -1.31 36.13
C ALA D 222 19.39 -2.53 35.83
N LEU D 223 18.82 -3.50 35.13
CA LEU D 223 19.55 -4.69 34.73
C LEU D 223 20.69 -4.30 33.78
N PHE D 224 20.41 -3.37 32.89
CA PHE D 224 21.42 -2.94 31.95
C PHE D 224 22.54 -2.17 32.67
N GLY D 225 22.15 -1.20 33.49
CA GLY D 225 23.10 -0.44 34.28
C GLY D 225 24.00 -1.29 35.18
N ARG D 226 23.45 -2.38 35.69
CA ARG D 226 24.21 -3.29 36.56
C ARG D 226 25.43 -3.88 35.81
N GLU D 227 25.33 -3.94 34.50
CA GLU D 227 26.45 -4.42 33.68
C GLU D 227 27.66 -3.51 33.86
N ARG D 228 27.40 -2.21 33.97
CA ARG D 228 28.44 -1.21 34.12
C ARG D 228 28.92 -1.04 35.57
N THR D 229 28.01 -1.15 36.52
CA THR D 229 28.32 -0.85 37.91
C THR D 229 28.57 -2.09 38.78
N GLY D 230 28.01 -3.22 38.39
CA GLY D 230 28.02 -4.40 39.24
C GLY D 230 26.98 -4.40 40.35
N LYS D 231 26.24 -3.30 40.52
CA LYS D 231 25.26 -3.28 41.61
C LYS D 231 23.79 -3.31 41.21
N GLY D 232 22.98 -3.96 42.04
CA GLY D 232 21.54 -3.93 41.87
C GLY D 232 21.02 -2.60 42.34
N GLN D 233 19.70 -2.50 42.48
CA GLN D 233 19.06 -1.35 43.11
C GLN D 233 17.57 -1.59 43.21
N LYS D 234 16.83 -0.60 43.71
CA LYS D 234 15.41 -0.81 43.93
C LYS D 234 14.61 0.04 42.95
N ILE D 235 13.62 -0.58 42.30
CA ILE D 235 12.69 0.10 41.44
C ILE D 235 11.34 0.14 42.15
N SER D 236 10.81 1.35 42.32
CA SER D 236 9.52 1.53 43.00
C SER D 236 8.55 2.19 42.04
N VAL D 237 7.37 1.60 41.91
CA VAL D 237 6.33 2.21 41.09
C VAL D 237 5.02 2.18 41.86
N SER D 238 4.35 3.32 41.91
CA SER D 238 3.01 3.32 42.50
C SER D 238 1.97 3.22 41.39
N MET D 239 0.89 2.53 41.69
CA MET D 239 -0.18 2.34 40.72
C MET D 239 -0.79 3.70 40.40
N GLN D 240 -0.92 4.54 41.41
CA GLN D 240 -1.40 5.90 41.16
C GLN D 240 -0.55 6.56 40.08
N ASP D 241 0.77 6.51 40.24
CA ASP D 241 1.67 7.22 39.31
C ASP D 241 1.65 6.65 37.89
N ALA D 242 1.48 5.34 37.79
CA ALA D 242 1.44 4.67 36.50
C ALA D 242 0.18 5.07 35.74
N VAL D 243 -0.93 5.19 36.48
CA VAL D 243 -2.19 5.64 35.88
C VAL D 243 -2.04 7.08 35.41
N LEU D 244 -1.53 7.93 36.30
CA LEU D 244 -1.24 9.31 35.98
C LEU D 244 -0.37 9.44 34.72
N ASN D 245 0.57 8.53 34.55
CA ASN D 245 1.47 8.60 33.40
C ASN D 245 0.76 8.36 32.06
N LEU D 246 -0.21 7.45 32.03
CA LEU D 246 -1.02 7.26 30.82
C LEU D 246 -2.00 8.43 30.61
N CYS D 247 -2.14 9.27 31.62
CA CYS D 247 -3.03 10.42 31.55
C CYS D 247 -2.20 11.69 31.42
N ARG D 248 -0.98 11.55 30.94
CA ARG D 248 -0.09 12.70 30.72
C ARG D 248 -0.82 13.79 29.93
N VAL D 249 -1.62 13.40 28.95
CA VAL D 249 -2.35 14.40 28.13
C VAL D 249 -3.39 15.20 28.93
N LYS D 250 -3.96 14.59 29.97
CA LYS D 250 -4.91 15.29 30.83
C LYS D 250 -4.22 16.28 31.78
N LEU D 251 -2.99 15.97 32.20
CA LEU D 251 -2.23 16.94 32.99
C LEU D 251 -1.77 18.09 32.09
N ARG D 252 -1.53 17.79 30.81
CA ARG D 252 -1.28 18.85 29.84
C ARG D 252 -2.50 19.77 29.83
N ASP D 253 -3.68 19.15 29.77
CA ASP D 253 -4.93 19.88 29.59
C ASP D 253 -5.24 20.70 30.83
N GLN D 254 -4.96 20.14 32.00
CA GLN D 254 -5.15 20.87 33.24
C GLN D 254 -4.35 22.17 33.19
N GLN D 255 -3.12 22.11 32.67
CA GLN D 255 -2.27 23.30 32.64
C GLN D 255 -2.73 24.35 31.60
N ARG D 256 -3.14 23.90 30.41
CA ARG D 256 -3.75 24.78 29.42
C ARG D 256 -4.98 25.48 30.03
N LEU D 257 -5.82 24.67 30.67
CA LEU D 257 -7.06 25.16 31.25
C LEU D 257 -6.81 26.31 32.23
N GLU D 258 -5.83 26.13 33.11
CA GLU D 258 -5.45 27.14 34.09
C GLU D 258 -4.89 28.39 33.43
N ARG D 259 -4.20 28.23 32.29
CA ARG D 259 -3.63 29.37 31.61
C ARG D 259 -4.64 30.15 30.73
N VAL D 260 -5.50 29.41 30.02
CA VAL D 260 -6.30 29.91 28.91
C VAL D 260 -7.80 29.99 29.22
N GLY D 261 -8.26 29.19 30.18
CA GLY D 261 -9.63 29.28 30.64
C GLY D 261 -10.59 28.37 29.91
N TYR D 262 -10.09 27.70 28.87
CA TYR D 262 -10.93 26.76 28.15
C TYR D 262 -10.08 25.85 27.29
N LEU D 263 -10.69 24.77 26.80
CA LEU D 263 -9.98 23.79 25.99
C LEU D 263 -10.69 23.70 24.65
N GLU D 264 -10.08 24.28 23.61
CA GLU D 264 -10.69 24.42 22.28
C GLU D 264 -11.35 23.17 21.76
N GLU D 265 -10.71 22.02 22.00
CA GLU D 265 -11.03 20.80 21.28
C GLU D 265 -12.00 19.91 22.04
N TYR D 266 -12.30 20.30 23.28
CA TYR D 266 -13.24 19.58 24.11
C TYR D 266 -14.69 19.85 23.67
N PRO D 267 -15.59 18.92 23.98
CA PRO D 267 -17.01 19.03 23.59
C PRO D 267 -17.69 20.26 24.19
N GLN D 268 -17.22 20.69 25.35
CA GLN D 268 -17.82 21.84 26.03
C GLN D 268 -17.64 23.16 25.25
N TYR D 269 -16.64 23.19 24.37
CA TYR D 269 -16.45 24.36 23.51
C TYR D 269 -17.30 24.19 22.27
N PRO D 270 -18.20 25.16 22.01
CA PRO D 270 -18.35 26.43 22.72
C PRO D 270 -19.65 26.56 23.53
N ASN D 271 -20.50 25.53 23.53
CA ASN D 271 -21.82 25.64 24.13
C ASN D 271 -21.94 25.19 25.58
N GLY D 272 -20.85 24.67 26.14
CA GLY D 272 -20.83 24.26 27.54
C GLY D 272 -19.96 25.21 28.33
N LYS D 273 -19.55 24.78 29.52
CA LYS D 273 -18.74 25.64 30.40
C LYS D 273 -17.55 24.86 30.91
N PHE D 274 -16.46 25.58 31.15
CA PHE D 274 -15.30 24.97 31.79
C PHE D 274 -15.17 25.44 33.24
N GLY D 275 -14.79 24.51 34.11
CA GLY D 275 -14.51 24.83 35.49
C GLY D 275 -13.02 24.93 35.74
N ASP D 276 -12.60 24.55 36.94
CA ASP D 276 -11.21 24.69 37.33
C ASP D 276 -10.42 23.39 37.20
N THR D 277 -11.07 22.34 36.73
CA THR D 277 -10.42 21.05 36.51
C THR D 277 -10.85 20.41 35.18
N VAL D 278 -9.98 19.61 34.58
CA VAL D 278 -10.27 18.97 33.32
C VAL D 278 -11.57 18.18 33.41
N PRO D 279 -12.51 18.45 32.50
CA PRO D 279 -13.79 17.73 32.53
C PRO D 279 -13.79 16.48 31.65
N ARG D 280 -14.75 15.60 31.86
CA ARG D 280 -14.92 14.47 30.96
C ARG D 280 -15.33 14.97 29.57
N GLY D 281 -14.92 14.24 28.53
CA GLY D 281 -15.17 14.67 27.16
C GLY D 281 -15.74 13.60 26.23
N GLY D 282 -16.40 12.61 26.81
CA GLY D 282 -17.10 11.60 26.01
C GLY D 282 -16.17 10.88 25.07
N ASN D 283 -16.52 10.87 23.78
CA ASN D 283 -15.73 10.14 22.80
C ASN D 283 -14.94 11.06 21.88
N ALA D 284 -14.63 12.26 22.38
CA ALA D 284 -13.91 13.28 21.62
C ALA D 284 -12.60 12.76 21.05
N GLY D 285 -12.28 13.23 19.84
CA GLY D 285 -11.09 12.79 19.13
C GLY D 285 -9.81 13.49 19.54
N GLY D 286 -9.92 14.69 20.11
CA GLY D 286 -8.70 15.40 20.49
C GLY D 286 -8.12 16.30 19.41
N GLY D 287 -7.06 17.01 19.77
CA GLY D 287 -6.50 18.05 18.91
C GLY D 287 -6.19 17.58 17.51
N GLY D 288 -6.57 18.37 16.52
CA GLY D 288 -6.24 18.10 15.14
C GLY D 288 -7.03 16.98 14.48
N GLN D 289 -7.75 16.18 15.26
CA GLN D 289 -8.54 15.10 14.66
C GLN D 289 -9.88 14.88 15.37
N PRO D 290 -10.79 15.84 15.23
CA PRO D 290 -12.10 15.66 15.86
C PRO D 290 -12.77 14.39 15.35
N GLY D 291 -13.55 13.76 16.21
CA GLY D 291 -14.21 12.51 15.89
C GLY D 291 -15.10 12.04 17.02
N TRP D 292 -15.80 10.94 16.80
CA TRP D 292 -16.76 10.44 17.79
C TRP D 292 -17.14 9.00 17.47
N ILE D 293 -17.80 8.35 18.43
CA ILE D 293 -18.29 7.00 18.22
C ILE D 293 -19.75 7.08 17.84
N LEU D 294 -20.09 6.54 16.67
CA LEU D 294 -21.40 6.73 16.05
C LEU D 294 -22.18 5.42 15.93
N LYS D 295 -23.49 5.52 16.11
CA LYS D 295 -24.35 4.36 15.96
C LYS D 295 -24.35 3.88 14.54
N CYS D 296 -24.49 2.57 14.39
CA CYS D 296 -24.74 1.96 13.10
C CYS D 296 -26.02 1.15 13.23
N LYS D 297 -26.53 0.65 12.10
CA LYS D 297 -27.67 -0.24 12.10
C LYS D 297 -27.49 -1.34 13.15
N GLY D 298 -28.52 -1.55 13.94
CA GLY D 298 -28.50 -2.62 14.94
C GLY D 298 -28.15 -2.19 16.36
N TRP D 299 -27.86 -0.90 16.58
CA TRP D 299 -27.38 -0.46 17.89
C TRP D 299 -28.35 -0.78 19.03
N GLU D 300 -29.63 -0.91 18.73
CA GLU D 300 -30.65 -1.18 19.76
C GLU D 300 -30.52 -2.56 20.38
N THR D 301 -29.99 -3.49 19.59
CA THR D 301 -29.88 -4.88 20.02
C THR D 301 -28.43 -5.37 20.10
N ASP D 302 -27.54 -4.73 19.33
CA ASP D 302 -26.12 -5.07 19.37
C ASP D 302 -25.31 -3.94 20.03
N ASP D 303 -24.79 -4.21 21.23
CA ASP D 303 -23.97 -3.26 21.99
C ASP D 303 -22.69 -2.84 21.25
N ASN D 304 -22.36 -3.54 20.17
CA ASN D 304 -21.16 -3.19 19.43
C ASN D 304 -21.34 -2.79 17.97
N ALA D 305 -22.57 -2.47 17.58
CA ALA D 305 -22.83 -1.93 16.23
C ALA D 305 -22.44 -0.45 16.16
N TYR D 306 -21.15 -0.17 16.22
CA TYR D 306 -20.67 1.21 16.27
C TYR D 306 -19.38 1.32 15.48
N ILE D 307 -19.08 2.53 15.00
CA ILE D 307 -17.79 2.82 14.40
C ILE D 307 -17.21 4.05 15.08
N TYR D 308 -15.90 4.24 14.97
CA TYR D 308 -15.32 5.53 15.32
C TYR D 308 -15.13 6.27 14.00
N CYS D 309 -15.47 7.56 13.96
CA CYS D 309 -15.33 8.34 12.72
C CYS D 309 -14.67 9.67 12.99
N THR D 310 -13.74 10.03 12.13
CA THR D 310 -13.03 11.28 12.24
C THR D 310 -13.56 12.26 11.21
N VAL D 311 -13.82 13.49 11.64
CA VAL D 311 -14.12 14.59 10.72
C VAL D 311 -12.81 15.34 10.48
N GLN D 312 -12.08 14.97 9.43
CA GLN D 312 -10.71 15.47 9.32
C GLN D 312 -10.61 16.94 8.89
N GLU D 313 -9.51 17.58 9.25
CA GLU D 313 -9.34 19.02 9.06
C GLU D 313 -9.11 19.42 7.60
N GLN D 314 -8.93 18.43 6.72
CA GLN D 314 -8.81 18.69 5.29
C GLN D 314 -9.78 17.81 4.51
N ASP D 315 -9.80 17.97 3.19
CA ASP D 315 -10.61 17.13 2.30
C ASP D 315 -12.09 17.08 2.73
N TRP D 316 -12.67 18.26 2.91
CA TRP D 316 -14.05 18.37 3.39
C TRP D 316 -15.04 17.88 2.36
N GLY D 317 -14.71 18.11 1.08
CA GLY D 317 -15.55 17.70 -0.03
C GLY D 317 -15.91 16.22 0.01
N PRO D 318 -14.90 15.37 0.12
CA PRO D 318 -15.16 13.93 0.24
C PRO D 318 -15.97 13.58 1.48
N THR D 319 -15.66 14.19 2.62
CA THR D 319 -16.47 14.00 3.82
C THR D 319 -17.96 14.33 3.53
N CYS D 320 -18.19 15.48 2.91
CA CYS D 320 -19.53 15.92 2.54
C CYS D 320 -20.24 14.93 1.64
N GLU D 321 -19.50 14.42 0.65
CA GLU D 321 -20.10 13.50 -0.29
C GLU D 321 -20.46 12.17 0.39
N ALA D 322 -19.57 11.69 1.24
CA ALA D 322 -19.76 10.40 1.91
C ALA D 322 -21.00 10.43 2.78
N ILE D 323 -21.28 11.62 3.30
CA ILE D 323 -22.35 11.82 4.27
C ILE D 323 -23.66 12.28 3.64
N GLY D 324 -23.69 12.44 2.32
CA GLY D 324 -24.88 12.90 1.64
C GLY D 324 -25.26 14.32 2.02
N LYS D 325 -24.26 15.14 2.29
CA LYS D 325 -24.46 16.57 2.47
C LYS D 325 -23.57 17.36 1.51
N PRO D 326 -23.70 17.09 0.20
CA PRO D 326 -22.84 17.77 -0.79
C PRO D 326 -22.92 19.28 -0.70
N GLU D 327 -24.11 19.78 -0.35
CA GLU D 327 -24.35 21.22 -0.24
C GLU D 327 -23.51 21.89 0.85
N TRP D 328 -22.98 21.10 1.78
CA TRP D 328 -22.08 21.64 2.81
C TRP D 328 -20.69 21.95 2.29
N ALA D 329 -20.32 21.41 1.13
CA ALA D 329 -18.97 21.61 0.62
C ALA D 329 -18.65 23.09 0.35
N THR D 330 -19.66 23.85 -0.04
CA THR D 330 -19.51 25.24 -0.41
C THR D 330 -20.06 26.18 0.66
N ASP D 331 -20.45 25.62 1.79
CA ASP D 331 -21.09 26.40 2.85
C ASP D 331 -20.02 26.90 3.83
N PRO D 332 -19.89 28.22 3.98
CA PRO D 332 -18.82 28.79 4.80
C PRO D 332 -19.01 28.51 6.30
N LYS D 333 -20.17 27.99 6.64
CA LYS D 333 -20.43 27.49 7.99
C LYS D 333 -19.59 26.23 8.30
N TYR D 334 -19.32 25.42 7.27
CA TYR D 334 -18.63 24.13 7.45
C TYR D 334 -17.31 24.00 6.72
N ASN D 335 -17.10 24.80 5.68
CA ASN D 335 -16.09 24.43 4.71
C ASN D 335 -14.65 24.77 5.08
N THR D 336 -14.44 25.15 6.34
CA THR D 336 -13.10 25.25 6.86
C THR D 336 -13.01 24.54 8.19
N ALA D 337 -11.86 23.95 8.48
CA ALA D 337 -11.61 23.31 9.78
C ALA D 337 -11.99 24.22 10.94
N LYS D 338 -11.55 25.47 10.88
CA LYS D 338 -11.83 26.43 11.95
C LYS D 338 -13.32 26.65 12.17
N ALA D 339 -14.07 26.81 11.09
CA ALA D 339 -15.52 27.03 11.20
C ALA D 339 -16.26 25.80 11.71
N ARG D 340 -15.83 24.61 11.27
CA ARG D 340 -16.42 23.34 11.71
C ARG D 340 -16.25 23.11 13.20
N GLU D 341 -15.20 23.68 13.78
CA GLU D 341 -14.91 23.51 15.20
C GLU D 341 -16.14 23.72 16.08
N THR D 342 -17.05 24.59 15.64
CA THR D 342 -18.19 24.95 16.46
C THR D 342 -19.46 24.16 16.12
N HIS D 343 -19.43 23.35 15.06
CA HIS D 343 -20.62 22.60 14.65
C HIS D 343 -20.45 21.09 14.57
N MET D 344 -19.58 20.54 15.42
CA MET D 344 -19.23 19.12 15.30
C MET D 344 -20.41 18.20 15.56
N PHE D 345 -21.19 18.50 16.60
CA PHE D 345 -22.31 17.62 16.92
C PHE D 345 -23.36 17.61 15.82
N GLU D 346 -23.58 18.74 15.17
CA GLU D 346 -24.44 18.74 13.98
C GLU D 346 -23.87 17.79 12.93
N ILE D 347 -22.56 17.87 12.70
CA ILE D 347 -21.90 16.99 11.74
C ILE D 347 -21.97 15.50 12.11
N PHE D 348 -21.68 15.15 13.36
CA PHE D 348 -21.81 13.77 13.82
C PHE D 348 -23.23 13.22 13.59
N ALA D 349 -24.24 14.01 13.93
CA ALA D 349 -25.63 13.61 13.69
C ALA D 349 -25.87 13.27 12.23
N ALA D 350 -25.27 14.07 11.36
CA ALA D 350 -25.41 13.84 9.93
C ALA D 350 -24.71 12.55 9.49
N ILE D 351 -23.54 12.27 10.04
CA ILE D 351 -22.88 10.99 9.72
C ILE D 351 -23.73 9.81 10.18
N GLU D 352 -24.25 9.89 11.40
CA GLU D 352 -25.14 8.84 11.90
C GLU D 352 -26.37 8.62 11.00
N LYS D 353 -26.95 9.71 10.52
CA LYS D 353 -28.08 9.61 9.57
C LYS D 353 -27.65 8.76 8.39
N ALA D 354 -26.54 9.14 7.77
CA ALA D 354 -26.04 8.49 6.58
C ALA D 354 -25.71 7.00 6.73
N ILE D 355 -25.45 6.54 7.95
CA ILE D 355 -25.05 5.14 8.14
C ILE D 355 -26.08 4.35 8.97
N ALA D 356 -27.23 4.94 9.23
CA ALA D 356 -28.25 4.26 10.04
C ALA D 356 -28.69 2.95 9.40
N ASP D 357 -28.51 2.84 8.09
CA ASP D 357 -28.94 1.67 7.32
C ASP D 357 -27.84 0.62 7.13
N LYS D 358 -26.64 0.92 7.62
CA LYS D 358 -25.48 0.06 7.38
C LYS D 358 -24.93 -0.54 8.67
N THR D 359 -24.48 -1.79 8.60
CA THR D 359 -23.74 -2.41 9.71
C THR D 359 -22.42 -1.68 9.87
N LYS D 360 -21.68 -1.98 10.93
CA LYS D 360 -20.43 -1.25 11.13
C LYS D 360 -19.41 -1.53 10.01
N TYR D 361 -19.41 -2.74 9.47
CA TYR D 361 -18.50 -3.06 8.39
C TYR D 361 -18.90 -2.36 7.09
N GLU D 362 -20.20 -2.35 6.81
CA GLU D 362 -20.75 -1.64 5.67
C GLU D 362 -20.55 -0.14 5.79
N ALA D 363 -20.67 0.38 7.01
CA ALA D 363 -20.44 1.80 7.26
C ALA D 363 -18.98 2.17 7.01
N VAL D 364 -18.07 1.35 7.52
CA VAL D 364 -16.65 1.61 7.29
C VAL D 364 -16.31 1.53 5.78
N ALA D 365 -16.88 0.54 5.11
CA ALA D 365 -16.58 0.34 3.69
C ALA D 365 -17.09 1.53 2.88
N HIS D 366 -18.29 2.00 3.19
CA HIS D 366 -18.87 3.16 2.52
C HIS D 366 -18.04 4.41 2.73
N LEU D 367 -17.68 4.68 3.99
CA LEU D 367 -16.88 5.87 4.30
C LEU D 367 -15.44 5.79 3.73
N ALA D 368 -14.83 4.60 3.78
CA ALA D 368 -13.47 4.41 3.25
C ALA D 368 -13.37 4.61 1.75
N LYS D 369 -14.44 4.34 1.02
CA LYS D 369 -14.36 4.54 -0.43
C LYS D 369 -14.24 6.03 -0.79
N TYR D 370 -14.52 6.90 0.19
CA TYR D 370 -14.24 8.32 0.05
C TYR D 370 -12.97 8.73 0.83
N ARG D 371 -12.27 7.75 1.41
CA ARG D 371 -11.11 8.01 2.26
C ARG D 371 -11.40 8.83 3.52
N VAL D 372 -12.63 8.74 4.01
CA VAL D 372 -12.95 9.27 5.33
C VAL D 372 -12.41 8.28 6.37
N PRO D 373 -11.55 8.77 7.27
CA PRO D 373 -10.92 7.87 8.24
C PRO D 373 -11.91 7.38 9.28
N CYS D 374 -11.97 6.07 9.45
CA CYS D 374 -12.90 5.50 10.39
C CYS D 374 -12.51 4.07 10.72
N SER D 375 -13.15 3.51 11.74
CA SER D 375 -12.82 2.16 12.16
C SER D 375 -13.97 1.60 12.98
N PRO D 376 -14.17 0.27 12.90
CA PRO D 376 -15.25 -0.37 13.63
C PRO D 376 -14.88 -0.53 15.08
N VAL D 377 -15.88 -0.53 15.96
CA VAL D 377 -15.65 -0.94 17.34
C VAL D 377 -15.67 -2.46 17.32
N LEU D 378 -14.57 -3.06 17.76
CA LEU D 378 -14.40 -4.50 17.73
C LEU D 378 -14.70 -5.07 19.11
N SER D 379 -15.54 -6.09 19.17
CA SER D 379 -15.86 -6.75 20.43
C SER D 379 -14.75 -7.75 20.73
N MET D 380 -14.71 -8.22 21.97
CA MET D 380 -13.73 -9.22 22.41
C MET D 380 -13.91 -10.52 21.61
N LYS D 381 -15.16 -10.89 21.34
CA LYS D 381 -15.45 -12.06 20.53
C LYS D 381 -14.79 -11.96 19.15
N GLU D 382 -14.91 -10.79 18.52
CA GLU D 382 -14.32 -10.58 17.21
C GLU D 382 -12.80 -10.61 17.31
N ILE D 383 -12.27 -9.99 18.36
CA ILE D 383 -10.82 -9.99 18.61
C ILE D 383 -10.31 -11.41 18.88
N ALA D 384 -10.97 -12.13 19.78
CA ALA D 384 -10.53 -13.48 20.13
C ALA D 384 -10.46 -14.41 18.91
N GLU D 385 -11.34 -14.20 17.95
CA GLU D 385 -11.43 -15.08 16.77
C GLU D 385 -10.68 -14.59 15.52
N ALA D 386 -10.11 -13.39 15.58
CA ALA D 386 -9.43 -12.81 14.41
C ALA D 386 -8.24 -13.64 13.92
N PRO D 387 -8.30 -14.16 12.68
CA PRO D 387 -7.19 -14.92 12.11
C PRO D 387 -5.88 -14.14 12.05
N ASP D 388 -5.92 -12.84 11.79
CA ASP D 388 -4.67 -12.10 11.63
C ASP D 388 -3.88 -12.00 12.95
N LEU D 389 -4.58 -11.95 14.06
CA LEU D 389 -3.92 -11.86 15.36
C LEU D 389 -3.33 -13.18 15.82
N ARG D 390 -3.92 -14.29 15.35
CA ARG D 390 -3.33 -15.60 15.60
C ARG D 390 -2.07 -15.73 14.75
N GLU D 391 -2.20 -15.38 13.48
CA GLU D 391 -1.11 -15.44 12.51
C GLU D 391 0.12 -14.64 12.96
N SER D 392 -0.10 -13.48 13.58
CA SER D 392 1.00 -12.60 13.97
C SER D 392 1.63 -13.03 15.32
N GLY D 393 0.99 -14.00 15.97
CA GLY D 393 1.43 -14.44 17.29
C GLY D 393 1.04 -13.48 18.41
N THR D 394 0.16 -12.53 18.12
CA THR D 394 -0.36 -11.62 19.14
C THR D 394 -1.32 -12.34 20.07
N ILE D 395 -2.23 -13.13 19.50
CA ILE D 395 -3.02 -14.04 20.33
C ILE D 395 -2.55 -15.46 20.05
N VAL D 396 -2.16 -16.15 21.12
CA VAL D 396 -1.54 -17.48 21.05
C VAL D 396 -2.36 -18.51 21.81
N GLU D 397 -2.58 -19.67 21.19
CA GLU D 397 -3.27 -20.76 21.84
C GLU D 397 -2.28 -21.61 22.60
N VAL D 398 -2.51 -21.77 23.89
CA VAL D 398 -1.58 -22.48 24.75
C VAL D 398 -2.21 -23.74 25.30
N GLN D 399 -1.49 -24.85 25.24
CA GLN D 399 -1.94 -26.10 25.84
C GLN D 399 -1.77 -26.06 27.35
N GLN D 400 -2.83 -26.33 28.09
CA GLN D 400 -2.79 -26.26 29.55
C GLN D 400 -3.43 -27.51 30.15
N PRO D 401 -2.69 -28.20 31.04
CA PRO D 401 -3.24 -29.41 31.67
C PRO D 401 -4.49 -29.13 32.52
N LYS D 402 -5.44 -30.06 32.48
CA LYS D 402 -6.72 -29.95 33.19
C LYS D 402 -7.69 -29.00 32.49
N ARG D 403 -7.27 -28.44 31.36
CA ARG D 403 -8.09 -27.45 30.66
C ARG D 403 -8.17 -27.70 29.16
N GLY D 404 -7.05 -28.07 28.56
CA GLY D 404 -6.97 -28.20 27.13
C GLY D 404 -6.22 -26.98 26.59
N THR D 405 -6.92 -26.12 25.86
CA THR D 405 -6.30 -24.91 25.33
C THR D 405 -6.92 -23.64 25.90
N PHE D 406 -6.11 -22.60 26.01
CA PHE D 406 -6.65 -21.26 26.26
C PHE D 406 -5.87 -20.26 25.41
N LEU D 407 -6.32 -19.01 25.43
CA LEU D 407 -5.73 -17.96 24.62
C LEU D 407 -5.02 -16.97 25.52
N THR D 408 -3.84 -16.54 25.09
CA THR D 408 -3.15 -15.49 25.82
C THR D 408 -2.66 -14.44 24.83
N ILE D 409 -2.14 -13.34 25.35
CA ILE D 409 -1.71 -12.23 24.51
C ILE D 409 -0.20 -12.02 24.63
N ASN D 410 0.49 -11.90 23.49
CA ASN D 410 1.91 -11.55 23.47
C ASN D 410 2.09 -10.30 22.59
N PRO D 411 2.26 -9.13 23.24
CA PRO D 411 2.15 -7.80 22.62
C PRO D 411 3.37 -7.28 21.87
N ILE D 412 4.57 -7.60 22.34
CA ILE D 412 5.79 -7.03 21.76
C ILE D 412 6.52 -8.02 20.85
N LYS D 413 6.78 -7.61 19.60
CA LYS D 413 7.43 -8.48 18.63
C LYS D 413 8.91 -8.19 18.53
N PHE D 414 9.71 -9.27 18.41
CA PHE D 414 11.17 -9.19 18.31
C PHE D 414 11.65 -9.87 17.02
N SER D 415 12.55 -9.24 16.27
CA SER D 415 13.10 -9.88 15.07
C SER D 415 13.98 -11.08 15.40
N GLY D 416 14.60 -11.07 16.58
CA GLY D 416 15.63 -12.04 16.91
C GLY D 416 15.17 -13.40 17.40
N PHE D 417 13.93 -13.49 17.87
CA PHE D 417 13.42 -14.73 18.45
C PHE D 417 11.91 -14.62 18.57
N THR D 418 11.24 -15.75 18.73
CA THR D 418 9.84 -15.75 19.14
C THR D 418 9.68 -16.56 20.43
N PRO D 419 8.97 -15.99 21.42
CA PRO D 419 8.73 -16.73 22.68
C PRO D 419 8.05 -18.06 22.42
N GLU D 420 8.50 -19.10 23.13
CA GLU D 420 7.75 -20.35 23.10
C GLU D 420 6.91 -20.40 24.36
N ILE D 421 5.62 -20.14 24.21
CA ILE D 421 4.76 -19.98 25.38
C ILE D 421 4.33 -21.37 25.86
N LYS D 422 4.47 -21.59 27.16
CA LYS D 422 4.25 -22.90 27.75
C LYS D 422 3.29 -22.78 28.93
N ALA D 423 2.65 -23.88 29.28
CA ALA D 423 1.62 -23.90 30.34
C ALA D 423 2.02 -23.17 31.62
N ALA D 424 1.02 -22.61 32.30
CA ALA D 424 1.22 -22.07 33.64
C ALA D 424 1.32 -23.24 34.62
N PRO D 425 2.20 -23.11 35.61
CA PRO D 425 2.48 -24.22 36.55
C PRO D 425 1.31 -24.51 37.49
N LEU D 426 1.09 -25.78 37.76
CA LEU D 426 0.20 -26.17 38.85
C LEU D 426 0.87 -25.76 40.16
N LEU D 427 0.07 -25.53 41.20
CA LEU D 427 0.60 -25.01 42.45
C LEU D 427 1.63 -25.96 43.07
N GLY D 428 2.84 -25.47 43.28
CA GLY D 428 3.91 -26.27 43.87
C GLY D 428 4.44 -27.37 42.97
N GLN D 429 4.07 -27.29 41.69
CA GLN D 429 4.56 -28.27 40.72
C GLN D 429 6.10 -28.37 40.66
N HIS D 430 6.79 -27.31 41.08
CA HIS D 430 8.25 -27.28 40.95
C HIS D 430 8.99 -27.13 42.29
N THR D 431 8.24 -27.15 43.38
CA THR D 431 8.83 -26.92 44.69
C THR D 431 10.08 -27.77 44.95
N ASP D 432 9.97 -29.08 44.76
CA ASP D 432 11.08 -29.99 45.05
C ASP D 432 12.18 -29.86 43.99
N GLU D 433 11.78 -29.72 42.74
CA GLU D 433 12.71 -29.47 41.66
C GLU D 433 13.58 -28.24 41.99
N VAL D 434 12.95 -27.19 42.48
CA VAL D 434 13.66 -25.96 42.79
C VAL D 434 14.50 -26.08 44.06
N LEU D 435 13.96 -26.74 45.08
CA LEU D 435 14.73 -26.98 46.31
C LEU D 435 16.05 -27.70 46.02
N ALA D 436 16.01 -28.75 45.20
CA ALA D 436 17.22 -29.46 44.83
C ALA D 436 18.16 -28.57 44.02
N GLU D 437 17.59 -27.69 43.22
CA GLU D 437 18.40 -26.77 42.43
C GLU D 437 19.18 -25.85 43.36
N LEU D 438 18.56 -25.50 44.50
CA LEU D 438 19.16 -24.56 45.45
C LEU D 438 20.24 -25.18 46.34
N GLY D 439 20.24 -26.51 46.48
CA GLY D 439 21.28 -27.19 47.23
C GLY D 439 20.76 -28.06 48.36
N TYR D 440 19.45 -28.11 48.53
CA TYR D 440 18.86 -28.98 49.53
C TYR D 440 18.94 -30.44 49.08
N SER D 441 19.15 -31.33 50.04
CA SER D 441 19.22 -32.76 49.73
C SER D 441 17.82 -33.35 49.70
N ALA D 442 17.71 -34.61 49.29
CA ALA D 442 16.41 -35.27 49.28
C ALA D 442 15.90 -35.33 50.71
N GLU D 443 16.82 -35.39 51.65
CA GLU D 443 16.46 -35.49 53.06
C GLU D 443 15.87 -34.17 53.58
N GLU D 444 16.52 -33.06 53.24
CA GLU D 444 16.03 -31.73 53.61
C GLU D 444 14.67 -31.41 52.98
N ILE D 445 14.55 -31.71 51.69
CA ILE D 445 13.30 -31.47 50.97
C ILE D 445 12.13 -32.19 51.63
N LYS D 446 12.30 -33.48 51.93
CA LYS D 446 11.24 -34.24 52.58
C LYS D 446 10.87 -33.62 53.92
N SER D 447 11.90 -33.13 54.62
CA SER D 447 11.72 -32.50 55.92
C SER D 447 10.82 -31.26 55.86
N LEU D 448 11.10 -30.36 54.92
CA LEU D 448 10.32 -29.14 54.79
C LEU D 448 8.86 -29.47 54.52
N ARG D 449 8.63 -30.48 53.68
CA ARG D 449 7.27 -30.93 53.39
C ARG D 449 6.62 -31.48 54.64
N ASP D 450 7.32 -32.40 55.31
CA ASP D 450 6.76 -33.03 56.51
C ASP D 450 6.37 -31.98 57.54
N LYS D 451 7.15 -30.90 57.60
CA LYS D 451 6.86 -29.80 58.54
C LYS D 451 5.85 -28.81 57.97
N LYS D 452 5.35 -29.08 56.77
CA LYS D 452 4.38 -28.20 56.12
C LYS D 452 4.91 -26.78 55.91
N ILE D 453 6.17 -26.70 55.50
CA ILE D 453 6.77 -25.43 55.12
C ILE D 453 6.54 -25.23 53.63
N THR D 454 6.39 -26.34 52.91
CA THR D 454 6.18 -26.30 51.47
C THR D 454 4.86 -26.90 51.04
N CYS D 455 3.92 -27.00 51.96
CA CYS D 455 2.57 -27.45 51.63
C CYS D 455 1.63 -27.13 52.76
N ALA D 456 0.34 -27.44 52.57
CA ALA D 456 -0.66 -27.12 53.57
C ALA D 456 -1.10 -28.36 54.35
N1A COA E . 1.37 18.83 -7.57
C2A COA E . 1.79 18.15 -6.50
N3A COA E . 1.91 16.82 -6.52
C4A COA E . 1.62 16.10 -7.63
C5A COA E . 1.18 16.77 -8.78
C6A COA E . 1.06 18.17 -8.71
N6A COA E . 0.59 18.90 -9.87
N7A COA E . 0.96 15.84 -9.73
C8A COA E . 1.25 14.63 -9.22
N9A COA E . 1.63 14.79 -7.95
C1B COA E . 2.03 13.80 -6.99
C2B COA E . 1.32 12.50 -7.11
O2B COA E . 0.04 12.60 -6.54
C3B COA E . 2.15 11.63 -6.35
O3B COA E . 1.77 11.73 -4.98
P3B COA E . 2.06 10.62 -3.85
O7A COA E . 0.92 10.65 -2.87
O8A COA E . 3.36 10.95 -3.14
O9A COA E . 2.10 9.22 -4.46
C4B COA E . 3.51 12.20 -6.49
O4B COA E . 3.36 13.44 -7.14
C5B COA E . 4.44 11.36 -7.29
O5B COA E . 3.85 10.66 -8.39
P1A COA E . 4.68 9.88 -9.52
O1A COA E . 5.31 10.86 -10.51
O2A COA E . 3.70 8.99 -10.27
O3A COA E . 5.74 9.02 -8.73
P2A COA E . 7.08 8.42 -9.31
O4A COA E . 7.83 7.86 -8.13
O5A COA E . 7.89 9.49 -9.99
O6A COA E . 6.81 7.22 -10.28
CBP COA E . 6.00 6.34 -12.47
CCP COA E . 6.71 7.44 -11.64
CDP COA E . 6.69 4.97 -12.27
CEP COA E . 6.02 6.70 -13.94
CAP COA E . 4.56 6.27 -11.94
OAP COA E . 3.95 7.52 -12.14
C9P COA E . 3.68 5.15 -12.48
O9P COA E . 3.79 3.99 -12.04
N8P COA E . 2.49 5.49 -13.24
C7P COA E . 1.61 4.39 -13.63
C6P COA E . 1.90 3.68 -14.96
C5P COA E . 2.66 4.52 -15.99
O5P COA E . 2.11 5.03 -16.94
N4P COA E . 4.10 4.59 -15.93
C3P COA E . 4.82 5.38 -16.95
C2P COA E . 6.18 4.86 -17.36
S1P COA E . 6.18 3.47 -18.49
N1A COA F . -15.38 -12.14 -52.14
C2A COA F . -14.61 -12.14 -53.23
N3A COA F . -13.41 -11.55 -53.24
C4A COA F . -12.95 -10.92 -52.15
C5A COA F . -13.73 -10.90 -50.99
C6A COA F . -14.98 -11.53 -51.00
N6A COA F . -15.85 -11.53 -49.84
N7A COA F . -13.03 -10.21 -50.06
C8A COA F . -11.87 -9.80 -50.61
N9A COA F . -11.82 -10.24 -51.86
C1B COA F . -10.78 -10.04 -52.83
C2B COA F . -10.13 -8.70 -52.74
O2B COA F . -10.96 -7.72 -53.26
C3B COA F . -8.95 -8.90 -53.54
O3B COA F . -9.27 -8.68 -54.91
P3B COA F . -8.19 -8.18 -56.01
O7A COA F . -8.88 -7.20 -56.92
O8A COA F . -7.73 -9.37 -56.82
O9A COA F . -7.01 -7.51 -55.33
C4B COA F . -8.63 -10.32 -53.36
O4B COA F . -9.71 -10.91 -52.68
C5B COA F . -7.40 -10.52 -52.55
O5B COA F . -7.19 -9.63 -51.46
P1A COA F . -6.11 -9.96 -50.33
O1A COA F . -6.61 -11.07 -49.41
O2A COA F . -5.86 -8.69 -49.52
O3A COA F . -4.78 -10.36 -51.08
P2A COA F . -3.67 -11.29 -50.49
O4A COA F . -2.81 -11.77 -51.65
O5A COA F . -4.31 -12.47 -49.82
O6A COA F . -2.73 -10.53 -49.48
CBP COA F . -2.42 -9.07 -47.46
CCP COA F . -3.10 -10.29 -48.18
CDP COA F . -0.95 -8.89 -47.90
CEP COA F . -2.47 -9.27 -45.96
CAP COA F . -3.22 -7.83 -47.84
OAP COA F . -4.52 -8.00 -47.34
C9P COA F . -2.66 -6.48 -47.39
O9P COA F . -1.57 -6.05 -47.82
N8P COA F . -3.42 -5.69 -46.42
C7P COA F . -3.00 -4.34 -46.07
C6P COA F . -2.56 -4.12 -44.64
C5P COA F . -3.06 -5.21 -43.69
O5P COA F . -3.95 -4.96 -42.91
N4P COA F . -2.40 -6.49 -43.64
C3P COA F . -2.92 -7.53 -42.72
C2P COA F . -1.88 -8.45 -42.08
S1P COA F . -0.38 -7.72 -41.43
N1A COA G . 11.95 15.18 6.77
C2A COA G . 11.15 14.91 5.73
N3A COA G . 10.15 14.03 5.85
C4A COA G . 9.91 13.39 7.01
C5A COA G . 10.72 13.63 8.10
C6A COA G . 11.77 14.55 7.95
N6A COA G . 12.63 14.82 9.07
N7A COA G . 10.28 12.86 9.13
C8A COA G . 9.21 12.16 8.69
N9A COA G . 9.01 12.47 7.41
C1B COA G . 7.99 12.01 6.52
C2B COA G . 7.65 10.56 6.66
O2B COA G . 8.65 9.75 6.12
C3B COA G . 6.44 10.51 5.90
O3B COA G . 6.77 10.27 4.54
P3B COA G . 5.78 9.62 3.43
O7A COA G . 6.61 8.83 2.45
O8A COA G . 5.01 10.70 2.71
O9A COA G . 4.81 8.69 4.11
C4B COA G . 5.86 11.87 6.01
O4B COA G . 6.78 12.63 6.76
C5B COA G . 4.59 11.85 6.76
O5B COA G . 4.64 11.02 7.93
P1A COA G . 3.55 11.14 9.08
O1A COA G . 3.79 12.36 9.97
O2A COA G . 3.55 9.88 9.92
O3A COA G . 2.21 11.23 8.25
P2A COA G . 0.82 11.61 8.84
O4A COA G . -0.14 11.62 7.66
O5A COA G . 0.88 12.94 9.53
O6A COA G . 0.32 10.53 9.85
CBP COA G . 0.02 9.41 11.96
CCP COA G . 0.49 10.69 11.20
CDP COA G . -1.42 9.06 11.52
CEP COA G . 0.04 9.61 13.46
CAP COA G . 0.99 8.33 11.51
OAP COA G . 2.30 8.84 11.62
C9P COA G . 0.91 6.98 12.20
O9P COA G . 0.08 6.14 11.81
N8P COA G . 1.98 6.61 13.10
C7P COA G . 2.04 5.25 13.61
C6P COA G . 1.15 4.93 14.80
C5P COA G . 1.26 5.99 15.89
O5P COA G . 2.20 6.00 16.65
N4P COA G . 0.29 7.07 15.93
C3P COA G . 0.50 8.23 16.82
C2P COA G . -0.77 8.90 17.30
S1P COA G . -1.93 7.77 18.08
N1A COA H . 3.77 -17.35 52.71
C2A COA H . 3.22 -16.74 53.76
N3A COA H . 2.81 -15.47 53.72
C4A COA H . 2.93 -14.76 52.58
C5A COA H . 3.50 -15.35 51.46
C6A COA H . 3.93 -16.68 51.56
N6A COA H . 4.49 -17.38 50.42
N7A COA H . 3.49 -14.43 50.50
C8A COA H . 2.94 -13.29 50.97
N9A COA H . 2.60 -13.50 52.25
C1B COA H . 1.97 -12.60 53.14
C2B COA H . 2.36 -11.17 52.98
O2B COA H . 3.62 -10.94 53.49
C3B COA H . 1.36 -10.52 53.76
O3B COA H . 1.78 -10.50 55.13
P3B COA H . 1.24 -9.43 56.23
O7A COA H . 2.36 -9.04 57.15
O8A COA H . 0.16 -10.07 57.07
O9A COA H . 0.69 -8.19 55.55
C4B COA H . 0.18 -11.40 53.64
O4B COA H . 0.59 -12.56 52.95
C5B COA H . -0.88 -10.74 52.85
O5B COA H . -0.49 -9.89 51.76
P1A COA H . -1.58 -9.43 50.68
O1A COA H . -1.92 -10.59 49.75
O2A COA H . -0.93 -8.34 49.84
O3A COA H . -2.86 -8.85 51.45
P2A COA H . -4.33 -8.77 50.84
O4A COA H . -5.27 -8.41 51.98
O5A COA H . -4.75 -10.09 50.25
O6A COA H . -4.46 -7.64 49.74
CBP COA H . -3.73 -6.45 47.67
CCP COA H . -3.93 -7.77 48.49
CDP COA H . -4.87 -5.44 47.94
CEP COA H . -3.67 -6.77 46.18
CAP COA H . -2.39 -5.87 48.13
OAP COA H . -1.44 -6.88 47.96
C9P COA H . -1.89 -4.57 47.46
O9P COA H . -2.31 -3.47 47.84
N8P COA H . -0.67 -4.63 46.68
C7P COA H . -0.04 -3.39 46.25
C6P COA H . -0.48 -2.83 44.90
C5P COA H . -0.73 -3.91 43.85
O5P COA H . 0.00 -4.04 42.90
N4P COA H . -1.94 -4.70 43.92
C3P COA H . -2.08 -5.88 43.05
C2P COA H . -2.86 -5.64 41.77
S1P COA H . -4.11 -4.35 41.90
#